data_7PCY
# 
_entry.id   7PCY 
# 
_audit_conform.dict_name       mmcif_pdbx.dic 
_audit_conform.dict_version    5.387 
_audit_conform.dict_location   http://mmcif.pdb.org/dictionaries/ascii/mmcif_pdbx.dic 
# 
loop_
_database_2.database_id 
_database_2.database_code 
_database_2.pdbx_database_accession 
_database_2.pdbx_DOI 
PDB   7PCY         pdb_00007pcy 10.2210/pdb7pcy/pdb 
WWPDB D_1000179933 ?            ?                   
# 
loop_
_pdbx_audit_revision_history.ordinal 
_pdbx_audit_revision_history.data_content_type 
_pdbx_audit_revision_history.major_revision 
_pdbx_audit_revision_history.minor_revision 
_pdbx_audit_revision_history.revision_date 
1 'Structure model' 1 0 1990-07-15 
2 'Structure model' 1 1 2008-03-25 
3 'Structure model' 1 2 2011-07-13 
4 'Structure model' 1 3 2017-11-29 
5 'Structure model' 1 4 2024-03-06 
# 
_pdbx_audit_revision_details.ordinal             1 
_pdbx_audit_revision_details.revision_ordinal    1 
_pdbx_audit_revision_details.data_content_type   'Structure model' 
_pdbx_audit_revision_details.provider            repository 
_pdbx_audit_revision_details.type                'Initial release' 
_pdbx_audit_revision_details.description         ? 
_pdbx_audit_revision_details.details             ? 
# 
loop_
_pdbx_audit_revision_group.ordinal 
_pdbx_audit_revision_group.revision_ordinal 
_pdbx_audit_revision_group.data_content_type 
_pdbx_audit_revision_group.group 
1 2 'Structure model' 'Version format compliance' 
2 3 'Structure model' 'Version format compliance' 
3 4 'Structure model' 'Derived calculations'      
4 4 'Structure model' Other                       
5 5 'Structure model' 'Data collection'           
6 5 'Structure model' 'Database references'       
7 5 'Structure model' 'Derived calculations'      
# 
loop_
_pdbx_audit_revision_category.ordinal 
_pdbx_audit_revision_category.revision_ordinal 
_pdbx_audit_revision_category.data_content_type 
_pdbx_audit_revision_category.category 
1 4 'Structure model' pdbx_database_status   
2 4 'Structure model' struct_conf            
3 4 'Structure model' struct_conf_type       
4 5 'Structure model' chem_comp_atom         
5 5 'Structure model' chem_comp_bond         
6 5 'Structure model' database_2             
7 5 'Structure model' pdbx_struct_conn_angle 
8 5 'Structure model' struct_conn            
9 5 'Structure model' struct_site            
# 
loop_
_pdbx_audit_revision_item.ordinal 
_pdbx_audit_revision_item.revision_ordinal 
_pdbx_audit_revision_item.data_content_type 
_pdbx_audit_revision_item.item 
1  4 'Structure model' '_pdbx_database_status.process_site'          
2  5 'Structure model' '_database_2.pdbx_DOI'                        
3  5 'Structure model' '_database_2.pdbx_database_accession'         
4  5 'Structure model' '_pdbx_struct_conn_angle.ptnr1_auth_comp_id'  
5  5 'Structure model' '_pdbx_struct_conn_angle.ptnr1_auth_seq_id'   
6  5 'Structure model' '_pdbx_struct_conn_angle.ptnr1_label_atom_id' 
7  5 'Structure model' '_pdbx_struct_conn_angle.ptnr1_label_comp_id' 
8  5 'Structure model' '_pdbx_struct_conn_angle.ptnr1_label_seq_id'  
9  5 'Structure model' '_pdbx_struct_conn_angle.ptnr3_auth_comp_id'  
10 5 'Structure model' '_pdbx_struct_conn_angle.ptnr3_auth_seq_id'   
11 5 'Structure model' '_pdbx_struct_conn_angle.ptnr3_label_atom_id' 
12 5 'Structure model' '_pdbx_struct_conn_angle.ptnr3_label_comp_id' 
13 5 'Structure model' '_pdbx_struct_conn_angle.ptnr3_label_seq_id'  
14 5 'Structure model' '_pdbx_struct_conn_angle.value'               
15 5 'Structure model' '_struct_conn.pdbx_dist_value'                
16 5 'Structure model' '_struct_conn.ptnr1_auth_comp_id'             
17 5 'Structure model' '_struct_conn.ptnr1_auth_seq_id'              
18 5 'Structure model' '_struct_conn.ptnr1_label_asym_id'            
19 5 'Structure model' '_struct_conn.ptnr1_label_atom_id'            
20 5 'Structure model' '_struct_conn.ptnr1_label_comp_id'            
21 5 'Structure model' '_struct_conn.ptnr1_label_seq_id'             
22 5 'Structure model' '_struct_conn.ptnr2_auth_comp_id'             
23 5 'Structure model' '_struct_conn.ptnr2_auth_seq_id'              
24 5 'Structure model' '_struct_conn.ptnr2_label_asym_id'            
25 5 'Structure model' '_struct_conn.ptnr2_label_atom_id'            
26 5 'Structure model' '_struct_conn.ptnr2_label_comp_id'            
27 5 'Structure model' '_struct_conn.ptnr2_label_seq_id'             
28 5 'Structure model' '_struct_site.pdbx_auth_asym_id'              
29 5 'Structure model' '_struct_site.pdbx_auth_comp_id'              
30 5 'Structure model' '_struct_site.pdbx_auth_seq_id'               
# 
_pdbx_database_status.status_code                     REL 
_pdbx_database_status.entry_id                        7PCY 
_pdbx_database_status.recvd_initial_deposition_date   1989-09-22 
_pdbx_database_status.deposit_site                    ? 
_pdbx_database_status.process_site                    BNL 
_pdbx_database_status.SG_entry                        . 
_pdbx_database_status.pdb_format_compatible           Y 
_pdbx_database_status.status_code_mr                  ? 
_pdbx_database_status.status_code_sf                  ? 
_pdbx_database_status.status_code_cs                  ? 
_pdbx_database_status.methods_development_category    ? 
_pdbx_database_status.status_code_nmr_data            ? 
# 
loop_
_audit_author.name 
_audit_author.pdbx_ordinal 
'Collyer, C.A.' 1 
'Guss, J.M.'    2 
'Freeman, H.C.' 3 
# 
loop_
_citation.id 
_citation.title 
_citation.journal_abbrev 
_citation.journal_volume 
_citation.page_first 
_citation.page_last 
_citation.year 
_citation.journal_id_ASTM 
_citation.country 
_citation.journal_id_ISSN 
_citation.journal_id_CSD 
_citation.book_publisher 
_citation.pdbx_database_id_PubMed 
_citation.pdbx_database_id_DOI 
primary 'Crystal structure of plastocyanin from a green alga, Enteromorpha prolifera.' J.Mol.Biol. 211 617 632 1990 JMOBAK UK 
0022-2836 0070 ? 2308169 '10.1016/0022-2836(90)90269-R' 
1       'Structure of Oxidized Poplar Plastocyanin at 1.6 Angstroms Resolution' J.Mol.Biol. 169 521 ?   1983 JMOBAK UK 0022-2836 
0070 ? ?       ?                              
2       
'Preliminary Crystallographic Data for Plastocyanins from an Alga (Enteromorpha Prolifera) and from Cucumber (Cucumis Sativus)' 
J.Mol.Biol. 164 351 ?   1983 JMOBAK UK 0022-2836 0070 ? ?       ?                              
# 
loop_
_citation_author.citation_id 
_citation_author.name 
_citation_author.ordinal 
_citation_author.identifier_ORCID 
primary 'Collyer, C.A.'     1  ? 
primary 'Guss, J.M.'        2  ? 
primary 'Sugimura, Y.'      3  ? 
primary 'Yoshizaki, F.'     4  ? 
primary 'Freeman, H.C.'     5  ? 
1       'Guss, J.M.'        6  ? 
1       'Freeman, H.C.'     7  ? 
2       'Freeman, H.C.'     8  ? 
2       'Garrett, T.P.J.'   9  ? 
2       'Guss, J.M.'        10 ? 
2       'Murata, M.'        11 ? 
2       'Yoshizaki, F.'     12 ? 
2       'Sugimura, Y.'      13 ? 
2       'Shimokoriyama, M.' 14 ? 
# 
loop_
_entity.id 
_entity.type 
_entity.src_method 
_entity.pdbx_description 
_entity.formula_weight 
_entity.pdbx_number_of_molecules 
_entity.pdbx_ec 
_entity.pdbx_mutation 
_entity.pdbx_fragment 
_entity.details 
1 polymer     man PLASTOCYANIN      10121.217 1   ? ? ? ? 
2 non-polymer syn 'COPPER (II) ION' 63.546    1   ? ? ? ? 
3 water       nat water             18.015    105 ? ? ? ? 
# 
_entity_poly.entity_id                      1 
_entity_poly.type                           'polypeptide(L)' 
_entity_poly.nstd_linkage                   no 
_entity_poly.nstd_monomer                   no 
_entity_poly.pdbx_seq_one_letter_code       
;AAIVKLGGDDGSLAFVPNNITVGAGESIEFINNAGFPHNIVFDEDAVPAGVDADAISAEDYLNSKGQTVVRKLTTPGTYG
VYCDPHSGAGMKMTITVQ
;
_entity_poly.pdbx_seq_one_letter_code_can   
;AAIVKLGGDDGSLAFVPNNITVGAGESIEFINNAGFPHNIVFDEDAVPAGVDADAISAEDYLNSKGQTVVRKLTTPGTYG
VYCDPHSGAGMKMTITVQ
;
_entity_poly.pdbx_strand_id                 A 
_entity_poly.pdbx_target_identifier         ? 
# 
loop_
_pdbx_entity_nonpoly.entity_id 
_pdbx_entity_nonpoly.name 
_pdbx_entity_nonpoly.comp_id 
2 'COPPER (II) ION' CU  
3 water             HOH 
# 
loop_
_entity_poly_seq.entity_id 
_entity_poly_seq.num 
_entity_poly_seq.mon_id 
_entity_poly_seq.hetero 
1 1  ALA n 
1 2  ALA n 
1 3  ILE n 
1 4  VAL n 
1 5  LYS n 
1 6  LEU n 
1 7  GLY n 
1 8  GLY n 
1 9  ASP n 
1 10 ASP n 
1 11 GLY n 
1 12 SER n 
1 13 LEU n 
1 14 ALA n 
1 15 PHE n 
1 16 VAL n 
1 17 PRO n 
1 18 ASN n 
1 19 ASN n 
1 20 ILE n 
1 21 THR n 
1 22 VAL n 
1 23 GLY n 
1 24 ALA n 
1 25 GLY n 
1 26 GLU n 
1 27 SER n 
1 28 ILE n 
1 29 GLU n 
1 30 PHE n 
1 31 ILE n 
1 32 ASN n 
1 33 ASN n 
1 34 ALA n 
1 35 GLY n 
1 36 PHE n 
1 37 PRO n 
1 38 HIS n 
1 39 ASN n 
1 40 ILE n 
1 41 VAL n 
1 42 PHE n 
1 43 ASP n 
1 44 GLU n 
1 45 ASP n 
1 46 ALA n 
1 47 VAL n 
1 48 PRO n 
1 49 ALA n 
1 50 GLY n 
1 51 VAL n 
1 52 ASP n 
1 53 ALA n 
1 54 ASP n 
1 55 ALA n 
1 56 ILE n 
1 57 SER n 
1 58 ALA n 
1 59 GLU n 
1 60 ASP n 
1 61 TYR n 
1 62 LEU n 
1 63 ASN n 
1 64 SER n 
1 65 LYS n 
1 66 GLY n 
1 67 GLN n 
1 68 THR n 
1 69 VAL n 
1 70 VAL n 
1 71 ARG n 
1 72 LYS n 
1 73 LEU n 
1 74 THR n 
1 75 THR n 
1 76 PRO n 
1 77 GLY n 
1 78 THR n 
1 79 TYR n 
1 80 GLY n 
1 81 VAL n 
1 82 TYR n 
1 83 CYS n 
1 84 ASP n 
1 85 PRO n 
1 86 HIS n 
1 87 SER n 
1 88 GLY n 
1 89 ALA n 
1 90 GLY n 
1 91 MET n 
1 92 LYS n 
1 93 MET n 
1 94 THR n 
1 95 ILE n 
1 96 THR n 
1 97 VAL n 
1 98 GLN n 
# 
_entity_src_gen.entity_id                          1 
_entity_src_gen.pdbx_src_id                        1 
_entity_src_gen.pdbx_alt_source_flag               sample 
_entity_src_gen.pdbx_seq_type                      ? 
_entity_src_gen.pdbx_beg_seq_num                   ? 
_entity_src_gen.pdbx_end_seq_num                   ? 
_entity_src_gen.gene_src_common_name               ? 
_entity_src_gen.gene_src_genus                     Ulva 
_entity_src_gen.pdbx_gene_src_gene                 ? 
_entity_src_gen.gene_src_species                   ? 
_entity_src_gen.gene_src_strain                    ? 
_entity_src_gen.gene_src_tissue                    ? 
_entity_src_gen.gene_src_tissue_fraction           ? 
_entity_src_gen.gene_src_details                   ? 
_entity_src_gen.pdbx_gene_src_fragment             ? 
_entity_src_gen.pdbx_gene_src_scientific_name      'Ulva prolifera' 
_entity_src_gen.pdbx_gene_src_ncbi_taxonomy_id     3117 
_entity_src_gen.pdbx_gene_src_variant              ? 
_entity_src_gen.pdbx_gene_src_cell_line            ? 
_entity_src_gen.pdbx_gene_src_atcc                 ? 
_entity_src_gen.pdbx_gene_src_organ                ? 
_entity_src_gen.pdbx_gene_src_organelle            ? 
_entity_src_gen.pdbx_gene_src_cell                 ? 
_entity_src_gen.pdbx_gene_src_cellular_location    ? 
_entity_src_gen.host_org_common_name               ? 
_entity_src_gen.pdbx_host_org_scientific_name      ? 
_entity_src_gen.pdbx_host_org_ncbi_taxonomy_id     ? 
_entity_src_gen.host_org_genus                     ? 
_entity_src_gen.pdbx_host_org_gene                 ? 
_entity_src_gen.pdbx_host_org_organ                ? 
_entity_src_gen.host_org_species                   ? 
_entity_src_gen.pdbx_host_org_tissue               ? 
_entity_src_gen.pdbx_host_org_tissue_fraction      ? 
_entity_src_gen.pdbx_host_org_strain               ? 
_entity_src_gen.pdbx_host_org_variant              ? 
_entity_src_gen.pdbx_host_org_cell_line            ? 
_entity_src_gen.pdbx_host_org_atcc                 ? 
_entity_src_gen.pdbx_host_org_culture_collection   ? 
_entity_src_gen.pdbx_host_org_cell                 ? 
_entity_src_gen.pdbx_host_org_organelle            ? 
_entity_src_gen.pdbx_host_org_cellular_location    ? 
_entity_src_gen.pdbx_host_org_vector_type          ? 
_entity_src_gen.pdbx_host_org_vector               ? 
_entity_src_gen.host_org_details                   ? 
_entity_src_gen.expression_system_id               ? 
_entity_src_gen.plasmid_name                       ? 
_entity_src_gen.plasmid_details                    ? 
_entity_src_gen.pdbx_description                   ? 
# 
loop_
_chem_comp.id 
_chem_comp.type 
_chem_comp.mon_nstd_flag 
_chem_comp.name 
_chem_comp.pdbx_synonyms 
_chem_comp.formula 
_chem_comp.formula_weight 
ALA 'L-peptide linking' y ALANINE           ? 'C3 H7 N O2'     89.093  
ARG 'L-peptide linking' y ARGININE          ? 'C6 H15 N4 O2 1' 175.209 
ASN 'L-peptide linking' y ASPARAGINE        ? 'C4 H8 N2 O3'    132.118 
ASP 'L-peptide linking' y 'ASPARTIC ACID'   ? 'C4 H7 N O4'     133.103 
CU  non-polymer         . 'COPPER (II) ION' ? 'Cu 2'           63.546  
CYS 'L-peptide linking' y CYSTEINE          ? 'C3 H7 N O2 S'   121.158 
GLN 'L-peptide linking' y GLUTAMINE         ? 'C5 H10 N2 O3'   146.144 
GLU 'L-peptide linking' y 'GLUTAMIC ACID'   ? 'C5 H9 N O4'     147.129 
GLY 'peptide linking'   y GLYCINE           ? 'C2 H5 N O2'     75.067  
HIS 'L-peptide linking' y HISTIDINE         ? 'C6 H10 N3 O2 1' 156.162 
HOH non-polymer         . WATER             ? 'H2 O'           18.015  
ILE 'L-peptide linking' y ISOLEUCINE        ? 'C6 H13 N O2'    131.173 
LEU 'L-peptide linking' y LEUCINE           ? 'C6 H13 N O2'    131.173 
LYS 'L-peptide linking' y LYSINE            ? 'C6 H15 N2 O2 1' 147.195 
MET 'L-peptide linking' y METHIONINE        ? 'C5 H11 N O2 S'  149.211 
PHE 'L-peptide linking' y PHENYLALANINE     ? 'C9 H11 N O2'    165.189 
PRO 'L-peptide linking' y PROLINE           ? 'C5 H9 N O2'     115.130 
SER 'L-peptide linking' y SERINE            ? 'C3 H7 N O3'     105.093 
THR 'L-peptide linking' y THREONINE         ? 'C4 H9 N O3'     119.119 
TYR 'L-peptide linking' y TYROSINE          ? 'C9 H11 N O3'    181.189 
VAL 'L-peptide linking' y VALINE            ? 'C5 H11 N O2'    117.146 
# 
loop_
_pdbx_poly_seq_scheme.asym_id 
_pdbx_poly_seq_scheme.entity_id 
_pdbx_poly_seq_scheme.seq_id 
_pdbx_poly_seq_scheme.mon_id 
_pdbx_poly_seq_scheme.ndb_seq_num 
_pdbx_poly_seq_scheme.pdb_seq_num 
_pdbx_poly_seq_scheme.auth_seq_num 
_pdbx_poly_seq_scheme.pdb_mon_id 
_pdbx_poly_seq_scheme.auth_mon_id 
_pdbx_poly_seq_scheme.pdb_strand_id 
_pdbx_poly_seq_scheme.pdb_ins_code 
_pdbx_poly_seq_scheme.hetero 
A 1 1  ALA 1  0  0  ALA ALA A . n 
A 1 2  ALA 2  1  1  ALA ALA A . n 
A 1 3  ILE 3  2  2  ILE ILE A . n 
A 1 4  VAL 4  3  3  VAL VAL A . n 
A 1 5  LYS 5  4  4  LYS LYS A . n 
A 1 6  LEU 6  5  5  LEU LEU A . n 
A 1 7  GLY 7  6  6  GLY GLY A . n 
A 1 8  GLY 8  7  7  GLY GLY A . n 
A 1 9  ASP 9  8  8  ASP ASP A . n 
A 1 10 ASP 10 9  9  ASP ASP A . n 
A 1 11 GLY 11 10 10 GLY GLY A . n 
A 1 12 SER 12 11 11 SER SER A . n 
A 1 13 LEU 13 12 12 LEU LEU A . n 
A 1 14 ALA 14 13 13 ALA ALA A . n 
A 1 15 PHE 15 14 14 PHE PHE A . n 
A 1 16 VAL 16 15 15 VAL VAL A . n 
A 1 17 PRO 17 16 16 PRO PRO A . n 
A 1 18 ASN 18 17 17 ASN ASN A . n 
A 1 19 ASN 19 18 18 ASN ASN A . n 
A 1 20 ILE 20 19 19 ILE ILE A . n 
A 1 21 THR 21 20 20 THR THR A . n 
A 1 22 VAL 22 21 21 VAL VAL A . n 
A 1 23 GLY 23 22 22 GLY GLY A . n 
A 1 24 ALA 24 23 23 ALA ALA A . n 
A 1 25 GLY 25 24 24 GLY GLY A . n 
A 1 26 GLU 26 25 25 GLU GLU A . n 
A 1 27 SER 27 26 26 SER SER A . n 
A 1 28 ILE 28 27 27 ILE ILE A . n 
A 1 29 GLU 29 28 28 GLU GLU A . n 
A 1 30 PHE 30 29 29 PHE PHE A . n 
A 1 31 ILE 31 30 30 ILE ILE A . n 
A 1 32 ASN 32 31 31 ASN ASN A . n 
A 1 33 ASN 33 32 32 ASN ASN A . n 
A 1 34 ALA 34 33 33 ALA ALA A . n 
A 1 35 GLY 35 34 34 GLY GLY A . n 
A 1 36 PHE 36 35 35 PHE PHE A . n 
A 1 37 PRO 37 36 36 PRO PRO A . n 
A 1 38 HIS 38 37 37 HIS HIS A . n 
A 1 39 ASN 39 38 38 ASN ASN A . n 
A 1 40 ILE 40 39 39 ILE ILE A . n 
A 1 41 VAL 41 40 40 VAL VAL A . n 
A 1 42 PHE 42 41 41 PHE PHE A . n 
A 1 43 ASP 43 42 42 ASP ASP A . n 
A 1 44 GLU 44 43 43 GLU GLU A . n 
A 1 45 ASP 45 44 44 ASP ASP A . n 
A 1 46 ALA 46 45 45 ALA ALA A . n 
A 1 47 VAL 47 46 46 VAL VAL A . n 
A 1 48 PRO 48 47 47 PRO PRO A . n 
A 1 49 ALA 49 48 48 ALA ALA A . n 
A 1 50 GLY 50 49 49 GLY GLY A . n 
A 1 51 VAL 51 50 50 VAL VAL A . n 
A 1 52 ASP 52 51 51 ASP ASP A . n 
A 1 53 ALA 53 52 52 ALA ALA A . n 
A 1 54 ASP 54 53 53 ASP ASP A . n 
A 1 55 ALA 55 54 54 ALA ALA A . n 
A 1 56 ILE 56 55 55 ILE ILE A . n 
A 1 57 SER 57 56 56 SER SER A . n 
A 1 58 ALA 58 57 57 ALA ALA A . n 
A 1 59 GLU 59 59 59 GLU GLU A . n 
A 1 60 ASP 60 61 61 ASP ASP A . n 
A 1 61 TYR 61 62 62 TYR TYR A . n 
A 1 62 LEU 62 63 63 LEU LEU A . n 
A 1 63 ASN 63 64 64 ASN ASN A . n 
A 1 64 SER 64 65 65 SER SER A . n 
A 1 65 LYS 65 66 66 LYS LYS A . n 
A 1 66 GLY 66 67 67 GLY GLY A . n 
A 1 67 GLN 67 68 68 GLN GLN A . n 
A 1 68 THR 68 69 69 THR THR A . n 
A 1 69 VAL 69 70 70 VAL VAL A . n 
A 1 70 VAL 70 71 71 VAL VAL A . n 
A 1 71 ARG 71 72 72 ARG ARG A . n 
A 1 72 LYS 72 73 73 LYS LYS A . n 
A 1 73 LEU 73 74 74 LEU LEU A . n 
A 1 74 THR 74 75 75 THR THR A . n 
A 1 75 THR 75 76 76 THR THR A . n 
A 1 76 PRO 76 77 77 PRO PRO A . n 
A 1 77 GLY 77 78 78 GLY GLY A . n 
A 1 78 THR 78 79 79 THR THR A . n 
A 1 79 TYR 79 80 80 TYR TYR A . n 
A 1 80 GLY 80 81 81 GLY GLY A . n 
A 1 81 VAL 81 82 82 VAL VAL A . n 
A 1 82 TYR 82 83 83 TYR TYR A . n 
A 1 83 CYS 83 84 84 CYS CYS A . n 
A 1 84 ASP 84 85 85 ASP ASP A . n 
A 1 85 PRO 85 86 86 PRO PRO A . n 
A 1 86 HIS 86 87 87 HIS HIS A . n 
A 1 87 SER 87 88 88 SER SER A . n 
A 1 88 GLY 88 89 89 GLY GLY A . n 
A 1 89 ALA 89 90 90 ALA ALA A . n 
A 1 90 GLY 90 91 91 GLY GLY A . n 
A 1 91 MET 91 92 92 MET MET A . n 
A 1 92 LYS 92 93 93 LYS LYS A . n 
A 1 93 MET 93 94 94 MET MET A . n 
A 1 94 THR 94 95 95 THR THR A . n 
A 1 95 ILE 95 96 96 ILE ILE A . n 
A 1 96 THR 96 97 97 THR THR A . n 
A 1 97 VAL 97 98 98 VAL VAL A . n 
A 1 98 GLN 98 99 99 GLN GLN A . n 
# 
loop_
_pdbx_nonpoly_scheme.asym_id 
_pdbx_nonpoly_scheme.entity_id 
_pdbx_nonpoly_scheme.mon_id 
_pdbx_nonpoly_scheme.ndb_seq_num 
_pdbx_nonpoly_scheme.pdb_seq_num 
_pdbx_nonpoly_scheme.auth_seq_num 
_pdbx_nonpoly_scheme.pdb_mon_id 
_pdbx_nonpoly_scheme.auth_mon_id 
_pdbx_nonpoly_scheme.pdb_strand_id 
_pdbx_nonpoly_scheme.pdb_ins_code 
B 2 CU  1   100 100 CU  CU  A . 
C 3 HOH 1   101 101 HOH HOH A . 
C 3 HOH 2   102 102 HOH HOH A . 
C 3 HOH 3   103 103 HOH HOH A . 
C 3 HOH 4   104 104 HOH HOH A . 
C 3 HOH 5   105 105 HOH HOH A . 
C 3 HOH 6   106 106 HOH HOH A . 
C 3 HOH 7   107 107 HOH HOH A . 
C 3 HOH 8   108 108 HOH HOH A . 
C 3 HOH 9   109 109 HOH HOH A . 
C 3 HOH 10  110 110 HOH HOH A . 
C 3 HOH 11  111 111 HOH HOH A . 
C 3 HOH 12  112 112 HOH HOH A . 
C 3 HOH 13  113 113 HOH HOH A . 
C 3 HOH 14  114 114 HOH HOH A . 
C 3 HOH 15  115 115 HOH HOH A . 
C 3 HOH 16  116 116 HOH HOH A . 
C 3 HOH 17  117 117 HOH HOH A . 
C 3 HOH 18  118 118 HOH HOH A . 
C 3 HOH 19  119 119 HOH HOH A . 
C 3 HOH 20  120 120 HOH HOH A . 
C 3 HOH 21  121 121 HOH HOH A . 
C 3 HOH 22  122 122 HOH HOH A . 
C 3 HOH 23  123 123 HOH HOH A . 
C 3 HOH 24  124 124 HOH HOH A . 
C 3 HOH 25  125 125 HOH HOH A . 
C 3 HOH 26  126 126 HOH HOH A . 
C 3 HOH 27  127 127 HOH HOH A . 
C 3 HOH 28  128 128 HOH HOH A . 
C 3 HOH 29  129 129 HOH HOH A . 
C 3 HOH 30  130 130 HOH HOH A . 
C 3 HOH 31  131 131 HOH HOH A . 
C 3 HOH 32  132 132 HOH HOH A . 
C 3 HOH 33  133 133 HOH HOH A . 
C 3 HOH 34  134 134 HOH HOH A . 
C 3 HOH 35  135 135 HOH HOH A . 
C 3 HOH 36  136 136 HOH HOH A . 
C 3 HOH 37  137 137 HOH HOH A . 
C 3 HOH 38  138 138 HOH HOH A . 
C 3 HOH 39  139 139 HOH HOH A . 
C 3 HOH 40  140 140 HOH HOH A . 
C 3 HOH 41  141 141 HOH HOH A . 
C 3 HOH 42  142 142 HOH HOH A . 
C 3 HOH 43  143 143 HOH HOH A . 
C 3 HOH 44  144 144 HOH HOH A . 
C 3 HOH 45  145 145 HOH HOH A . 
C 3 HOH 46  146 146 HOH HOH A . 
C 3 HOH 47  147 147 HOH HOH A . 
C 3 HOH 48  148 148 HOH HOH A . 
C 3 HOH 49  149 149 HOH HOH A . 
C 3 HOH 50  150 150 HOH HOH A . 
C 3 HOH 51  151 151 HOH HOH A . 
C 3 HOH 52  152 152 HOH HOH A . 
C 3 HOH 53  153 153 HOH HOH A . 
C 3 HOH 54  154 154 HOH HOH A . 
C 3 HOH 55  155 155 HOH HOH A . 
C 3 HOH 56  156 156 HOH HOH A . 
C 3 HOH 57  157 157 HOH HOH A . 
C 3 HOH 58  158 158 HOH HOH A . 
C 3 HOH 59  159 159 HOH HOH A . 
C 3 HOH 60  160 160 HOH HOH A . 
C 3 HOH 61  161 161 HOH HOH A . 
C 3 HOH 62  162 162 HOH HOH A . 
C 3 HOH 63  163 163 HOH HOH A . 
C 3 HOH 64  164 164 HOH HOH A . 
C 3 HOH 65  165 165 HOH HOH A . 
C 3 HOH 66  166 166 HOH HOH A . 
C 3 HOH 67  167 167 HOH HOH A . 
C 3 HOH 68  168 168 HOH HOH A . 
C 3 HOH 69  169 169 HOH HOH A . 
C 3 HOH 70  170 170 HOH HOH A . 
C 3 HOH 71  171 171 HOH HOH A . 
C 3 HOH 72  172 172 HOH HOH A . 
C 3 HOH 73  173 173 HOH HOH A . 
C 3 HOH 74  174 174 HOH HOH A . 
C 3 HOH 75  175 175 HOH HOH A . 
C 3 HOH 76  176 176 HOH HOH A . 
C 3 HOH 77  177 177 HOH HOH A . 
C 3 HOH 78  178 178 HOH HOH A . 
C 3 HOH 79  179 179 HOH HOH A . 
C 3 HOH 80  180 180 HOH HOH A . 
C 3 HOH 81  181 181 HOH HOH A . 
C 3 HOH 82  182 182 HOH HOH A . 
C 3 HOH 83  183 183 HOH HOH A . 
C 3 HOH 84  184 184 HOH HOH A . 
C 3 HOH 85  185 185 HOH HOH A . 
C 3 HOH 86  186 186 HOH HOH A . 
C 3 HOH 87  187 187 HOH HOH A . 
C 3 HOH 88  188 188 HOH HOH A . 
C 3 HOH 89  189 189 HOH HOH A . 
C 3 HOH 90  190 190 HOH HOH A . 
C 3 HOH 91  191 191 HOH HOH A . 
C 3 HOH 92  192 192 HOH HOH A . 
C 3 HOH 93  193 193 HOH HOH A . 
C 3 HOH 94  194 194 HOH HOH A . 
C 3 HOH 95  195 195 HOH HOH A . 
C 3 HOH 96  196 196 HOH HOH A . 
C 3 HOH 97  197 197 HOH HOH A . 
C 3 HOH 98  198 198 HOH HOH A . 
C 3 HOH 99  199 199 HOH HOH A . 
C 3 HOH 100 200 200 HOH HOH A . 
C 3 HOH 101 201 201 HOH HOH A . 
C 3 HOH 102 202 202 HOH HOH A . 
C 3 HOH 103 203 203 HOH HOH A . 
C 3 HOH 104 204 204 HOH HOH A . 
C 3 HOH 105 205 205 HOH HOH A . 
# 
_software.name             PROLSQ 
_software.classification   refinement 
_software.version          . 
_software.citation_id      ? 
_software.pdbx_ordinal     1 
# 
_cell.entry_id           7PCY 
_cell.length_a           53.900 
_cell.length_b           53.900 
_cell.length_c           59.400 
_cell.angle_alpha        90.00 
_cell.angle_beta         90.00 
_cell.angle_gamma        90.00 
_cell.Z_PDB              8 
_cell.pdbx_unique_axis   ? 
# 
_symmetry.entry_id                         7PCY 
_symmetry.space_group_name_H-M             'I 4' 
_symmetry.pdbx_full_space_group_name_H-M   ? 
_symmetry.cell_setting                     ? 
_symmetry.Int_Tables_number                79 
# 
_exptl.entry_id          7PCY 
_exptl.method            'X-RAY DIFFRACTION' 
_exptl.crystals_number   ? 
# 
_exptl_crystal.id                    1 
_exptl_crystal.density_meas          ? 
_exptl_crystal.density_Matthews      2.13 
_exptl_crystal.density_percent_sol   42.26 
_exptl_crystal.description           ? 
# 
_refine.entry_id                                 7PCY 
_refine.ls_number_reflns_obs                     5331 
_refine.ls_number_reflns_all                     ? 
_refine.pdbx_ls_sigma_I                          ? 
_refine.pdbx_ls_sigma_F                          ? 
_refine.pdbx_data_cutoff_high_absF               ? 
_refine.pdbx_data_cutoff_low_absF                ? 
_refine.pdbx_data_cutoff_high_rms_absF           ? 
_refine.ls_d_res_low                             8.4 
_refine.ls_d_res_high                            1.8 
_refine.ls_percent_reflns_obs                    ? 
_refine.ls_R_factor_obs                          0.1170000 
_refine.ls_R_factor_all                          ? 
_refine.ls_R_factor_R_work                       ? 
_refine.ls_R_factor_R_free                       ? 
_refine.ls_R_factor_R_free_error                 ? 
_refine.ls_R_factor_R_free_error_details         ? 
_refine.ls_percent_reflns_R_free                 ? 
_refine.ls_number_reflns_R_free                  ? 
_refine.ls_number_parameters                     ? 
_refine.ls_number_restraints                     ? 
_refine.occupancy_min                            ? 
_refine.occupancy_max                            ? 
_refine.B_iso_mean                               ? 
_refine.aniso_B[1][1]                            ? 
_refine.aniso_B[2][2]                            ? 
_refine.aniso_B[3][3]                            ? 
_refine.aniso_B[1][2]                            ? 
_refine.aniso_B[1][3]                            ? 
_refine.aniso_B[2][3]                            ? 
_refine.solvent_model_details                    ? 
_refine.solvent_model_param_ksol                 ? 
_refine.solvent_model_param_bsol                 ? 
_refine.pdbx_ls_cross_valid_method               ? 
_refine.details                                  ? 
_refine.pdbx_starting_model                      ? 
_refine.pdbx_method_to_determine_struct          ? 
_refine.pdbx_isotropic_thermal_model             ? 
_refine.pdbx_stereochemistry_target_values       ? 
_refine.pdbx_stereochem_target_val_spec_case     ? 
_refine.pdbx_R_Free_selection_details            ? 
_refine.pdbx_overall_ESU_R                       ? 
_refine.pdbx_overall_ESU_R_Free                  ? 
_refine.overall_SU_ML                            ? 
_refine.overall_SU_B                             ? 
_refine.pdbx_refine_id                           'X-RAY DIFFRACTION' 
_refine.pdbx_diffrn_id                           1 
_refine.pdbx_TLS_residual_ADP_flag               ? 
_refine.correlation_coeff_Fo_to_Fc               ? 
_refine.correlation_coeff_Fo_to_Fc_free          ? 
_refine.pdbx_solvent_vdw_probe_radii             ? 
_refine.pdbx_solvent_ion_probe_radii             ? 
_refine.pdbx_solvent_shrinkage_radii             ? 
_refine.pdbx_overall_phase_error                 ? 
_refine.overall_SU_R_Cruickshank_DPI             ? 
_refine.pdbx_overall_SU_R_free_Cruickshank_DPI   ? 
_refine.pdbx_overall_SU_R_Blow_DPI               ? 
_refine.pdbx_overall_SU_R_free_Blow_DPI          ? 
# 
_refine_hist.pdbx_refine_id                   'X-RAY DIFFRACTION' 
_refine_hist.cycle_id                         LAST 
_refine_hist.pdbx_number_atoms_protein        1499 
_refine_hist.pdbx_number_atoms_nucleic_acid   0 
_refine_hist.pdbx_number_atoms_ligand         1 
_refine_hist.number_atoms_solvent             111 
_refine_hist.number_atoms_total               1611 
_refine_hist.d_res_high                       1.8 
_refine_hist.d_res_low                        8.4 
# 
loop_
_refine_ls_restr.type 
_refine_ls_restr.dev_ideal 
_refine_ls_restr.dev_ideal_target 
_refine_ls_restr.weight 
_refine_ls_restr.number 
_refine_ls_restr.pdbx_refine_id 
_refine_ls_restr.pdbx_restraint_function 
p_bond_d            0.016 0.030 ? ? 'X-RAY DIFFRACTION' ? 
p_angle_d           0.034 0.040 ? ? 'X-RAY DIFFRACTION' ? 
p_angle_deg         ?     ?     ? ? 'X-RAY DIFFRACTION' ? 
p_planar_d          0.033 0.050 ? ? 'X-RAY DIFFRACTION' ? 
p_hb_or_metal_coord ?     ?     ? ? 'X-RAY DIFFRACTION' ? 
p_mcbond_it         3.1   5.0   ? ? 'X-RAY DIFFRACTION' ? 
p_mcangle_it        4.1   7.5   ? ? 'X-RAY DIFFRACTION' ? 
p_scbond_it         4.1   10.0  ? ? 'X-RAY DIFFRACTION' ? 
p_scangle_it        5.8   15.0  ? ? 'X-RAY DIFFRACTION' ? 
p_plane_restr       0.010 0.020 ? ? 'X-RAY DIFFRACTION' ? 
p_chiral_restr      0.132 0.150 ? ? 'X-RAY DIFFRACTION' ? 
p_singtor_nbd       0.155 0.500 ? ? 'X-RAY DIFFRACTION' ? 
p_multtor_nbd       0.209 0.500 ? ? 'X-RAY DIFFRACTION' ? 
p_xhyhbond_nbd      0.078 0.500 ? ? 'X-RAY DIFFRACTION' ? 
p_xyhbond_nbd       0.192 0.500 ? ? 'X-RAY DIFFRACTION' ? 
p_planar_tor        2.3   5.0   ? ? 'X-RAY DIFFRACTION' ? 
p_staggered_tor     ?     ?     ? ? 'X-RAY DIFFRACTION' ? 
p_orthonormal_tor   ?     ?     ? ? 'X-RAY DIFFRACTION' ? 
p_transverse_tor    ?     ?     ? ? 'X-RAY DIFFRACTION' ? 
p_special_tor       ?     ?     ? ? 'X-RAY DIFFRACTION' ? 
# 
_struct.entry_id                  7PCY 
_struct.title                     'THE CRYSTAL STRUCTURE OF PLASTOCYANIN FROM A GREEN ALGA, ENTEROMORPHA PROLIFERA' 
_struct.pdbx_model_details        ? 
_struct.pdbx_CASP_flag            ? 
_struct.pdbx_model_type_details   ? 
# 
_struct_keywords.entry_id        7PCY 
_struct_keywords.pdbx_keywords   'ELECTRON TRANSPORT PROTEIN' 
_struct_keywords.text            'ELECTRON TRANSPORT PROTEIN' 
# 
loop_
_struct_asym.id 
_struct_asym.pdbx_blank_PDB_chainid_flag 
_struct_asym.pdbx_modified 
_struct_asym.entity_id 
_struct_asym.details 
A N N 1 ? 
B N N 2 ? 
C N N 3 ? 
# 
_struct_ref.id                         1 
_struct_ref.db_name                    UNP 
_struct_ref.db_code                    PLAS_ENTPR 
_struct_ref.entity_id                  1 
_struct_ref.pdbx_db_accession          P07465 
_struct_ref.pdbx_align_begin           1 
_struct_ref.pdbx_seq_one_letter_code   
;AAIVKLGGDDGSLAFVPNNITVGAGESIEFINNAGFPHNIVFDEDAVPAGVDADAISAEDYLNSKGQTVVRKLTTPGTYG
VYCDPHSGAGMKMTITVQ
;
_struct_ref.pdbx_db_isoform            ? 
# 
_struct_ref_seq.align_id                      1 
_struct_ref_seq.ref_id                        1 
_struct_ref_seq.pdbx_PDB_id_code              7PCY 
_struct_ref_seq.pdbx_strand_id                A 
_struct_ref_seq.seq_align_beg                 1 
_struct_ref_seq.pdbx_seq_align_beg_ins_code   ? 
_struct_ref_seq.seq_align_end                 98 
_struct_ref_seq.pdbx_seq_align_end_ins_code   ? 
_struct_ref_seq.pdbx_db_accession             P07465 
_struct_ref_seq.db_align_beg                  1 
_struct_ref_seq.pdbx_db_align_beg_ins_code    ? 
_struct_ref_seq.db_align_end                  98 
_struct_ref_seq.pdbx_db_align_end_ins_code    ? 
_struct_ref_seq.pdbx_auth_seq_align_beg       0 
_struct_ref_seq.pdbx_auth_seq_align_end       99 
# 
_pdbx_struct_assembly.id                   1 
_pdbx_struct_assembly.details              author_defined_assembly 
_pdbx_struct_assembly.method_details       ? 
_pdbx_struct_assembly.oligomeric_details   tetrameric 
_pdbx_struct_assembly.oligomeric_count     4 
# 
_pdbx_struct_assembly_gen.assembly_id       1 
_pdbx_struct_assembly_gen.oper_expression   1,2,3,4 
_pdbx_struct_assembly_gen.asym_id_list      A,B,C 
# 
loop_
_pdbx_struct_oper_list.id 
_pdbx_struct_oper_list.type 
_pdbx_struct_oper_list.name 
_pdbx_struct_oper_list.symmetry_operation 
_pdbx_struct_oper_list.matrix[1][1] 
_pdbx_struct_oper_list.matrix[1][2] 
_pdbx_struct_oper_list.matrix[1][3] 
_pdbx_struct_oper_list.vector[1] 
_pdbx_struct_oper_list.matrix[2][1] 
_pdbx_struct_oper_list.matrix[2][2] 
_pdbx_struct_oper_list.matrix[2][3] 
_pdbx_struct_oper_list.vector[2] 
_pdbx_struct_oper_list.matrix[3][1] 
_pdbx_struct_oper_list.matrix[3][2] 
_pdbx_struct_oper_list.matrix[3][3] 
_pdbx_struct_oper_list.vector[3] 
1 'identity operation'         1_555 x,y,z   1.0000000000 0.0000000000  0.0000000000  0.0000000000   0.0000000000  1.0000000000  0.0000000000  0.0000000000  0.0000000000  0.0000000000  1.0000000000  0.0000000000   
2 'crystal symmetry operation' 4_555 y,-x,z  0.5747335452 0.8016345959  -0.1645093513 -15.3267508173 -0.0580894035 0.2404851160  0.9689130664  18.4655087201 0.8162762849  -0.5473105915 0.1847813388  5.9647939044   
3 'crystal symmetry operation' 3_555 -y,x,z  0.5747335452 -0.0580894035 0.8162762849  5.0125284114   0.8016345959  0.2404851160  -0.5473105915 11.1103685711 -0.1645093513 0.9689130664  0.1847813388  -21.5150491138 
4 'crystal symmetry operation' 2_555 -x,-y,z 0.1494670904 0.7435451925  0.6517669335  -10.3142224059 0.7435451925  -0.5190297679 0.4216024748  29.5758772911 0.6517669335  0.4216024748  -0.6304373225 -15.5502552094 
# 
_struct_biol.id   1 
# 
_struct_conf.conf_type_id            HELX_P 
_struct_conf.id                      HELX_P1 
_struct_conf.pdbx_PDB_helix_id       A 
_struct_conf.beg_label_comp_id       VAL 
_struct_conf.beg_label_asym_id       A 
_struct_conf.beg_label_seq_id        51 
_struct_conf.pdbx_beg_PDB_ins_code   ? 
_struct_conf.end_label_comp_id       SER 
_struct_conf.end_label_asym_id       A 
_struct_conf.end_label_seq_id        57 
_struct_conf.pdbx_end_PDB_ins_code   ? 
_struct_conf.beg_auth_comp_id        VAL 
_struct_conf.beg_auth_asym_id        A 
_struct_conf.beg_auth_seq_id         50 
_struct_conf.end_auth_comp_id        SER 
_struct_conf.end_auth_asym_id        A 
_struct_conf.end_auth_seq_id         56 
_struct_conf.pdbx_PDB_helix_class    1 
_struct_conf.details                 'SOLE HELICAL SEGMENT' 
_struct_conf.pdbx_PDB_helix_length   7 
# 
_struct_conf_type.id          HELX_P 
_struct_conf_type.criteria    ? 
_struct_conf_type.reference   ? 
# 
loop_
_struct_conn.id 
_struct_conn.conn_type_id 
_struct_conn.pdbx_leaving_atom_flag 
_struct_conn.pdbx_PDB_id 
_struct_conn.ptnr1_label_asym_id 
_struct_conn.ptnr1_label_comp_id 
_struct_conn.ptnr1_label_seq_id 
_struct_conn.ptnr1_label_atom_id 
_struct_conn.pdbx_ptnr1_label_alt_id 
_struct_conn.pdbx_ptnr1_PDB_ins_code 
_struct_conn.pdbx_ptnr1_standard_comp_id 
_struct_conn.ptnr1_symmetry 
_struct_conn.ptnr2_label_asym_id 
_struct_conn.ptnr2_label_comp_id 
_struct_conn.ptnr2_label_seq_id 
_struct_conn.ptnr2_label_atom_id 
_struct_conn.pdbx_ptnr2_label_alt_id 
_struct_conn.pdbx_ptnr2_PDB_ins_code 
_struct_conn.ptnr1_auth_asym_id 
_struct_conn.ptnr1_auth_comp_id 
_struct_conn.ptnr1_auth_seq_id 
_struct_conn.ptnr2_auth_asym_id 
_struct_conn.ptnr2_auth_comp_id 
_struct_conn.ptnr2_auth_seq_id 
_struct_conn.ptnr2_symmetry 
_struct_conn.pdbx_ptnr3_label_atom_id 
_struct_conn.pdbx_ptnr3_label_seq_id 
_struct_conn.pdbx_ptnr3_label_comp_id 
_struct_conn.pdbx_ptnr3_label_asym_id 
_struct_conn.pdbx_ptnr3_label_alt_id 
_struct_conn.pdbx_ptnr3_PDB_ins_code 
_struct_conn.details 
_struct_conn.pdbx_dist_value 
_struct_conn.pdbx_value_order 
_struct_conn.pdbx_role 
metalc1 metalc ? ? A HIS 38 ND1 ? ? ? 1_555 B CU . CU ? ? A HIS 37 A CU 100 1_555 ? ? ? ? ? ? ? 1.895 ? ? 
metalc2 metalc ? ? A CYS 83 SG  ? ? ? 1_555 B CU . CU ? ? A CYS 84 A CU 100 1_555 ? ? ? ? ? ? ? 2.119 ? ? 
metalc3 metalc ? ? A HIS 86 ND1 ? ? ? 1_555 B CU . CU ? ? A HIS 87 A CU 100 1_555 ? ? ? ? ? ? ? 2.170 ? ? 
# 
_struct_conn_type.id          metalc 
_struct_conn_type.criteria    ? 
_struct_conn_type.reference   ? 
# 
loop_
_pdbx_struct_conn_angle.id 
_pdbx_struct_conn_angle.ptnr1_label_atom_id 
_pdbx_struct_conn_angle.ptnr1_label_alt_id 
_pdbx_struct_conn_angle.ptnr1_label_asym_id 
_pdbx_struct_conn_angle.ptnr1_label_comp_id 
_pdbx_struct_conn_angle.ptnr1_label_seq_id 
_pdbx_struct_conn_angle.ptnr1_auth_atom_id 
_pdbx_struct_conn_angle.ptnr1_auth_asym_id 
_pdbx_struct_conn_angle.ptnr1_auth_comp_id 
_pdbx_struct_conn_angle.ptnr1_auth_seq_id 
_pdbx_struct_conn_angle.ptnr1_PDB_ins_code 
_pdbx_struct_conn_angle.ptnr1_symmetry 
_pdbx_struct_conn_angle.ptnr2_label_atom_id 
_pdbx_struct_conn_angle.ptnr2_label_alt_id 
_pdbx_struct_conn_angle.ptnr2_label_asym_id 
_pdbx_struct_conn_angle.ptnr2_label_comp_id 
_pdbx_struct_conn_angle.ptnr2_label_seq_id 
_pdbx_struct_conn_angle.ptnr2_auth_atom_id 
_pdbx_struct_conn_angle.ptnr2_auth_asym_id 
_pdbx_struct_conn_angle.ptnr2_auth_comp_id 
_pdbx_struct_conn_angle.ptnr2_auth_seq_id 
_pdbx_struct_conn_angle.ptnr2_PDB_ins_code 
_pdbx_struct_conn_angle.ptnr2_symmetry 
_pdbx_struct_conn_angle.ptnr3_label_atom_id 
_pdbx_struct_conn_angle.ptnr3_label_alt_id 
_pdbx_struct_conn_angle.ptnr3_label_asym_id 
_pdbx_struct_conn_angle.ptnr3_label_comp_id 
_pdbx_struct_conn_angle.ptnr3_label_seq_id 
_pdbx_struct_conn_angle.ptnr3_auth_atom_id 
_pdbx_struct_conn_angle.ptnr3_auth_asym_id 
_pdbx_struct_conn_angle.ptnr3_auth_comp_id 
_pdbx_struct_conn_angle.ptnr3_auth_seq_id 
_pdbx_struct_conn_angle.ptnr3_PDB_ins_code 
_pdbx_struct_conn_angle.ptnr3_symmetry 
_pdbx_struct_conn_angle.value 
_pdbx_struct_conn_angle.value_esd 
1 ND1 ? A HIS 38 ? A HIS 37 ? 1_555 CU ? B CU . ? A CU 100 ? 1_555 SG  ? A CYS 83 ? A CYS 84 ? 1_555 125.3 ? 
2 ND1 ? A HIS 38 ? A HIS 37 ? 1_555 CU ? B CU . ? A CU 100 ? 1_555 ND1 ? A HIS 86 ? A HIS 87 ? 1_555 104.4 ? 
3 SG  ? A CYS 83 ? A CYS 84 ? 1_555 CU ? B CU . ? A CU 100 ? 1_555 ND1 ? A HIS 86 ? A HIS 87 ? 1_555 120.3 ? 
# 
loop_
_struct_mon_prot_cis.pdbx_id 
_struct_mon_prot_cis.label_comp_id 
_struct_mon_prot_cis.label_seq_id 
_struct_mon_prot_cis.label_asym_id 
_struct_mon_prot_cis.label_alt_id 
_struct_mon_prot_cis.pdbx_PDB_ins_code 
_struct_mon_prot_cis.auth_comp_id 
_struct_mon_prot_cis.auth_seq_id 
_struct_mon_prot_cis.auth_asym_id 
_struct_mon_prot_cis.pdbx_label_comp_id_2 
_struct_mon_prot_cis.pdbx_label_seq_id_2 
_struct_mon_prot_cis.pdbx_label_asym_id_2 
_struct_mon_prot_cis.pdbx_PDB_ins_code_2 
_struct_mon_prot_cis.pdbx_auth_comp_id_2 
_struct_mon_prot_cis.pdbx_auth_seq_id_2 
_struct_mon_prot_cis.pdbx_auth_asym_id_2 
_struct_mon_prot_cis.pdbx_PDB_model_num 
_struct_mon_prot_cis.pdbx_omega_angle 
1 VAL 16 A . ? VAL 15 A PRO 17 A ? PRO 16 A 1 -1.07 
2 PHE 36 A . ? PHE 35 A PRO 37 A ? PRO 36 A 1 0.81  
# 
loop_
_struct_sheet.id 
_struct_sheet.type 
_struct_sheet.number_strands 
_struct_sheet.details 
I  ? 4 ? 
II ? 4 ? 
# 
loop_
_struct_sheet_order.sheet_id 
_struct_sheet_order.range_id_1 
_struct_sheet_order.range_id_2 
_struct_sheet_order.offset 
_struct_sheet_order.sense 
I  1 2 ? anti-parallel 
I  2 3 ? parallel      
I  3 4 ? anti-parallel 
II 1 2 ? parallel      
II 2 3 ? anti-parallel 
II 3 4 ? anti-parallel 
# 
loop_
_struct_sheet_range.sheet_id 
_struct_sheet_range.id 
_struct_sheet_range.beg_label_comp_id 
_struct_sheet_range.beg_label_asym_id 
_struct_sheet_range.beg_label_seq_id 
_struct_sheet_range.pdbx_beg_PDB_ins_code 
_struct_sheet_range.end_label_comp_id 
_struct_sheet_range.end_label_asym_id 
_struct_sheet_range.end_label_seq_id 
_struct_sheet_range.pdbx_end_PDB_ins_code 
_struct_sheet_range.beg_auth_comp_id 
_struct_sheet_range.beg_auth_asym_id 
_struct_sheet_range.beg_auth_seq_id 
_struct_sheet_range.end_auth_comp_id 
_struct_sheet_range.end_auth_asym_id 
_struct_sheet_range.end_auth_seq_id 
I  1 GLY A 11 ? VAL A 16 ? GLY A 10 VAL A 15 
I  2 ALA A 2  ? GLY A 8  ? ALA A 1  GLY A 7  
I  3 GLU A 26 ? ASN A 33 ? GLU A 25 ASN A 32 
I  4 GLY A 66 ? LEU A 73 ? GLY A 67 LEU A 74 
II 1 ASN A 18 ? VAL A 22 ? ASN A 17 VAL A 21 
II 2 MET A 91 ? GLN A 98 ? MET A 92 GLN A 99 
II 3 GLY A 77 ? CYS A 83 ? GLY A 78 CYS A 84 
II 4 PRO A 37 ? PRO A 48 ? PRO A 36 PRO A 47 
# 
loop_
_pdbx_struct_sheet_hbond.sheet_id 
_pdbx_struct_sheet_hbond.range_id_1 
_pdbx_struct_sheet_hbond.range_id_2 
_pdbx_struct_sheet_hbond.range_1_label_atom_id 
_pdbx_struct_sheet_hbond.range_1_label_comp_id 
_pdbx_struct_sheet_hbond.range_1_label_asym_id 
_pdbx_struct_sheet_hbond.range_1_label_seq_id 
_pdbx_struct_sheet_hbond.range_1_PDB_ins_code 
_pdbx_struct_sheet_hbond.range_1_auth_atom_id 
_pdbx_struct_sheet_hbond.range_1_auth_comp_id 
_pdbx_struct_sheet_hbond.range_1_auth_asym_id 
_pdbx_struct_sheet_hbond.range_1_auth_seq_id 
_pdbx_struct_sheet_hbond.range_2_label_atom_id 
_pdbx_struct_sheet_hbond.range_2_label_comp_id 
_pdbx_struct_sheet_hbond.range_2_label_asym_id 
_pdbx_struct_sheet_hbond.range_2_label_seq_id 
_pdbx_struct_sheet_hbond.range_2_PDB_ins_code 
_pdbx_struct_sheet_hbond.range_2_auth_atom_id 
_pdbx_struct_sheet_hbond.range_2_auth_comp_id 
_pdbx_struct_sheet_hbond.range_2_auth_asym_id 
_pdbx_struct_sheet_hbond.range_2_auth_seq_id 
I  1 2 O VAL A 16 ? O VAL A 15 N LYS A 5  ? N LYS A 4  
I  2 3 N ALA A 2  ? N ALA A 1  O SER A 27 ? O SER A 26 
I  3 4 N ASN A 32 ? N ASN A 31 O GLN A 67 ? O GLN A 68 
II 1 2 O ASN A 18 ? O ASN A 17 N THR A 94 ? N THR A 95 
II 2 3 O VAL A 97 ? O VAL A 98 N GLY A 77 ? N GLY A 78 
II 3 4 O TYR A 82 ? O TYR A 83 N VAL A 41 ? N VAL A 40 
# 
_struct_site.id                   AC1 
_struct_site.pdbx_evidence_code   Software 
_struct_site.pdbx_auth_asym_id    A 
_struct_site.pdbx_auth_comp_id    CU 
_struct_site.pdbx_auth_seq_id     100 
_struct_site.pdbx_auth_ins_code   ? 
_struct_site.pdbx_num_residues    5 
_struct_site.details              'BINDING SITE FOR RESIDUE CU A 100' 
# 
loop_
_struct_site_gen.id 
_struct_site_gen.site_id 
_struct_site_gen.pdbx_num_res 
_struct_site_gen.label_comp_id 
_struct_site_gen.label_asym_id 
_struct_site_gen.label_seq_id 
_struct_site_gen.pdbx_auth_ins_code 
_struct_site_gen.auth_comp_id 
_struct_site_gen.auth_asym_id 
_struct_site_gen.auth_seq_id 
_struct_site_gen.label_atom_id 
_struct_site_gen.label_alt_id 
_struct_site_gen.symmetry 
_struct_site_gen.details 
1 AC1 5 PRO A 37 ? PRO A 36 . ? 1_555 ? 
2 AC1 5 HIS A 38 ? HIS A 37 . ? 1_555 ? 
3 AC1 5 CYS A 83 ? CYS A 84 . ? 1_555 ? 
4 AC1 5 HIS A 86 ? HIS A 87 . ? 1_555 ? 
5 AC1 5 MET A 91 ? MET A 92 . ? 1_555 ? 
# 
loop_
_pdbx_validate_rmsd_bond.id 
_pdbx_validate_rmsd_bond.PDB_model_num 
_pdbx_validate_rmsd_bond.auth_atom_id_1 
_pdbx_validate_rmsd_bond.auth_asym_id_1 
_pdbx_validate_rmsd_bond.auth_comp_id_1 
_pdbx_validate_rmsd_bond.auth_seq_id_1 
_pdbx_validate_rmsd_bond.PDB_ins_code_1 
_pdbx_validate_rmsd_bond.label_alt_id_1 
_pdbx_validate_rmsd_bond.auth_atom_id_2 
_pdbx_validate_rmsd_bond.auth_asym_id_2 
_pdbx_validate_rmsd_bond.auth_comp_id_2 
_pdbx_validate_rmsd_bond.auth_seq_id_2 
_pdbx_validate_rmsd_bond.PDB_ins_code_2 
_pdbx_validate_rmsd_bond.label_alt_id_2 
_pdbx_validate_rmsd_bond.bond_value 
_pdbx_validate_rmsd_bond.bond_target_value 
_pdbx_validate_rmsd_bond.bond_deviation 
_pdbx_validate_rmsd_bond.bond_standard_deviation 
_pdbx_validate_rmsd_bond.linker_flag 
1 1 CD A GLU 25 ? ? OE2 A GLU 25 ? ? 1.327 1.252 0.075 0.011 N 
2 1 CD A GLU 43 ? A OE2 A GLU 43 ? A 1.318 1.252 0.066 0.011 N 
# 
loop_
_pdbx_validate_rmsd_angle.id 
_pdbx_validate_rmsd_angle.PDB_model_num 
_pdbx_validate_rmsd_angle.auth_atom_id_1 
_pdbx_validate_rmsd_angle.auth_asym_id_1 
_pdbx_validate_rmsd_angle.auth_comp_id_1 
_pdbx_validate_rmsd_angle.auth_seq_id_1 
_pdbx_validate_rmsd_angle.PDB_ins_code_1 
_pdbx_validate_rmsd_angle.label_alt_id_1 
_pdbx_validate_rmsd_angle.auth_atom_id_2 
_pdbx_validate_rmsd_angle.auth_asym_id_2 
_pdbx_validate_rmsd_angle.auth_comp_id_2 
_pdbx_validate_rmsd_angle.auth_seq_id_2 
_pdbx_validate_rmsd_angle.PDB_ins_code_2 
_pdbx_validate_rmsd_angle.label_alt_id_2 
_pdbx_validate_rmsd_angle.auth_atom_id_3 
_pdbx_validate_rmsd_angle.auth_asym_id_3 
_pdbx_validate_rmsd_angle.auth_comp_id_3 
_pdbx_validate_rmsd_angle.auth_seq_id_3 
_pdbx_validate_rmsd_angle.PDB_ins_code_3 
_pdbx_validate_rmsd_angle.label_alt_id_3 
_pdbx_validate_rmsd_angle.angle_value 
_pdbx_validate_rmsd_angle.angle_target_value 
_pdbx_validate_rmsd_angle.angle_deviation 
_pdbx_validate_rmsd_angle.angle_standard_deviation 
_pdbx_validate_rmsd_angle.linker_flag 
1 1 CB A ASP 8  ? ? CG A ASP 8  ? ? OD1 A ASP 8  ? ? 124.70 118.30 6.40  0.90 N 
2 1 CB A ASP 42 ? ? CG A ASP 42 ? ? OD1 A ASP 42 ? ? 123.72 118.30 5.42  0.90 N 
3 1 CA A GLU 43 ? A CB A GLU 43 ? A CG  A GLU 43 ? A 135.51 113.40 22.11 2.20 N 
4 1 CB A ASP 61 ? A CG A ASP 61 ? A OD1 A ASP 61 ? A 125.80 118.30 7.50  0.90 N 
5 1 CB A ASP 61 ? B CG A ASP 61 ? B OD1 A ASP 61 ? B 123.71 118.30 5.41  0.90 N 
6 1 CB A ASP 61 ? A CG A ASP 61 ? A OD2 A ASP 61 ? A 112.69 118.30 -5.61 0.90 N 
7 1 NE A ARG 72 ? ? CZ A ARG 72 ? ? NH2 A ARG 72 ? ? 115.69 120.30 -4.61 0.50 N 
# 
_pdbx_validate_torsion.id              1 
_pdbx_validate_torsion.PDB_model_num   1 
_pdbx_validate_torsion.auth_comp_id    ALA 
_pdbx_validate_torsion.auth_asym_id    A 
_pdbx_validate_torsion.auth_seq_id     45 
_pdbx_validate_torsion.PDB_ins_code    ? 
_pdbx_validate_torsion.label_alt_id    ? 
_pdbx_validate_torsion.phi             -143.38 
_pdbx_validate_torsion.psi             55.67 
# 
loop_
_chem_comp_atom.comp_id 
_chem_comp_atom.atom_id 
_chem_comp_atom.type_symbol 
_chem_comp_atom.pdbx_aromatic_flag 
_chem_comp_atom.pdbx_stereo_config 
_chem_comp_atom.pdbx_ordinal 
ALA N    N  N N 1   
ALA CA   C  N S 2   
ALA C    C  N N 3   
ALA O    O  N N 4   
ALA CB   C  N N 5   
ALA OXT  O  N N 6   
ALA H    H  N N 7   
ALA H2   H  N N 8   
ALA HA   H  N N 9   
ALA HB1  H  N N 10  
ALA HB2  H  N N 11  
ALA HB3  H  N N 12  
ALA HXT  H  N N 13  
ARG N    N  N N 14  
ARG CA   C  N S 15  
ARG C    C  N N 16  
ARG O    O  N N 17  
ARG CB   C  N N 18  
ARG CG   C  N N 19  
ARG CD   C  N N 20  
ARG NE   N  N N 21  
ARG CZ   C  N N 22  
ARG NH1  N  N N 23  
ARG NH2  N  N N 24  
ARG OXT  O  N N 25  
ARG H    H  N N 26  
ARG H2   H  N N 27  
ARG HA   H  N N 28  
ARG HB2  H  N N 29  
ARG HB3  H  N N 30  
ARG HG2  H  N N 31  
ARG HG3  H  N N 32  
ARG HD2  H  N N 33  
ARG HD3  H  N N 34  
ARG HE   H  N N 35  
ARG HH11 H  N N 36  
ARG HH12 H  N N 37  
ARG HH21 H  N N 38  
ARG HH22 H  N N 39  
ARG HXT  H  N N 40  
ASN N    N  N N 41  
ASN CA   C  N S 42  
ASN C    C  N N 43  
ASN O    O  N N 44  
ASN CB   C  N N 45  
ASN CG   C  N N 46  
ASN OD1  O  N N 47  
ASN ND2  N  N N 48  
ASN OXT  O  N N 49  
ASN H    H  N N 50  
ASN H2   H  N N 51  
ASN HA   H  N N 52  
ASN HB2  H  N N 53  
ASN HB3  H  N N 54  
ASN HD21 H  N N 55  
ASN HD22 H  N N 56  
ASN HXT  H  N N 57  
ASP N    N  N N 58  
ASP CA   C  N S 59  
ASP C    C  N N 60  
ASP O    O  N N 61  
ASP CB   C  N N 62  
ASP CG   C  N N 63  
ASP OD1  O  N N 64  
ASP OD2  O  N N 65  
ASP OXT  O  N N 66  
ASP H    H  N N 67  
ASP H2   H  N N 68  
ASP HA   H  N N 69  
ASP HB2  H  N N 70  
ASP HB3  H  N N 71  
ASP HD2  H  N N 72  
ASP HXT  H  N N 73  
CU  CU   CU N N 74  
CYS N    N  N N 75  
CYS CA   C  N R 76  
CYS C    C  N N 77  
CYS O    O  N N 78  
CYS CB   C  N N 79  
CYS SG   S  N N 80  
CYS OXT  O  N N 81  
CYS H    H  N N 82  
CYS H2   H  N N 83  
CYS HA   H  N N 84  
CYS HB2  H  N N 85  
CYS HB3  H  N N 86  
CYS HG   H  N N 87  
CYS HXT  H  N N 88  
GLN N    N  N N 89  
GLN CA   C  N S 90  
GLN C    C  N N 91  
GLN O    O  N N 92  
GLN CB   C  N N 93  
GLN CG   C  N N 94  
GLN CD   C  N N 95  
GLN OE1  O  N N 96  
GLN NE2  N  N N 97  
GLN OXT  O  N N 98  
GLN H    H  N N 99  
GLN H2   H  N N 100 
GLN HA   H  N N 101 
GLN HB2  H  N N 102 
GLN HB3  H  N N 103 
GLN HG2  H  N N 104 
GLN HG3  H  N N 105 
GLN HE21 H  N N 106 
GLN HE22 H  N N 107 
GLN HXT  H  N N 108 
GLU N    N  N N 109 
GLU CA   C  N S 110 
GLU C    C  N N 111 
GLU O    O  N N 112 
GLU CB   C  N N 113 
GLU CG   C  N N 114 
GLU CD   C  N N 115 
GLU OE1  O  N N 116 
GLU OE2  O  N N 117 
GLU OXT  O  N N 118 
GLU H    H  N N 119 
GLU H2   H  N N 120 
GLU HA   H  N N 121 
GLU HB2  H  N N 122 
GLU HB3  H  N N 123 
GLU HG2  H  N N 124 
GLU HG3  H  N N 125 
GLU HE2  H  N N 126 
GLU HXT  H  N N 127 
GLY N    N  N N 128 
GLY CA   C  N N 129 
GLY C    C  N N 130 
GLY O    O  N N 131 
GLY OXT  O  N N 132 
GLY H    H  N N 133 
GLY H2   H  N N 134 
GLY HA2  H  N N 135 
GLY HA3  H  N N 136 
GLY HXT  H  N N 137 
HIS N    N  N N 138 
HIS CA   C  N S 139 
HIS C    C  N N 140 
HIS O    O  N N 141 
HIS CB   C  N N 142 
HIS CG   C  Y N 143 
HIS ND1  N  Y N 144 
HIS CD2  C  Y N 145 
HIS CE1  C  Y N 146 
HIS NE2  N  Y N 147 
HIS OXT  O  N N 148 
HIS H    H  N N 149 
HIS H2   H  N N 150 
HIS HA   H  N N 151 
HIS HB2  H  N N 152 
HIS HB3  H  N N 153 
HIS HD1  H  N N 154 
HIS HD2  H  N N 155 
HIS HE1  H  N N 156 
HIS HE2  H  N N 157 
HIS HXT  H  N N 158 
HOH O    O  N N 159 
HOH H1   H  N N 160 
HOH H2   H  N N 161 
ILE N    N  N N 162 
ILE CA   C  N S 163 
ILE C    C  N N 164 
ILE O    O  N N 165 
ILE CB   C  N S 166 
ILE CG1  C  N N 167 
ILE CG2  C  N N 168 
ILE CD1  C  N N 169 
ILE OXT  O  N N 170 
ILE H    H  N N 171 
ILE H2   H  N N 172 
ILE HA   H  N N 173 
ILE HB   H  N N 174 
ILE HG12 H  N N 175 
ILE HG13 H  N N 176 
ILE HG21 H  N N 177 
ILE HG22 H  N N 178 
ILE HG23 H  N N 179 
ILE HD11 H  N N 180 
ILE HD12 H  N N 181 
ILE HD13 H  N N 182 
ILE HXT  H  N N 183 
LEU N    N  N N 184 
LEU CA   C  N S 185 
LEU C    C  N N 186 
LEU O    O  N N 187 
LEU CB   C  N N 188 
LEU CG   C  N N 189 
LEU CD1  C  N N 190 
LEU CD2  C  N N 191 
LEU OXT  O  N N 192 
LEU H    H  N N 193 
LEU H2   H  N N 194 
LEU HA   H  N N 195 
LEU HB2  H  N N 196 
LEU HB3  H  N N 197 
LEU HG   H  N N 198 
LEU HD11 H  N N 199 
LEU HD12 H  N N 200 
LEU HD13 H  N N 201 
LEU HD21 H  N N 202 
LEU HD22 H  N N 203 
LEU HD23 H  N N 204 
LEU HXT  H  N N 205 
LYS N    N  N N 206 
LYS CA   C  N S 207 
LYS C    C  N N 208 
LYS O    O  N N 209 
LYS CB   C  N N 210 
LYS CG   C  N N 211 
LYS CD   C  N N 212 
LYS CE   C  N N 213 
LYS NZ   N  N N 214 
LYS OXT  O  N N 215 
LYS H    H  N N 216 
LYS H2   H  N N 217 
LYS HA   H  N N 218 
LYS HB2  H  N N 219 
LYS HB3  H  N N 220 
LYS HG2  H  N N 221 
LYS HG3  H  N N 222 
LYS HD2  H  N N 223 
LYS HD3  H  N N 224 
LYS HE2  H  N N 225 
LYS HE3  H  N N 226 
LYS HZ1  H  N N 227 
LYS HZ2  H  N N 228 
LYS HZ3  H  N N 229 
LYS HXT  H  N N 230 
MET N    N  N N 231 
MET CA   C  N S 232 
MET C    C  N N 233 
MET O    O  N N 234 
MET CB   C  N N 235 
MET CG   C  N N 236 
MET SD   S  N N 237 
MET CE   C  N N 238 
MET OXT  O  N N 239 
MET H    H  N N 240 
MET H2   H  N N 241 
MET HA   H  N N 242 
MET HB2  H  N N 243 
MET HB3  H  N N 244 
MET HG2  H  N N 245 
MET HG3  H  N N 246 
MET HE1  H  N N 247 
MET HE2  H  N N 248 
MET HE3  H  N N 249 
MET HXT  H  N N 250 
PHE N    N  N N 251 
PHE CA   C  N S 252 
PHE C    C  N N 253 
PHE O    O  N N 254 
PHE CB   C  N N 255 
PHE CG   C  Y N 256 
PHE CD1  C  Y N 257 
PHE CD2  C  Y N 258 
PHE CE1  C  Y N 259 
PHE CE2  C  Y N 260 
PHE CZ   C  Y N 261 
PHE OXT  O  N N 262 
PHE H    H  N N 263 
PHE H2   H  N N 264 
PHE HA   H  N N 265 
PHE HB2  H  N N 266 
PHE HB3  H  N N 267 
PHE HD1  H  N N 268 
PHE HD2  H  N N 269 
PHE HE1  H  N N 270 
PHE HE2  H  N N 271 
PHE HZ   H  N N 272 
PHE HXT  H  N N 273 
PRO N    N  N N 274 
PRO CA   C  N S 275 
PRO C    C  N N 276 
PRO O    O  N N 277 
PRO CB   C  N N 278 
PRO CG   C  N N 279 
PRO CD   C  N N 280 
PRO OXT  O  N N 281 
PRO H    H  N N 282 
PRO HA   H  N N 283 
PRO HB2  H  N N 284 
PRO HB3  H  N N 285 
PRO HG2  H  N N 286 
PRO HG3  H  N N 287 
PRO HD2  H  N N 288 
PRO HD3  H  N N 289 
PRO HXT  H  N N 290 
SER N    N  N N 291 
SER CA   C  N S 292 
SER C    C  N N 293 
SER O    O  N N 294 
SER CB   C  N N 295 
SER OG   O  N N 296 
SER OXT  O  N N 297 
SER H    H  N N 298 
SER H2   H  N N 299 
SER HA   H  N N 300 
SER HB2  H  N N 301 
SER HB3  H  N N 302 
SER HG   H  N N 303 
SER HXT  H  N N 304 
THR N    N  N N 305 
THR CA   C  N S 306 
THR C    C  N N 307 
THR O    O  N N 308 
THR CB   C  N R 309 
THR OG1  O  N N 310 
THR CG2  C  N N 311 
THR OXT  O  N N 312 
THR H    H  N N 313 
THR H2   H  N N 314 
THR HA   H  N N 315 
THR HB   H  N N 316 
THR HG1  H  N N 317 
THR HG21 H  N N 318 
THR HG22 H  N N 319 
THR HG23 H  N N 320 
THR HXT  H  N N 321 
TYR N    N  N N 322 
TYR CA   C  N S 323 
TYR C    C  N N 324 
TYR O    O  N N 325 
TYR CB   C  N N 326 
TYR CG   C  Y N 327 
TYR CD1  C  Y N 328 
TYR CD2  C  Y N 329 
TYR CE1  C  Y N 330 
TYR CE2  C  Y N 331 
TYR CZ   C  Y N 332 
TYR OH   O  N N 333 
TYR OXT  O  N N 334 
TYR H    H  N N 335 
TYR H2   H  N N 336 
TYR HA   H  N N 337 
TYR HB2  H  N N 338 
TYR HB3  H  N N 339 
TYR HD1  H  N N 340 
TYR HD2  H  N N 341 
TYR HE1  H  N N 342 
TYR HE2  H  N N 343 
TYR HH   H  N N 344 
TYR HXT  H  N N 345 
VAL N    N  N N 346 
VAL CA   C  N S 347 
VAL C    C  N N 348 
VAL O    O  N N 349 
VAL CB   C  N N 350 
VAL CG1  C  N N 351 
VAL CG2  C  N N 352 
VAL OXT  O  N N 353 
VAL H    H  N N 354 
VAL H2   H  N N 355 
VAL HA   H  N N 356 
VAL HB   H  N N 357 
VAL HG11 H  N N 358 
VAL HG12 H  N N 359 
VAL HG13 H  N N 360 
VAL HG21 H  N N 361 
VAL HG22 H  N N 362 
VAL HG23 H  N N 363 
VAL HXT  H  N N 364 
# 
loop_
_chem_comp_bond.comp_id 
_chem_comp_bond.atom_id_1 
_chem_comp_bond.atom_id_2 
_chem_comp_bond.value_order 
_chem_comp_bond.pdbx_aromatic_flag 
_chem_comp_bond.pdbx_stereo_config 
_chem_comp_bond.pdbx_ordinal 
ALA N   CA   sing N N 1   
ALA N   H    sing N N 2   
ALA N   H2   sing N N 3   
ALA CA  C    sing N N 4   
ALA CA  CB   sing N N 5   
ALA CA  HA   sing N N 6   
ALA C   O    doub N N 7   
ALA C   OXT  sing N N 8   
ALA CB  HB1  sing N N 9   
ALA CB  HB2  sing N N 10  
ALA CB  HB3  sing N N 11  
ALA OXT HXT  sing N N 12  
ARG N   CA   sing N N 13  
ARG N   H    sing N N 14  
ARG N   H2   sing N N 15  
ARG CA  C    sing N N 16  
ARG CA  CB   sing N N 17  
ARG CA  HA   sing N N 18  
ARG C   O    doub N N 19  
ARG C   OXT  sing N N 20  
ARG CB  CG   sing N N 21  
ARG CB  HB2  sing N N 22  
ARG CB  HB3  sing N N 23  
ARG CG  CD   sing N N 24  
ARG CG  HG2  sing N N 25  
ARG CG  HG3  sing N N 26  
ARG CD  NE   sing N N 27  
ARG CD  HD2  sing N N 28  
ARG CD  HD3  sing N N 29  
ARG NE  CZ   sing N N 30  
ARG NE  HE   sing N N 31  
ARG CZ  NH1  sing N N 32  
ARG CZ  NH2  doub N N 33  
ARG NH1 HH11 sing N N 34  
ARG NH1 HH12 sing N N 35  
ARG NH2 HH21 sing N N 36  
ARG NH2 HH22 sing N N 37  
ARG OXT HXT  sing N N 38  
ASN N   CA   sing N N 39  
ASN N   H    sing N N 40  
ASN N   H2   sing N N 41  
ASN CA  C    sing N N 42  
ASN CA  CB   sing N N 43  
ASN CA  HA   sing N N 44  
ASN C   O    doub N N 45  
ASN C   OXT  sing N N 46  
ASN CB  CG   sing N N 47  
ASN CB  HB2  sing N N 48  
ASN CB  HB3  sing N N 49  
ASN CG  OD1  doub N N 50  
ASN CG  ND2  sing N N 51  
ASN ND2 HD21 sing N N 52  
ASN ND2 HD22 sing N N 53  
ASN OXT HXT  sing N N 54  
ASP N   CA   sing N N 55  
ASP N   H    sing N N 56  
ASP N   H2   sing N N 57  
ASP CA  C    sing N N 58  
ASP CA  CB   sing N N 59  
ASP CA  HA   sing N N 60  
ASP C   O    doub N N 61  
ASP C   OXT  sing N N 62  
ASP CB  CG   sing N N 63  
ASP CB  HB2  sing N N 64  
ASP CB  HB3  sing N N 65  
ASP CG  OD1  doub N N 66  
ASP CG  OD2  sing N N 67  
ASP OD2 HD2  sing N N 68  
ASP OXT HXT  sing N N 69  
CYS N   CA   sing N N 70  
CYS N   H    sing N N 71  
CYS N   H2   sing N N 72  
CYS CA  C    sing N N 73  
CYS CA  CB   sing N N 74  
CYS CA  HA   sing N N 75  
CYS C   O    doub N N 76  
CYS C   OXT  sing N N 77  
CYS CB  SG   sing N N 78  
CYS CB  HB2  sing N N 79  
CYS CB  HB3  sing N N 80  
CYS SG  HG   sing N N 81  
CYS OXT HXT  sing N N 82  
GLN N   CA   sing N N 83  
GLN N   H    sing N N 84  
GLN N   H2   sing N N 85  
GLN CA  C    sing N N 86  
GLN CA  CB   sing N N 87  
GLN CA  HA   sing N N 88  
GLN C   O    doub N N 89  
GLN C   OXT  sing N N 90  
GLN CB  CG   sing N N 91  
GLN CB  HB2  sing N N 92  
GLN CB  HB3  sing N N 93  
GLN CG  CD   sing N N 94  
GLN CG  HG2  sing N N 95  
GLN CG  HG3  sing N N 96  
GLN CD  OE1  doub N N 97  
GLN CD  NE2  sing N N 98  
GLN NE2 HE21 sing N N 99  
GLN NE2 HE22 sing N N 100 
GLN OXT HXT  sing N N 101 
GLU N   CA   sing N N 102 
GLU N   H    sing N N 103 
GLU N   H2   sing N N 104 
GLU CA  C    sing N N 105 
GLU CA  CB   sing N N 106 
GLU CA  HA   sing N N 107 
GLU C   O    doub N N 108 
GLU C   OXT  sing N N 109 
GLU CB  CG   sing N N 110 
GLU CB  HB2  sing N N 111 
GLU CB  HB3  sing N N 112 
GLU CG  CD   sing N N 113 
GLU CG  HG2  sing N N 114 
GLU CG  HG3  sing N N 115 
GLU CD  OE1  doub N N 116 
GLU CD  OE2  sing N N 117 
GLU OE2 HE2  sing N N 118 
GLU OXT HXT  sing N N 119 
GLY N   CA   sing N N 120 
GLY N   H    sing N N 121 
GLY N   H2   sing N N 122 
GLY CA  C    sing N N 123 
GLY CA  HA2  sing N N 124 
GLY CA  HA3  sing N N 125 
GLY C   O    doub N N 126 
GLY C   OXT  sing N N 127 
GLY OXT HXT  sing N N 128 
HIS N   CA   sing N N 129 
HIS N   H    sing N N 130 
HIS N   H2   sing N N 131 
HIS CA  C    sing N N 132 
HIS CA  CB   sing N N 133 
HIS CA  HA   sing N N 134 
HIS C   O    doub N N 135 
HIS C   OXT  sing N N 136 
HIS CB  CG   sing N N 137 
HIS CB  HB2  sing N N 138 
HIS CB  HB3  sing N N 139 
HIS CG  ND1  sing Y N 140 
HIS CG  CD2  doub Y N 141 
HIS ND1 CE1  doub Y N 142 
HIS ND1 HD1  sing N N 143 
HIS CD2 NE2  sing Y N 144 
HIS CD2 HD2  sing N N 145 
HIS CE1 NE2  sing Y N 146 
HIS CE1 HE1  sing N N 147 
HIS NE2 HE2  sing N N 148 
HIS OXT HXT  sing N N 149 
HOH O   H1   sing N N 150 
HOH O   H2   sing N N 151 
ILE N   CA   sing N N 152 
ILE N   H    sing N N 153 
ILE N   H2   sing N N 154 
ILE CA  C    sing N N 155 
ILE CA  CB   sing N N 156 
ILE CA  HA   sing N N 157 
ILE C   O    doub N N 158 
ILE C   OXT  sing N N 159 
ILE CB  CG1  sing N N 160 
ILE CB  CG2  sing N N 161 
ILE CB  HB   sing N N 162 
ILE CG1 CD1  sing N N 163 
ILE CG1 HG12 sing N N 164 
ILE CG1 HG13 sing N N 165 
ILE CG2 HG21 sing N N 166 
ILE CG2 HG22 sing N N 167 
ILE CG2 HG23 sing N N 168 
ILE CD1 HD11 sing N N 169 
ILE CD1 HD12 sing N N 170 
ILE CD1 HD13 sing N N 171 
ILE OXT HXT  sing N N 172 
LEU N   CA   sing N N 173 
LEU N   H    sing N N 174 
LEU N   H2   sing N N 175 
LEU CA  C    sing N N 176 
LEU CA  CB   sing N N 177 
LEU CA  HA   sing N N 178 
LEU C   O    doub N N 179 
LEU C   OXT  sing N N 180 
LEU CB  CG   sing N N 181 
LEU CB  HB2  sing N N 182 
LEU CB  HB3  sing N N 183 
LEU CG  CD1  sing N N 184 
LEU CG  CD2  sing N N 185 
LEU CG  HG   sing N N 186 
LEU CD1 HD11 sing N N 187 
LEU CD1 HD12 sing N N 188 
LEU CD1 HD13 sing N N 189 
LEU CD2 HD21 sing N N 190 
LEU CD2 HD22 sing N N 191 
LEU CD2 HD23 sing N N 192 
LEU OXT HXT  sing N N 193 
LYS N   CA   sing N N 194 
LYS N   H    sing N N 195 
LYS N   H2   sing N N 196 
LYS CA  C    sing N N 197 
LYS CA  CB   sing N N 198 
LYS CA  HA   sing N N 199 
LYS C   O    doub N N 200 
LYS C   OXT  sing N N 201 
LYS CB  CG   sing N N 202 
LYS CB  HB2  sing N N 203 
LYS CB  HB3  sing N N 204 
LYS CG  CD   sing N N 205 
LYS CG  HG2  sing N N 206 
LYS CG  HG3  sing N N 207 
LYS CD  CE   sing N N 208 
LYS CD  HD2  sing N N 209 
LYS CD  HD3  sing N N 210 
LYS CE  NZ   sing N N 211 
LYS CE  HE2  sing N N 212 
LYS CE  HE3  sing N N 213 
LYS NZ  HZ1  sing N N 214 
LYS NZ  HZ2  sing N N 215 
LYS NZ  HZ3  sing N N 216 
LYS OXT HXT  sing N N 217 
MET N   CA   sing N N 218 
MET N   H    sing N N 219 
MET N   H2   sing N N 220 
MET CA  C    sing N N 221 
MET CA  CB   sing N N 222 
MET CA  HA   sing N N 223 
MET C   O    doub N N 224 
MET C   OXT  sing N N 225 
MET CB  CG   sing N N 226 
MET CB  HB2  sing N N 227 
MET CB  HB3  sing N N 228 
MET CG  SD   sing N N 229 
MET CG  HG2  sing N N 230 
MET CG  HG3  sing N N 231 
MET SD  CE   sing N N 232 
MET CE  HE1  sing N N 233 
MET CE  HE2  sing N N 234 
MET CE  HE3  sing N N 235 
MET OXT HXT  sing N N 236 
PHE N   CA   sing N N 237 
PHE N   H    sing N N 238 
PHE N   H2   sing N N 239 
PHE CA  C    sing N N 240 
PHE CA  CB   sing N N 241 
PHE CA  HA   sing N N 242 
PHE C   O    doub N N 243 
PHE C   OXT  sing N N 244 
PHE CB  CG   sing N N 245 
PHE CB  HB2  sing N N 246 
PHE CB  HB3  sing N N 247 
PHE CG  CD1  doub Y N 248 
PHE CG  CD2  sing Y N 249 
PHE CD1 CE1  sing Y N 250 
PHE CD1 HD1  sing N N 251 
PHE CD2 CE2  doub Y N 252 
PHE CD2 HD2  sing N N 253 
PHE CE1 CZ   doub Y N 254 
PHE CE1 HE1  sing N N 255 
PHE CE2 CZ   sing Y N 256 
PHE CE2 HE2  sing N N 257 
PHE CZ  HZ   sing N N 258 
PHE OXT HXT  sing N N 259 
PRO N   CA   sing N N 260 
PRO N   CD   sing N N 261 
PRO N   H    sing N N 262 
PRO CA  C    sing N N 263 
PRO CA  CB   sing N N 264 
PRO CA  HA   sing N N 265 
PRO C   O    doub N N 266 
PRO C   OXT  sing N N 267 
PRO CB  CG   sing N N 268 
PRO CB  HB2  sing N N 269 
PRO CB  HB3  sing N N 270 
PRO CG  CD   sing N N 271 
PRO CG  HG2  sing N N 272 
PRO CG  HG3  sing N N 273 
PRO CD  HD2  sing N N 274 
PRO CD  HD3  sing N N 275 
PRO OXT HXT  sing N N 276 
SER N   CA   sing N N 277 
SER N   H    sing N N 278 
SER N   H2   sing N N 279 
SER CA  C    sing N N 280 
SER CA  CB   sing N N 281 
SER CA  HA   sing N N 282 
SER C   O    doub N N 283 
SER C   OXT  sing N N 284 
SER CB  OG   sing N N 285 
SER CB  HB2  sing N N 286 
SER CB  HB3  sing N N 287 
SER OG  HG   sing N N 288 
SER OXT HXT  sing N N 289 
THR N   CA   sing N N 290 
THR N   H    sing N N 291 
THR N   H2   sing N N 292 
THR CA  C    sing N N 293 
THR CA  CB   sing N N 294 
THR CA  HA   sing N N 295 
THR C   O    doub N N 296 
THR C   OXT  sing N N 297 
THR CB  OG1  sing N N 298 
THR CB  CG2  sing N N 299 
THR CB  HB   sing N N 300 
THR OG1 HG1  sing N N 301 
THR CG2 HG21 sing N N 302 
THR CG2 HG22 sing N N 303 
THR CG2 HG23 sing N N 304 
THR OXT HXT  sing N N 305 
TYR N   CA   sing N N 306 
TYR N   H    sing N N 307 
TYR N   H2   sing N N 308 
TYR CA  C    sing N N 309 
TYR CA  CB   sing N N 310 
TYR CA  HA   sing N N 311 
TYR C   O    doub N N 312 
TYR C   OXT  sing N N 313 
TYR CB  CG   sing N N 314 
TYR CB  HB2  sing N N 315 
TYR CB  HB3  sing N N 316 
TYR CG  CD1  doub Y N 317 
TYR CG  CD2  sing Y N 318 
TYR CD1 CE1  sing Y N 319 
TYR CD1 HD1  sing N N 320 
TYR CD2 CE2  doub Y N 321 
TYR CD2 HD2  sing N N 322 
TYR CE1 CZ   doub Y N 323 
TYR CE1 HE1  sing N N 324 
TYR CE2 CZ   sing Y N 325 
TYR CE2 HE2  sing N N 326 
TYR CZ  OH   sing N N 327 
TYR OH  HH   sing N N 328 
TYR OXT HXT  sing N N 329 
VAL N   CA   sing N N 330 
VAL N   H    sing N N 331 
VAL N   H2   sing N N 332 
VAL CA  C    sing N N 333 
VAL CA  CB   sing N N 334 
VAL CA  HA   sing N N 335 
VAL C   O    doub N N 336 
VAL C   OXT  sing N N 337 
VAL CB  CG1  sing N N 338 
VAL CB  CG2  sing N N 339 
VAL CB  HB   sing N N 340 
VAL CG1 HG11 sing N N 341 
VAL CG1 HG12 sing N N 342 
VAL CG1 HG13 sing N N 343 
VAL CG2 HG21 sing N N 344 
VAL CG2 HG22 sing N N 345 
VAL CG2 HG23 sing N N 346 
VAL OXT HXT  sing N N 347 
# 
_atom_sites.entry_id                    7PCY 
_atom_sites.fract_transf_matrix[1][1]   -0.00792978 
_atom_sites.fract_transf_matrix[1][2]   -0.00230435 
_atom_sites.fract_transf_matrix[1][3]   0.01661392 
_atom_sites.fract_transf_matrix[2][1]   0.00913790 
_atom_sites.fract_transf_matrix[2][2]   -0.01600392 
_atom_sites.fract_transf_matrix[2][3]   0.00214175 
_atom_sites.fract_transf_matrix[3][1]   0.01276281 
_atom_sites.fract_transf_matrix[3][2]   0.00825576 
_atom_sites.fract_transf_matrix[3][3]   0.00723673 
_atom_sites.fract_transf_vector[1]      0.122357 
_atom_sites.fract_transf_vector[2]      0.300443 
_atom_sites.fract_transf_vector[3]      0.673756 
# 
loop_
_atom_sites_footnote.id 
_atom_sites_footnote.text 
1 'RESIDUES PRO 16 AND PRO 36 ARE CIS PROLINES.' 
2 'RESIDUES LYS 4, ASN 18, GLU 43, GLU 59, ASP 61, ASP 85, LYS 93, AND GLN 99 ARE DISORDERED.' 
3 'THERE IS A HYDROGEN BOND BETWEEN OD1 ASP 53 AND OE1(B) GLU 43.' 
4 
;SOLVENT MOLECULES 197 - 205 ARE DISORDERED.  EACH IS ASSOCIATED WITH A DISORDERED SIDE-CHAIN OR WITH ANOTHER WATER MOLECULE.  IN THE LATTER CASE, THE ALTERNATE POSITION IS INDICATED BY *B* IN THE ALTERNATE POSITION FIELD OF THE *HETATM* RECORD.  SOLVENT MOLECULES LABELLED *B* CORRESPOND TO THOSE MARKED WITH A PRIME IN THE PUBLICATION CITED ON THE *JRNL* RECORDS ABOVE.  EACH MEMBER OF A DISORDERED PAIR WAS REFINED WITH OCCUPANCY 0.5.
;
# 
loop_
_atom_type.symbol 
C  
CU 
H  
N  
O  
S  
# 
loop_
_atom_site.group_PDB 
_atom_site.id 
_atom_site.type_symbol 
_atom_site.label_atom_id 
_atom_site.label_alt_id 
_atom_site.label_comp_id 
_atom_site.label_asym_id 
_atom_site.label_entity_id 
_atom_site.label_seq_id 
_atom_site.pdbx_PDB_ins_code 
_atom_site.Cartn_x 
_atom_site.Cartn_y 
_atom_site.Cartn_z 
_atom_site.occupancy 
_atom_site.B_iso_or_equiv 
_atom_site.pdbx_formal_charge 
_atom_site.auth_seq_id 
_atom_site.auth_comp_id 
_atom_site.auth_asym_id 
_atom_site.auth_atom_id 
_atom_site.pdbx_PDB_model_num 
ATOM   1    N  N    . ALA A 1 1  ? -0.878  -2.613  14.746  1.00 33.90 ? 0   ALA A N    1 
ATOM   2    C  CA   . ALA A 1 1  ? -0.675  -1.536  13.732  1.00 32.48 ? 0   ALA A CA   1 
ATOM   3    C  C    . ALA A 1 1  ? 0.621   -1.761  12.950  1.00 26.78 ? 0   ALA A C    1 
ATOM   4    O  O    . ALA A 1 1  ? 1.728   -1.700  13.506  1.00 35.78 ? 0   ALA A O    1 
ATOM   5    C  CB   . ALA A 1 1  ? -0.708  -0.154  14.356  1.00 29.18 ? 0   ALA A CB   1 
ATOM   6    H  H1   . ALA A 1 1  ? -0.582  -3.440  14.475  1.00 33.77 ? 0   ALA A H1   1 
ATOM   7    H  H2   . ALA A 1 1  ? -0.455  -2.398  15.565  1.00 34.01 ? 0   ALA A H2   1 
ATOM   8    H  H3   . ALA A 1 1  ? -1.818  -2.672  14.935  1.00 33.94 ? 0   ALA A H3   1 
ATOM   9    H  HA   . ALA A 1 1  ? -1.439  -1.624  13.103  1.00 32.75 ? 0   ALA A HA   1 
ATOM   10   H  HB1  . ALA A 1 1  ? -0.167  -0.053  15.124  1.00 28.93 ? 0   ALA A HB1  1 
ATOM   11   H  HB2  . ALA A 1 1  ? -0.368  0.488   13.617  1.00 28.88 ? 0   ALA A HB2  1 
ATOM   12   H  HB3  . ALA A 1 1  ? -1.633  0.131   14.527  1.00 29.21 ? 0   ALA A HB3  1 
ATOM   13   N  N    . ALA A 1 2  ? 0.473   -2.010  11.683  1.00 18.77 ? 1   ALA A N    1 
ATOM   14   C  CA   . ALA A 1 2  ? 1.575   -2.265  10.763  1.00 15.37 ? 1   ALA A CA   1 
ATOM   15   C  C    . ALA A 1 2  ? 2.015   -0.988  10.035  1.00 12.66 ? 1   ALA A C    1 
ATOM   16   O  O    . ALA A 1 2  ? 1.197   -0.249  9.589   1.00 15.50 ? 1   ALA A O    1 
ATOM   17   C  CB   . ALA A 1 2  ? 1.146   -3.298  9.722   1.00 14.43 ? 1   ALA A CB   1 
ATOM   18   H  H    . ALA A 1 2  ? -0.337  -2.060  11.284  1.00 19.85 ? 1   ALA A H    1 
ATOM   19   H  HA   . ALA A 1 2  ? 2.335   -2.629  11.212  1.00 15.12 ? 1   ALA A HA   1 
ATOM   20   H  HB1  . ALA A 1 2  ? 0.859   -4.117  10.118  1.00 14.75 ? 1   ALA A HB1  1 
ATOM   21   H  HB2  . ALA A 1 2  ? 0.384   -2.878  9.207   1.00 14.15 ? 1   ALA A HB2  1 
ATOM   22   H  HB3  . ALA A 1 2  ? 1.888   -3.440  9.100   1.00 14.72 ? 1   ALA A HB3  1 
ATOM   23   N  N    . ILE A 1 3  ? 3.329   -0.873  9.960   1.00 13.46 ? 2   ILE A N    1 
ATOM   24   C  CA   . ILE A 1 3  ? 3.998   0.243   9.293   1.00 11.50 ? 2   ILE A CA   1 
ATOM   25   C  C    . ILE A 1 3  ? 4.690   -0.224  8.030   1.00 14.14 ? 2   ILE A C    1 
ATOM   26   O  O    . ILE A 1 3  ? 5.431   -1.215  8.025   1.00 13.38 ? 2   ILE A O    1 
ATOM   27   C  CB   . ILE A 1 3  ? 5.009   0.916   10.233  1.00 18.18 ? 2   ILE A CB   1 
ATOM   28   C  CG1  . ILE A 1 3  ? 4.193   1.658   11.280  1.00 20.88 ? 2   ILE A CG1  1 
ATOM   29   C  CG2  . ILE A 1 3  ? 5.990   1.818   9.506   1.00 14.74 ? 2   ILE A CG2  1 
ATOM   30   C  CD1  . ILE A 1 3  ? 4.859   2.033   12.574  1.00 31.18 ? 2   ILE A CD1  1 
ATOM   31   H  H    . ILE A 1 3  ? 3.906   -1.486  10.315  1.00 13.61 ? 2   ILE A H    1 
ATOM   32   H  HA   . ILE A 1 3  ? 3.322   0.918   9.078   1.00 11.37 ? 2   ILE A HA   1 
ATOM   33   H  HB   . ILE A 1 3  ? 5.487   0.186   10.684  1.00 18.12 ? 2   ILE A HB   1 
ATOM   34   H  HG12 . ILE A 1 3  ? 3.872   2.487   10.839  1.00 21.25 ? 2   ILE A HG12 1 
ATOM   35   H  HG13 . ILE A 1 3  ? 3.371   1.123   11.536  1.00 21.08 ? 2   ILE A HG13 1 
ATOM   36   H  HG21 . ILE A 1 3  ? 6.533   1.307   8.844   1.00 14.65 ? 2   ILE A HG21 1 
ATOM   37   H  HG22 . ILE A 1 3  ? 5.591   2.576   9.058   1.00 14.79 ? 2   ILE A HG22 1 
ATOM   38   H  HG23 . ILE A 1 3  ? 6.658   2.164   10.197  1.00 14.59 ? 2   ILE A HG23 1 
ATOM   39   H  HD11 . ILE A 1 3  ? 5.285   1.258   12.977  1.00 31.12 ? 2   ILE A HD11 1 
ATOM   40   H  HD12 . ILE A 1 3  ? 5.463   2.802   12.437  1.00 31.36 ? 2   ILE A HD12 1 
ATOM   41   H  HD13 . ILE A 1 3  ? 4.071   2.360   13.205  1.00 31.32 ? 2   ILE A HD13 1 
ATOM   42   N  N    . VAL A 1 4  ? 4.414   0.523   6.950   1.00 8.01  ? 3   VAL A N    1 
ATOM   43   C  CA   . VAL A 1 4  ? 5.006   0.277   5.644   1.00 9.93  ? 3   VAL A CA   1 
ATOM   44   C  C    . VAL A 1 4  ? 5.549   1.647   5.181   1.00 9.56  ? 3   VAL A C    1 
ATOM   45   O  O    . VAL A 1 4  ? 4.811   2.641   5.117   1.00 8.12  ? 3   VAL A O    1 
ATOM   46   C  CB   . VAL A 1 4  ? 4.040   -0.397  4.659   1.00 14.48 ? 3   VAL A CB   1 
ATOM   47   C  CG1  . VAL A 1 4  ? 4.633   -0.493  3.257   1.00 14.40 ? 3   VAL A CG1  1 
ATOM   48   C  CG2  . VAL A 1 4  ? 3.651   -1.814  5.082   1.00 19.54 ? 3   VAL A CG2  1 
ATOM   49   H  H    . VAL A 1 4  ? 3.898   1.234   6.982   1.00 8.06  ? 3   VAL A H    1 
ATOM   50   H  HA   . VAL A 1 4  ? 5.742   -0.369  5.660   1.00 9.77  ? 3   VAL A HA   1 
ATOM   51   H  HB   . VAL A 1 4  ? 3.212   0.132   4.630   1.00 13.64 ? 3   VAL A HB   1 
ATOM   52   H  HG11 . VAL A 1 4  ? 5.565   -0.931  3.379   1.00 14.50 ? 3   VAL A HG11 1 
ATOM   53   H  HG12 . VAL A 1 4  ? 4.198   -1.207  2.762   1.00 14.23 ? 3   VAL A HG12 1 
ATOM   54   H  HG13 . VAL A 1 4  ? 4.762   0.314   2.817   1.00 14.27 ? 3   VAL A HG13 1 
ATOM   55   H  HG21 . VAL A 1 4  ? 4.454   -2.414  5.121   1.00 19.08 ? 3   VAL A HG21 1 
ATOM   56   H  HG22 . VAL A 1 4  ? 3.183   -1.843  5.914   1.00 19.83 ? 3   VAL A HG22 1 
ATOM   57   H  HG23 . VAL A 1 4  ? 3.099   -2.220  4.378   1.00 19.62 ? 3   VAL A HG23 1 
ATOM   58   N  N    . LYS A 1 5  ? 6.836   1.664   4.854   1.00 8.71  ? 4   LYS A N    1 
ATOM   59   C  CA   . LYS A 1 5  ? 7.489   2.869   4.362   1.00 10.44 ? 4   LYS A CA   1 
ATOM   60   C  C    . LYS A 1 5  ? 7.375   2.870   2.829   1.00 7.51  ? 4   LYS A C    1 
ATOM   61   O  O    . LYS A 1 5  ? 7.485   1.817   2.201   1.00 7.73  ? 4   LYS A O    1 
ATOM   62   C  CB   . LYS A 1 5  ? 8.963   2.930   4.737   1.00 16.12 ? 4   LYS A CB   1 
ATOM   63   C  CG   A LYS A 1 5  ? 9.162   3.372   6.204   0.50 18.06 ? 4   LYS A CG   1 
ATOM   64   C  CG   B LYS A 1 5  ? 9.394   2.989   6.175   0.50 21.54 ? 4   LYS A CG   1 
ATOM   65   C  CD   A LYS A 1 5  ? 10.488  2.870   6.753   0.50 22.07 ? 4   LYS A CD   1 
ATOM   66   C  CD   B LYS A 1 5  ? 10.792  3.581   6.322   0.50 28.79 ? 4   LYS A CD   1 
ATOM   67   C  CE   A LYS A 1 5  ? 11.180  3.887   7.640   0.50 24.78 ? 4   LYS A CE   1 
ATOM   68   C  CE   B LYS A 1 5  ? 11.895  2.864   5.607   0.50 30.49 ? 4   LYS A CE   1 
ATOM   69   N  NZ   A LYS A 1 5  ? 10.192  4.617   8.481   0.50 27.50 ? 4   LYS A NZ   1 
ATOM   70   N  NZ   B LYS A 1 5  ? 12.613  1.897   6.474   0.50 33.92 ? 4   LYS A NZ   1 
ATOM   71   H  H    . LYS A 1 5  ? 7.346   0.946   4.888   1.00 8.97  ? 4   LYS A H    1 
ATOM   72   H  HA   . LYS A 1 5  ? 7.043   3.654   4.733   1.00 10.24 ? 4   LYS A HA   1 
ATOM   73   H  HB2  A LYS A 1 5  ? 9.391   2.044   4.637   0.50 15.94 ? 4   LYS A HB2  1 
ATOM   74   H  HB2  B LYS A 1 5  ? 9.427   2.114   4.319   0.50 16.10 ? 4   LYS A HB2  1 
ATOM   75   H  HB3  A LYS A 1 5  ? 9.399   3.580   4.138   0.50 16.10 ? 4   LYS A HB3  1 
ATOM   76   H  HB3  B LYS A 1 5  ? 9.341   3.715   4.223   0.50 16.20 ? 4   LYS A HB3  1 
ATOM   77   H  HG2  A LYS A 1 5  ? 9.046   4.344   6.309   0.50 17.81 ? 4   LYS A HG2  1 
ATOM   78   H  HG2  B LYS A 1 5  ? 8.748   3.591   6.709   0.50 21.34 ? 4   LYS A HG2  1 
ATOM   79   H  HG3  A LYS A 1 5  ? 8.432   2.965   6.763   0.50 18.00 ? 4   LYS A HG3  1 
ATOM   80   H  HG3  B LYS A 1 5  ? 9.366   2.126   6.628   0.50 21.64 ? 4   LYS A HG3  1 
ATOM   81   H  HD2  A LYS A 1 5  ? 10.331  2.055   7.300   0.50 21.87 ? 4   LYS A HD2  1 
ATOM   82   H  HD2  B LYS A 1 5  ? 10.754  4.525   5.899   0.50 28.89 ? 4   LYS A HD2  1 
ATOM   83   H  HD3  A LYS A 1 5  ? 11.091  2.615   6.006   0.50 22.06 ? 4   LYS A HD3  1 
ATOM   84   H  HD3  B LYS A 1 5  ? 11.014  3.731   7.268   0.50 28.82 ? 4   LYS A HD3  1 
ATOM   85   H  HE2  A LYS A 1 5  ? 11.806  3.404   8.264   0.50 24.74 ? 4   LYS A HE2  1 
ATOM   86   H  HE2  B LYS A 1 5  ? 11.614  2.400   4.794   0.50 30.60 ? 4   LYS A HE2  1 
ATOM   87   H  HE3  A LYS A 1 5  ? 11.701  4.542   7.134   0.50 24.71 ? 4   LYS A HE3  1 
ATOM   88   H  HE3  B LYS A 1 5  ? 12.606  3.545   5.339   0.50 30.66 ? 4   LYS A HE3  1 
ATOM   89   H  HZ1  A LYS A 1 5  ? 9.588   4.060   8.865   0.50 27.49 ? 4   LYS A HZ1  1 
ATOM   90   H  HZ1  B LYS A 1 5  ? 12.683  2.235   7.332   0.50 33.94 ? 4   LYS A HZ1  1 
ATOM   91   H  HZ2  A LYS A 1 5  ? 10.637  5.073   9.185   0.50 27.54 ? 4   LYS A HZ2  1 
ATOM   92   H  HZ2  B LYS A 1 5  ? 12.257  1.058   6.437   0.50 33.88 ? 4   LYS A HZ2  1 
ATOM   93   H  HZ3  A LYS A 1 5  ? 9.800   5.300   7.994   0.50 27.52 ? 4   LYS A HZ3  1 
ATOM   94   H  HZ3  B LYS A 1 5  ? 13.516  1.799   6.196   0.50 33.90 ? 4   LYS A HZ3  1 
ATOM   95   N  N    . LEU A 1 6  ? 7.180   4.065   2.287   1.00 7.83  ? 5   LEU A N    1 
ATOM   96   C  CA   . LEU A 1 6  ? 7.106   4.303   0.847   1.00 5.68  ? 5   LEU A CA   1 
ATOM   97   C  C    . LEU A 1 6  ? 8.471   4.870   0.392   1.00 7.08  ? 5   LEU A C    1 
ATOM   98   O  O    . LEU A 1 6  ? 8.732   6.063   0.589   1.00 10.84 ? 5   LEU A O    1 
ATOM   99   C  CB   . LEU A 1 6  ? 5.976   5.226   0.487   1.00 5.59  ? 5   LEU A CB   1 
ATOM   100  C  CG   . LEU A 1 6  ? 4.590   4.910   1.103   1.00 11.04 ? 5   LEU A CG   1 
ATOM   101  C  CD1  . LEU A 1 6  ? 3.595   5.915   0.612   1.00 11.06 ? 5   LEU A CD1  1 
ATOM   102  C  CD2  . LEU A 1 6  ? 4.253   3.487   0.806   1.00 8.09  ? 5   LEU A CD2  1 
ATOM   103  H  H    . LEU A 1 6  ? 7.134   4.811   2.808   1.00 7.66  ? 5   LEU A H    1 
ATOM   104  H  HA   . LEU A 1 6  ? 6.981   3.461   0.349   1.00 6.26  ? 5   LEU A HA   1 
ATOM   105  H  HB2  . LEU A 1 6  ? 6.197   6.141   0.662   1.00 5.58  ? 5   LEU A HB2  1 
ATOM   106  H  HB3  . LEU A 1 6  ? 5.836   5.081   -0.530  1.00 5.42  ? 5   LEU A HB3  1 
ATOM   107  H  HG   . LEU A 1 6  ? 4.616   4.910   2.117   1.00 10.86 ? 5   LEU A HG   1 
ATOM   108  H  HD11 . LEU A 1 6  ? 3.844   6.839   0.525   1.00 10.12 ? 5   LEU A HD11 1 
ATOM   109  H  HD12 . LEU A 1 6  ? 3.270   5.608   -0.340  1.00 11.58 ? 5   LEU A HD12 1 
ATOM   110  H  HD13 . LEU A 1 6  ? 2.778   5.839   1.187   1.00 11.21 ? 5   LEU A HD13 1 
ATOM   111  H  HD21 . LEU A 1 6  ? 4.975   2.909   0.732   1.00 7.78  ? 5   LEU A HD21 1 
ATOM   112  H  HD22 . LEU A 1 6  ? 3.723   3.199   1.660   1.00 8.50  ? 5   LEU A HD22 1 
ATOM   113  H  HD23 . LEU A 1 6  ? 3.636   3.452   0.010   1.00 7.59  ? 5   LEU A HD23 1 
ATOM   114  N  N    . GLY A 1 7  ? 9.262   4.025   -0.218  1.00 6.35  ? 6   GLY A N    1 
ATOM   115  C  CA   . GLY A 1 7  ? 10.609  4.407   -0.714  1.00 9.12  ? 6   GLY A CA   1 
ATOM   116  C  C    . GLY A 1 7  ? 11.566  3.930   0.403   1.00 7.97  ? 6   GLY A C    1 
ATOM   117  O  O    . GLY A 1 7  ? 11.254  4.016   1.586   1.00 10.61 ? 6   GLY A O    1 
ATOM   118  H  H    . GLY A 1 7  ? 9.058   3.184   -0.344  1.00 7.23  ? 6   GLY A H    1 
ATOM   119  H  HA2  . GLY A 1 7  ? 10.817  4.121   -1.555  1.00 9.02  ? 6   GLY A HA2  1 
ATOM   120  H  HA3  . GLY A 1 7  ? 10.649  5.418   -0.699  1.00 8.13  ? 6   GLY A HA3  1 
ATOM   121  N  N    . GLY A 1 8  ? 12.703  3.439   -0.052  1.00 7.54  ? 7   GLY A N    1 
ATOM   122  C  CA   . GLY A 1 8  ? 13.757  2.947   0.805   1.00 11.64 ? 7   GLY A CA   1 
ATOM   123  C  C    . GLY A 1 8  ? 14.651  4.178   1.136   1.00 12.35 ? 7   GLY A C    1 
ATOM   124  O  O    . GLY A 1 8  ? 14.698  5.108   0.366   1.00 12.80 ? 7   GLY A O    1 
ATOM   125  H  H    . GLY A 1 8  ? 12.902  3.400   -0.927  1.00 7.83  ? 7   GLY A H    1 
ATOM   126  H  HA2  . GLY A 1 8  ? 13.476  2.512   1.573   1.00 11.78 ? 7   GLY A HA2  1 
ATOM   127  H  HA3  . GLY A 1 8  ? 14.341  2.295   0.275   1.00 11.61 ? 7   GLY A HA3  1 
ATOM   128  N  N    . ASP A 1 9  ? 15.295  4.013   2.263   1.00 20.44 ? 8   ASP A N    1 
ATOM   129  C  CA   . ASP A 1 9  ? 16.237  4.989   2.821   1.00 24.12 ? 8   ASP A CA   1 
ATOM   130  C  C    . ASP A 1 9  ? 17.322  5.244   1.779   1.00 23.10 ? 8   ASP A C    1 
ATOM   131  O  O    . ASP A 1 9  ? 17.858  6.350   1.735   1.00 31.17 ? 8   ASP A O    1 
ATOM   132  C  CB   . ASP A 1 9  ? 16.823  4.544   4.159   1.00 27.76 ? 8   ASP A CB   1 
ATOM   133  C  CG   . ASP A 1 9  ? 15.957  4.487   5.358   1.00 26.45 ? 8   ASP A CG   1 
ATOM   134  O  OD1  . ASP A 1 9  ? 16.285  3.999   6.432   1.00 30.69 ? 8   ASP A OD1  1 
ATOM   135  O  OD2  . ASP A 1 9  ? 14.762  4.975   5.278   1.00 32.17 ? 8   ASP A OD2  1 
ATOM   136  H  H    . ASP A 1 9  ? 15.208  3.247   2.796   1.00 19.79 ? 8   ASP A H    1 
ATOM   137  H  HA   . ASP A 1 9  ? 15.811  5.845   2.985   1.00 24.70 ? 8   ASP A HA   1 
ATOM   138  H  HB2  . ASP A 1 9  ? 17.210  3.597   4.026   1.00 27.63 ? 8   ASP A HB2  1 
ATOM   139  H  HB3  . ASP A 1 9  ? 17.611  5.075   4.357   1.00 27.90 ? 8   ASP A HB3  1 
ATOM   140  N  N    . ASP A 1 10 ? 17.580  4.244   0.954   1.00 21.89 ? 9   ASP A N    1 
ATOM   141  C  CA   . ASP A 1 10 ? 18.598  4.336   -0.110  1.00 24.14 ? 9   ASP A CA   1 
ATOM   142  C  C    . ASP A 1 10 ? 18.039  4.926   -1.413  1.00 22.23 ? 9   ASP A C    1 
ATOM   143  O  O    . ASP A 1 10 ? 18.765  5.083   -2.414  1.00 20.31 ? 9   ASP A O    1 
ATOM   144  C  CB   . ASP A 1 10 ? 19.260  2.996   -0.353  1.00 24.54 ? 9   ASP A CB   1 
ATOM   145  C  CG   . ASP A 1 10 ? 18.383  1.872   -0.778  1.00 28.72 ? 9   ASP A CG   1 
ATOM   146  O  OD1  . ASP A 1 10 ? 18.878  0.825   -1.190  1.00 33.39 ? 9   ASP A OD1  1 
ATOM   147  O  OD2  . ASP A 1 10 ? 17.085  2.005   -0.706  1.00 25.90 ? 9   ASP A OD2  1 
ATOM   148  H  H    . ASP A 1 10 ? 17.155  3.445   1.024   1.00 22.17 ? 9   ASP A H    1 
ATOM   149  H  HA   . ASP A 1 10 ? 19.315  4.938   0.208   1.00 24.45 ? 9   ASP A HA   1 
ATOM   150  H  HB2  . ASP A 1 10 ? 20.011  3.093   -1.008  1.00 24.70 ? 9   ASP A HB2  1 
ATOM   151  H  HB3  . ASP A 1 10 ? 19.731  2.719   0.474   1.00 24.94 ? 9   ASP A HB3  1 
ATOM   152  N  N    . GLY A 1 11 ? 16.760  5.229   -1.349  1.00 20.97 ? 10  GLY A N    1 
ATOM   153  C  CA   . GLY A 1 11 ? 15.985  5.791   -2.434  1.00 23.48 ? 10  GLY A CA   1 
ATOM   154  C  C    . GLY A 1 11 ? 15.358  4.762   -3.353  1.00 21.33 ? 10  GLY A C    1 
ATOM   155  O  O    . GLY A 1 11 ? 14.850  5.145   -4.433  1.00 25.57 ? 10  GLY A O    1 
ATOM   156  H  H    . GLY A 1 11 ? 16.288  5.098   -0.614  1.00 20.99 ? 10  GLY A H    1 
ATOM   157  H  HA2  . GLY A 1 11 ? 15.234  6.311   -1.994  1.00 23.33 ? 10  GLY A HA2  1 
ATOM   158  H  HA3  . GLY A 1 11 ? 16.507  6.450   -2.937  1.00 23.50 ? 10  GLY A HA3  1 
ATOM   159  N  N    . SER A 1 12 ? 15.370  3.497   -2.966  1.00 16.27 ? 11  SER A N    1 
ATOM   160  C  CA   . SER A 1 12 ? 14.764  2.461   -3.847  1.00 14.61 ? 11  SER A CA   1 
ATOM   161  C  C    . SER A 1 12 ? 13.240  2.716   -3.927  1.00 8.94  ? 11  SER A C    1 
ATOM   162  O  O    . SER A 1 12 ? 12.647  3.102   -2.922  1.00 6.83  ? 11  SER A O    1 
ATOM   163  C  CB   . SER A 1 12 ? 15.094  1.079   -3.309  1.00 18.72 ? 11  SER A CB   1 
ATOM   164  O  OG   . SER A 1 12 ? 14.443  0.854   -2.074  1.00 26.27 ? 11  SER A OG   1 
ATOM   165  H  H    . SER A 1 12 ? 15.724  3.248   -2.203  1.00 16.35 ? 11  SER A H    1 
ATOM   166  H  HA   . SER A 1 12 ? 15.173  2.533   -4.700  1.00 14.27 ? 11  SER A HA   1 
ATOM   167  H  HB2  . SER A 1 12 ? 14.771  0.391   -3.919  1.00 18.74 ? 11  SER A HB2  1 
ATOM   168  H  HB3  . SER A 1 12 ? 16.074  0.983   -3.157  1.00 18.73 ? 11  SER A HB3  1 
ATOM   169  H  HG   . SER A 1 12 ? 14.328  0.050   -1.921  1.00 26.58 ? 11  SER A HG   1 
ATOM   170  N  N    . LEU A 1 13 ? 12.654  2.484   -5.074  1.00 11.55 ? 12  LEU A N    1 
ATOM   171  C  CA   . LEU A 1 13 ? 11.210  2.646   -5.331  1.00 7.41  ? 12  LEU A CA   1 
ATOM   172  C  C    . LEU A 1 13 ? 10.515  1.322   -4.941  1.00 10.10 ? 12  LEU A C    1 
ATOM   173  O  O    . LEU A 1 13 ? 10.084  0.496   -5.781  1.00 12.68 ? 12  LEU A O    1 
ATOM   174  C  CB   . LEU A 1 13 ? 10.932  3.000   -6.772  1.00 10.87 ? 12  LEU A CB   1 
ATOM   175  C  CG   . LEU A 1 13 ? 11.807  4.109   -7.376  1.00 11.48 ? 12  LEU A CG   1 
ATOM   176  C  CD1  . LEU A 1 13 ? 11.507  4.356   -8.792  1.00 8.16  ? 12  LEU A CD1  1 
ATOM   177  C  CD2  . LEU A 1 13 ? 11.603  5.393   -6.600  1.00 16.10 ? 12  LEU A CD2  1 
ATOM   178  H  H    . LEU A 1 13 ? 13.143  2.180   -5.791  1.00 11.29 ? 12  LEU A H    1 
ATOM   179  H  HA   . LEU A 1 13 ? 10.918  3.356   -4.713  1.00 7.57  ? 12  LEU A HA   1 
ATOM   180  H  HB2  . LEU A 1 13 ? 10.963  2.239   -7.388  1.00 11.05 ? 12  LEU A HB2  1 
ATOM   181  H  HB3  . LEU A 1 13 ? 9.949   3.320   -6.846  1.00 10.53 ? 12  LEU A HB3  1 
ATOM   182  H  HG   . LEU A 1 13 ? 12.763  3.859   -7.285  1.00 11.62 ? 12  LEU A HG   1 
ATOM   183  H  HD11 . LEU A 1 13 ? 10.571  4.613   -8.898  1.00 8.17  ? 12  LEU A HD11 1 
ATOM   184  H  HD12 . LEU A 1 13 ? 12.038  5.236   -9.056  1.00 7.86  ? 12  LEU A HD12 1 
ATOM   185  H  HD13 . LEU A 1 13 ? 11.852  3.664   -9.345  1.00 8.65  ? 12  LEU A HD13 1 
ATOM   186  H  HD21 . LEU A 1 13 ? 10.637  5.536   -6.411  1.00 15.66 ? 12  LEU A HD21 1 
ATOM   187  H  HD22 . LEU A 1 13 ? 12.164  5.392   -5.792  1.00 16.20 ? 12  LEU A HD22 1 
ATOM   188  H  HD23 . LEU A 1 13 ? 11.909  6.156   -7.205  1.00 16.55 ? 12  LEU A HD23 1 
ATOM   189  N  N    . ALA A 1 14 ? 10.472  1.140   -3.640  1.00 10.41 ? 13  ALA A N    1 
ATOM   190  C  CA   . ALA A 1 14 ? 9.901   -0.008  -2.974  1.00 11.64 ? 13  ALA A CA   1 
ATOM   191  C  C    . ALA A 1 14 ? 9.110   0.329   -1.713  1.00 11.12 ? 13  ALA A C    1 
ATOM   192  O  O    . ALA A 1 14 ? 9.325   1.324   -1.056  1.00 5.13  ? 13  ALA A O    1 
ATOM   193  C  CB   . ALA A 1 14 ? 11.007  -0.967  -2.477  1.00 10.22 ? 13  ALA A CB   1 
ATOM   194  H  H    . ALA A 1 14 ? 10.804  1.755   -3.049  1.00 10.92 ? 13  ALA A H    1 
ATOM   195  H  HA   . ALA A 1 14 ? 9.414   -0.585  -3.581  1.00 11.94 ? 13  ALA A HA   1 
ATOM   196  H  HB1  . ALA A 1 14 ? 11.579  -1.221  -3.189  1.00 10.22 ? 13  ALA A HB1  1 
ATOM   197  H  HB2  . ALA A 1 14 ? 11.531  -0.451  -1.772  1.00 10.27 ? 13  ALA A HB2  1 
ATOM   198  H  HB3  . ALA A 1 14 ? 10.616  -1.705  -1.997  1.00 10.00 ? 13  ALA A HB3  1 
ATOM   199  N  N    . PHE A 1 15 ? 8.222   -0.631  -1.452  1.00 11.06 ? 14  PHE A N    1 
ATOM   200  C  CA   . PHE A 1 15 ? 7.394   -0.681  -0.239  1.00 10.29 ? 14  PHE A CA   1 
ATOM   201  C  C    . PHE A 1 15 ? 8.333   -1.488  0.724   1.00 11.15 ? 14  PHE A C    1 
ATOM   202  O  O    . PHE A 1 15 ? 8.882   -2.535  0.355   1.00 8.89  ? 14  PHE A O    1 
ATOM   203  C  CB   . PHE A 1 15 ? 6.057   -1.322  -0.379  1.00 8.58  ? 14  PHE A CB   1 
ATOM   204  C  CG   . PHE A 1 15 ? 5.042   -0.686  -1.253  1.00 4.52  ? 14  PHE A CG   1 
ATOM   205  C  CD1  . PHE A 1 15 ? 4.119   0.206   -0.683  1.00 6.22  ? 14  PHE A CD1  1 
ATOM   206  C  CD2  . PHE A 1 15 ? 4.991   -0.944  -2.621  1.00 5.74  ? 14  PHE A CD2  1 
ATOM   207  C  CE1  . PHE A 1 15 ? 3.165   0.821   -1.475  1.00 5.16  ? 14  PHE A CE1  1 
ATOM   208  C  CE2  . PHE A 1 15 ? 4.035   -0.358  -3.424  1.00 3.33  ? 14  PHE A CE2  1 
ATOM   209  C  CZ   . PHE A 1 15 ? 3.114   0.534   -2.835  1.00 6.03  ? 14  PHE A CZ   1 
ATOM   210  H  H    . PHE A 1 15 ? 8.117   -1.380  -1.926  1.00 11.08 ? 14  PHE A H    1 
ATOM   211  H  HA   . PHE A 1 15 ? 7.231   0.152   0.178   1.00 10.42 ? 14  PHE A HA   1 
ATOM   212  H  HB2  . PHE A 1 15 ? 6.201   -2.244  -0.733  1.00 9.36  ? 14  PHE A HB2  1 
ATOM   213  H  HB3  . PHE A 1 15 ? 5.670   -1.451  0.536   1.00 8.56  ? 14  PHE A HB3  1 
ATOM   214  H  HD1  . PHE A 1 15 ? 4.164   0.376   0.233   1.00 5.95  ? 14  PHE A HD1  1 
ATOM   215  H  HD2  . PHE A 1 15 ? 5.640   -1.573  -2.997  1.00 6.03  ? 14  PHE A HD2  1 
ATOM   216  H  HE1  . PHE A 1 15 ? 2.541   1.417   -1.078  1.00 5.46  ? 14  PHE A HE1  1 
ATOM   217  H  HE2  . PHE A 1 15 ? 3.972   -0.512  -4.324  1.00 3.82  ? 14  PHE A HE2  1 
ATOM   218  H  HZ   . PHE A 1 15 ? 2.448   0.962   -3.374  1.00 5.91  ? 14  PHE A HZ   1 
ATOM   219  N  N    . VAL A 1 16 ? 8.498   -0.925  1.887   1.00 12.17 ? 15  VAL A N    1 
ATOM   220  C  CA   . VAL A 1 16 ? 9.378   -1.541  2.900   1.00 11.67 ? 15  VAL A CA   1 
ATOM   221  C  C    . VAL A 1 16 ? 8.597   -1.777  4.183   1.00 8.42  ? 15  VAL A C    1 
ATOM   222  O  O    . VAL A 1 16 ? 8.288   -0.815  4.884   1.00 9.26  ? 15  VAL A O    1 
ATOM   223  C  CB   . VAL A 1 16 ? 10.653  -0.701  3.111   1.00 15.44 ? 15  VAL A CB   1 
ATOM   224  C  CG1  . VAL A 1 16 ? 11.595  -1.461  4.063   1.00 17.21 ? 15  VAL A CG1  1 
ATOM   225  C  CG2  . VAL A 1 16 ? 11.372  -0.286  1.847   1.00 14.41 ? 15  VAL A CG2  1 
ATOM   226  H  H    . VAL A 1 16 ? 8.090   -0.154  2.117   1.00 12.23 ? 15  VAL A H    1 
ATOM   227  H  HA   . VAL A 1 16 ? 9.694   -2.385  2.532   1.00 11.68 ? 15  VAL A HA   1 
ATOM   228  H  HB   . VAL A 1 16 ? 10.328  0.118   3.576   1.00 15.58 ? 15  VAL A HB   1 
ATOM   229  H  HG11 . VAL A 1 16 ? 11.115  -2.224  4.506   1.00 16.87 ? 15  VAL A HG11 1 
ATOM   230  H  HG12 . VAL A 1 16 ? 12.324  -1.855  3.579   1.00 16.95 ? 15  VAL A HG12 1 
ATOM   231  H  HG13 . VAL A 1 16 ? 11.897  -0.885  4.770   1.00 17.46 ? 15  VAL A HG13 1 
ATOM   232  H  HG21 . VAL A 1 16 ? 10.933  0.304   1.249   1.00 14.16 ? 15  VAL A HG21 1 
ATOM   233  H  HG22 . VAL A 1 16 ? 12.190  0.296   2.118   1.00 14.32 ? 15  VAL A HG22 1 
ATOM   234  H  HG23 . VAL A 1 16 ? 11.796  -1.026  1.377   1.00 14.19 ? 15  VAL A HG23 1 
ATOM   235  N  N    . PRO A 1 17 ? 8.266   -3.011  4.469   1.00 9.50  ? 16  PRO A N    1 
ATOM   236  C  CA   . PRO A 1 17 ? 8.533   -4.240  3.689   1.00 9.25  ? 16  PRO A CA   1 
ATOM   237  C  C    . PRO A 1 17 ? 7.483   -4.371  2.585   1.00 12.46 ? 16  PRO A C    1 
ATOM   238  O  O    . PRO A 1 17 ? 6.478   -3.641  2.616   1.00 10.75 ? 16  PRO A O    1 
ATOM   239  C  CB   . PRO A 1 17 ? 8.418   -5.350  4.695   1.00 8.85  ? 16  PRO A CB   1 
ATOM   240  C  CG   . PRO A 1 17 ? 7.400   -4.843  5.713   1.00 7.51  ? 16  PRO A CG   1 
ATOM   241  C  CD   . PRO A 1 17 ? 7.490   -3.335  5.681   1.00 9.30  ? 16  PRO A CD   1 
ATOM   242  H  HA   . PRO A 1 17 ? 9.431   -4.263  3.303   1.00 8.79  ? 16  PRO A HA   1 
ATOM   243  H  HB2  . PRO A 1 17 ? 8.061   -6.116  4.164   1.00 8.92  ? 16  PRO A HB2  1 
ATOM   244  H  HB3  . PRO A 1 17 ? 9.157   -5.686  4.979   1.00 9.26  ? 16  PRO A HB3  1 
ATOM   245  H  HG2  . PRO A 1 17 ? 6.464   -5.002  5.267   1.00 7.74  ? 16  PRO A HG2  1 
ATOM   246  H  HG3  . PRO A 1 17 ? 7.403   -5.184  6.397   1.00 7.65  ? 16  PRO A HG3  1 
ATOM   247  H  HD2  . PRO A 1 17 ? 6.625   -2.845  5.672   1.00 9.54  ? 16  PRO A HD2  1 
ATOM   248  H  HD3  . PRO A 1 17 ? 7.963   -2.961  6.462   1.00 9.92  ? 16  PRO A HD3  1 
ATOM   249  N  N    . ASN A 1 18 ? 7.736   -5.326  1.704   1.00 9.89  ? 17  ASN A N    1 
ATOM   250  C  CA   . ASN A 1 18 ? 6.800   -5.514  0.543   1.00 10.38 ? 17  ASN A CA   1 
ATOM   251  C  C    . ASN A 1 18 ? 5.890   -6.703  0.715   1.00 7.61  ? 17  ASN A C    1 
ATOM   252  O  O    . ASN A 1 18 ? 5.184   -7.125  -0.235  1.00 7.85  ? 17  ASN A O    1 
ATOM   253  C  CB   . ASN A 1 18 ? 7.620   -5.524  -0.741  1.00 11.16 ? 17  ASN A CB   1 
ATOM   254  C  CG   . ASN A 1 18 ? 8.482   -6.739  -0.995  1.00 17.37 ? 17  ASN A CG   1 
ATOM   255  O  OD1  . ASN A 1 18 ? 9.166   -6.752  -2.058  1.00 24.41 ? 17  ASN A OD1  1 
ATOM   256  N  ND2  . ASN A 1 18 ? 8.494   -7.716  -0.111  1.00 15.69 ? 17  ASN A ND2  1 
ATOM   257  H  H    . ASN A 1 18 ? 8.473   -5.811  1.737   1.00 9.62  ? 17  ASN A H    1 
ATOM   258  H  HA   . ASN A 1 18 ? 6.238   -4.728  0.450   1.00 10.91 ? 17  ASN A HA   1 
ATOM   259  H  HB2  . ASN A 1 18 ? 7.024   -5.400  -1.521  1.00 11.20 ? 17  ASN A HB2  1 
ATOM   260  H  HB3  . ASN A 1 18 ? 8.223   -4.720  -0.727  1.00 10.89 ? 17  ASN A HB3  1 
ATOM   261  H  HD21 . ASN A 1 18 ? 8.012   -7.703  0.637   1.00 16.43 ? 17  ASN A HD21 1 
ATOM   262  H  HD22 . ASN A 1 18 ? 9.028   -8.469  -0.268  1.00 16.69 ? 17  ASN A HD22 1 
ATOM   263  N  N    . ASN A 1 19 ? 5.973   -7.211  1.906   1.00 9.32  ? 18  ASN A N    1 
ATOM   264  C  CA   . ASN A 1 19 ? 5.153   -8.374  2.336   1.00 17.21 ? 18  ASN A CA   1 
ATOM   265  C  C    . ASN A 1 19 ? 4.814   -8.126  3.824   1.00 17.33 ? 18  ASN A C    1 
ATOM   266  O  O    . ASN A 1 19 ? 5.744   -7.874  4.614   1.00 14.48 ? 18  ASN A O    1 
ATOM   267  C  CB   . ASN A 1 19 ? 5.876   -9.685  2.104   1.00 16.09 ? 18  ASN A CB   1 
ATOM   268  C  CG   A ASN A 1 19 ? 4.988   -10.830 1.697   0.50 18.66 ? 18  ASN A CG   1 
ATOM   269  C  CG   B ASN A 1 19 ? 6.963   -9.961  3.123   0.50 22.51 ? 18  ASN A CG   1 
ATOM   270  O  OD1  A ASN A 1 19 ? 4.250   -11.381 2.527   0.50 23.20 ? 18  ASN A OD1  1 
ATOM   271  O  OD1  B ASN A 1 19 ? 7.946   -9.200  3.200   0.50 28.96 ? 18  ASN A OD1  1 
ATOM   272  N  ND2  A ASN A 1 19 ? 5.040   -11.204 0.420   0.50 22.77 ? 18  ASN A ND2  1 
ATOM   273  N  ND2  B ASN A 1 19 ? 6.804   -11.022 3.904   0.50 27.18 ? 18  ASN A ND2  1 
ATOM   274  H  H    . ASN A 1 19 ? 6.496   -6.874  2.571   1.00 8.84  ? 18  ASN A H    1 
ATOM   275  H  HA   . ASN A 1 19 ? 4.393   -8.399  1.765   1.00 17.04 ? 18  ASN A HA   1 
ATOM   276  H  HB2  A ASN A 1 19 ? 6.615   -9.580  1.490   0.50 16.23 ? 18  ASN A HB2  1 
ATOM   277  H  HB2  B ASN A 1 19 ? 5.261   -10.435 2.074   0.50 15.95 ? 18  ASN A HB2  1 
ATOM   278  H  HB3  A ASN A 1 19 ? 6.321   -9.963  2.985   0.50 15.82 ? 18  ASN A HB3  1 
ATOM   279  H  HB3  B ASN A 1 19 ? 6.313   -9.663  1.201   0.50 16.45 ? 18  ASN A HB3  1 
ATOM   280  H  HD21 A ASN A 1 19 ? 5.602   -10.785 -0.173  0.50 22.55 ? 18  ASN A HD21 1 
ATOM   281  H  HD21 B ASN A 1 19 ? 6.050   -11.556 3.803   0.50 27.00 ? 18  ASN A HD21 1 
ATOM   282  H  HD22 A ASN A 1 19 ? 4.520   -11.906 0.126   0.50 22.71 ? 18  ASN A HD22 1 
ATOM   283  H  HD22 B ASN A 1 19 ? 7.423   -11.246 4.543   0.50 26.85 ? 18  ASN A HD22 1 
ATOM   284  N  N    . ILE A 1 20 ? 3.543   -8.166  4.179   1.00 10.36 ? 19  ILE A N    1 
ATOM   285  C  CA   . ILE A 1 20 ? 3.144   -7.969  5.548   1.00 9.82  ? 19  ILE A CA   1 
ATOM   286  C  C    . ILE A 1 20 ? 1.851   -8.797  5.781   1.00 11.15 ? 19  ILE A C    1 
ATOM   287  O  O    . ILE A 1 20 ? 1.086   -8.976  4.835   1.00 11.14 ? 19  ILE A O    1 
ATOM   288  C  CB   . ILE A 1 20 ? 2.832   -6.556  6.014   1.00 16.13 ? 19  ILE A CB   1 
ATOM   289  C  CG1  . ILE A 1 20 ? 1.550   -6.032  5.382   1.00 17.38 ? 19  ILE A CG1  1 
ATOM   290  C  CG2  . ILE A 1 20 ? 3.967   -5.580  5.754   1.00 20.32 ? 19  ILE A CG2  1 
ATOM   291  C  CD1  . ILE A 1 20 ? 0.989   -4.709  5.927   1.00 19.82 ? 19  ILE A CD1  1 
ATOM   292  H  H    . ILE A 1 20 ? 2.915   -8.365  3.541   1.00 10.17 ? 19  ILE A H    1 
ATOM   293  H  HA   . ILE A 1 20 ? 3.854   -8.315  6.101   1.00 9.82  ? 19  ILE A HA   1 
ATOM   294  H  HB   . ILE A 1 20 ? 2.703   -6.585  7.007   1.00 16.00 ? 19  ILE A HB   1 
ATOM   295  H  HG12 . ILE A 1 20 ? 1.688   -5.933  4.419   1.00 17.04 ? 19  ILE A HG12 1 
ATOM   296  H  HG13 . ILE A 1 20 ? 0.830   -6.681  5.595   1.00 17.66 ? 19  ILE A HG13 1 
ATOM   297  H  HG21 . ILE A 1 20 ? 4.824   -6.087  5.897   1.00 20.79 ? 19  ILE A HG21 1 
ATOM   298  H  HG22 . ILE A 1 20 ? 3.931   -5.211  4.861   1.00 20.21 ? 19  ILE A HG22 1 
ATOM   299  H  HG23 . ILE A 1 20 ? 3.932   -4.850  6.461   1.00 20.00 ? 19  ILE A HG23 1 
ATOM   300  H  HD11 . ILE A 1 20 ? 0.977   -4.907  6.965   1.00 19.86 ? 19  ILE A HD11 1 
ATOM   301  H  HD12 . ILE A 1 20 ? 1.606   -3.980  5.776   1.00 19.14 ? 19  ILE A HD12 1 
ATOM   302  H  HD13 . ILE A 1 20 ? 0.053   -4.538  5.646   1.00 19.00 ? 19  ILE A HD13 1 
ATOM   303  N  N    . THR A 1 21 ? 1.675   -9.206  7.000   1.00 12.22 ? 20  THR A N    1 
ATOM   304  C  CA   . THR A 1 21 ? 0.548   -9.926  7.539   1.00 11.21 ? 20  THR A CA   1 
ATOM   305  C  C    . THR A 1 21 ? -0.070  -9.113  8.687   1.00 14.65 ? 20  THR A C    1 
ATOM   306  O  O    . THR A 1 21 ? 0.635   -8.823  9.668   1.00 17.96 ? 20  THR A O    1 
ATOM   307  C  CB   . THR A 1 21 ? 0.898   -11.324 8.043   1.00 16.80 ? 20  THR A CB   1 
ATOM   308  O  OG1  . THR A 1 21 ? 1.367   -11.928 6.875   1.00 19.22 ? 20  THR A OG1  1 
ATOM   309  C  CG2  . THR A 1 21 ? -0.314  -12.040 8.626   1.00 18.22 ? 20  THR A CG2  1 
ATOM   310  H  H    . THR A 1 21 ? 2.268   -9.005  7.667   1.00 13.18 ? 20  THR A H    1 
ATOM   311  H  HA   . THR A 1 21 ? -0.141  -10.106 6.872   1.00 11.90 ? 20  THR A HA   1 
ATOM   312  H  HB   . THR A 1 21 ? 1.595   -11.252 8.745   1.00 17.07 ? 20  THR A HB   1 
ATOM   313  H  HG1  . THR A 1 21 ? 0.844   -12.603 6.612   1.00 19.57 ? 20  THR A HG1  1 
ATOM   314  H  HG21 . THR A 1 21 ? -1.181  -11.589 8.362   1.00 18.06 ? 20  THR A HG21 1 
ATOM   315  H  HG22 . THR A 1 21 ? -0.391  -12.936 8.221   1.00 17.91 ? 20  THR A HG22 1 
ATOM   316  H  HG23 . THR A 1 21 ? -0.235  -12.074 9.607   1.00 17.38 ? 20  THR A HG23 1 
ATOM   317  N  N    . VAL A 1 22 ? -1.352  -8.834  8.509   1.00 8.76  ? 21  VAL A N    1 
ATOM   318  C  CA   . VAL A 1 22 ? -2.082  -8.090  9.550   1.00 13.33 ? 21  VAL A CA   1 
ATOM   319  C  C    . VAL A 1 22 ? -3.386  -8.830  9.859   1.00 11.77 ? 21  VAL A C    1 
ATOM   320  O  O    . VAL A 1 22 ? -3.851  -9.695  9.095   1.00 16.01 ? 21  VAL A O    1 
ATOM   321  C  CB   . VAL A 1 22 ? -2.290  -6.621  9.172   1.00 15.69 ? 21  VAL A CB   1 
ATOM   322  C  CG1  . VAL A 1 22 ? -1.045  -5.940  8.607   1.00 21.76 ? 21  VAL A CG1  1 
ATOM   323  C  CG2  . VAL A 1 22 ? -3.475  -6.441  8.239   1.00 16.91 ? 21  VAL A CG2  1 
ATOM   324  H  H    . VAL A 1 22 ? -1.809  -9.079  7.799   1.00 8.56  ? 21  VAL A H    1 
ATOM   325  H  HA   . VAL A 1 22 ? -1.529  -8.078  10.341  1.00 13.22 ? 21  VAL A HA   1 
ATOM   326  H  HB   . VAL A 1 22 ? -2.515  -6.137  10.029  1.00 15.49 ? 21  VAL A HB   1 
ATOM   327  H  HG11 . VAL A 1 22 ? -0.221  -6.153  9.149   1.00 22.10 ? 21  VAL A HG11 1 
ATOM   328  H  HG12 . VAL A 1 22 ? -0.852  -6.182  7.702   1.00 21.44 ? 21  VAL A HG12 1 
ATOM   329  H  HG13 . VAL A 1 22 ? -1.115  -4.976  8.653   1.00 21.50 ? 21  VAL A HG13 1 
ATOM   330  H  HG21 . VAL A 1 22 ? -4.312  -6.802  8.699   1.00 16.90 ? 21  VAL A HG21 1 
ATOM   331  H  HG22 . VAL A 1 22 ? -3.705  -5.499  8.167   1.00 16.80 ? 21  VAL A HG22 1 
ATOM   332  H  HG23 . VAL A 1 22 ? -3.367  -6.888  7.412   1.00 16.07 ? 21  VAL A HG23 1 
ATOM   333  N  N    . GLY A 1 23 ? -3.938  -8.461  10.989  1.00 17.78 ? 22  GLY A N    1 
ATOM   334  C  CA   . GLY A 1 23 ? -5.230  -9.029  11.453  1.00 18.31 ? 22  GLY A CA   1 
ATOM   335  C  C    . GLY A 1 23 ? -6.318  -8.144  10.792  1.00 20.26 ? 22  GLY A C    1 
ATOM   336  O  O    . GLY A 1 23 ? -6.036  -6.998  10.358  1.00 14.74 ? 22  GLY A O    1 
ATOM   337  H  H    . GLY A 1 23 ? -3.621  -7.835  11.528  1.00 17.62 ? 22  GLY A H    1 
ATOM   338  H  HA2  . GLY A 1 23 ? -5.273  -9.931  11.142  1.00 18.51 ? 22  GLY A HA2  1 
ATOM   339  H  HA3  . GLY A 1 23 ? -5.287  -8.992  12.424  1.00 18.31 ? 22  GLY A HA3  1 
ATOM   340  N  N    . ALA A 1 24 ? -7.509  -8.722  10.754  1.00 14.79 ? 23  ALA A N    1 
ATOM   341  C  CA   . ALA A 1 24 ? -8.668  -8.002  10.189  1.00 12.21 ? 23  ALA A CA   1 
ATOM   342  C  C    . ALA A 1 24 ? -8.926  -6.874  11.183  1.00 11.52 ? 23  ALA A C    1 
ATOM   343  O  O    . ALA A 1 24 ? -8.945  -7.137  12.398  1.00 16.21 ? 23  ALA A O    1 
ATOM   344  C  CB   . ALA A 1 24 ? -9.854  -8.932  10.003  1.00 12.96 ? 23  ALA A CB   1 
ATOM   345  H  H    . ALA A 1 24 ? -7.664  -9.522  11.089  1.00 15.03 ? 23  ALA A H    1 
ATOM   346  H  HA   . ALA A 1 24 ? -8.437  -7.663  9.321   1.00 12.17 ? 23  ALA A HA   1 
ATOM   347  H  HB1  . ALA A 1 24 ? -9.863  -9.704  10.593  1.00 12.70 ? 23  ALA A HB1  1 
ATOM   348  H  HB2  . ALA A 1 24 ? -10.739 -8.471  10.234  1.00 12.62 ? 23  ALA A HB2  1 
ATOM   349  H  HB3  . ALA A 1 24 ? -9.931  -9.215  9.067   1.00 12.85 ? 23  ALA A HB3  1 
ATOM   350  N  N    . GLY A 1 25 ? -9.068  -5.657  10.687  1.00 12.71 ? 24  GLY A N    1 
ATOM   351  C  CA   . GLY A 1 25 ? -9.336  -4.477  11.490  1.00 12.11 ? 24  GLY A CA   1 
ATOM   352  C  C    . GLY A 1 25 ? -8.147  -3.808  12.115  1.00 8.49  ? 24  GLY A C    1 
ATOM   353  O  O    . GLY A 1 25 ? -8.262  -2.832  12.871  1.00 14.64 ? 24  GLY A O    1 
ATOM   354  H  H    . GLY A 1 25 ? -9.050  -5.503  9.806   1.00 12.51 ? 24  GLY A H    1 
ATOM   355  H  HA2  . GLY A 1 25 ? -9.614  -3.775  10.728  1.00 12.95 ? 24  GLY A HA2  1 
ATOM   356  H  HA3  . GLY A 1 25 ? -10.155 -4.521  11.997  1.00 11.98 ? 24  GLY A HA3  1 
ATOM   357  N  N    . GLU A 1 26 ? -6.974  -4.347  11.840  1.00 17.32 ? 25  GLU A N    1 
ATOM   358  C  CA   . GLU A 1 26 ? -5.698  -3.830  12.344  1.00 15.02 ? 25  GLU A CA   1 
ATOM   359  C  C    . GLU A 1 26 ? -5.292  -2.659  11.440  1.00 11.62 ? 25  GLU A C    1 
ATOM   360  O  O    . GLU A 1 26 ? -5.376  -2.768  10.198  1.00 13.78 ? 25  GLU A O    1 
ATOM   361  C  CB   . GLU A 1 26 ? -4.561  -4.844  12.209  1.00 11.08 ? 25  GLU A CB   1 
ATOM   362  C  CG   . GLU A 1 26 ? -3.211  -4.437  12.774  1.00 16.10 ? 25  GLU A CG   1 
ATOM   363  C  CD   . GLU A 1 26 ? -2.149  -5.459  12.959  1.00 23.74 ? 25  GLU A CD   1 
ATOM   364  O  OE1  . GLU A 1 26 ? -0.977  -5.191  13.193  1.00 28.59 ? 25  GLU A OE1  1 
ATOM   365  O  OE2  . GLU A 1 26 ? -2.600  -6.703  12.858  1.00 29.56 ? 25  GLU A OE2  1 
ATOM   366  H  H    . GLU A 1 26 ? -6.895  -5.078  11.275  1.00 16.90 ? 25  GLU A H    1 
ATOM   367  H  HA   . GLU A 1 26 ? -5.782  -3.509  13.245  1.00 14.10 ? 25  GLU A HA   1 
ATOM   368  H  HB2  . GLU A 1 26 ? -4.848  -5.638  12.747  1.00 12.00 ? 25  GLU A HB2  1 
ATOM   369  H  HB3  . GLU A 1 26 ? -4.516  -5.142  11.301  1.00 10.70 ? 25  GLU A HB3  1 
ATOM   370  H  HG2  . GLU A 1 26 ? -2.767  -3.750  12.202  1.00 16.39 ? 25  GLU A HG2  1 
ATOM   371  H  HG3  . GLU A 1 26 ? -3.351  -3.980  13.634  1.00 15.99 ? 25  GLU A HG3  1 
ATOM   372  N  N    . SER A 1 27 ? -4.840  -1.610  12.084  1.00 13.01 ? 26  SER A N    1 
ATOM   373  C  CA   . SER A 1 27 ? -4.394  -0.425  11.365  1.00 18.67 ? 26  SER A CA   1 
ATOM   374  C  C    . SER A 1 27 ? -3.097  -0.635  10.588  1.00 17.97 ? 26  SER A C    1 
ATOM   375  O  O    . SER A 1 27 ? -2.117  -1.136  11.126  1.00 20.99 ? 26  SER A O    1 
ATOM   376  C  CB   . SER A 1 27 ? -4.096  0.726   12.335  1.00 21.68 ? 26  SER A CB   1 
ATOM   377  O  OG   . SER A 1 27 ? -5.295  1.223   12.890  1.00 26.41 ? 26  SER A OG   1 
ATOM   378  H  H    . SER A 1 27 ? -4.786  -1.579  12.990  1.00 12.78 ? 26  SER A H    1 
ATOM   379  H  HA   . SER A 1 27 ? -5.097  -0.134  10.767  1.00 18.73 ? 26  SER A HA   1 
ATOM   380  H  HB2  . SER A 1 27 ? -3.517  0.303   13.037  1.00 21.56 ? 26  SER A HB2  1 
ATOM   381  H  HB3  . SER A 1 27 ? -3.560  1.396   11.851  1.00 21.66 ? 26  SER A HB3  1 
ATOM   382  H  HG   . SER A 1 27 ? -5.872  1.346   12.233  1.00 26.60 ? 26  SER A HG   1 
ATOM   383  N  N    . ILE A 1 28 ? -3.127  -0.180  9.344   1.00 13.48 ? 27  ILE A N    1 
ATOM   384  C  CA   . ILE A 1 28 ? -1.988  -0.216  8.453   1.00 8.81  ? 27  ILE A CA   1 
ATOM   385  C  C    . ILE A 1 28 ? -1.639  1.263   8.175   1.00 8.19  ? 27  ILE A C    1 
ATOM   386  O  O    . ILE A 1 28 ? -2.469  1.996   7.677   1.00 6.42  ? 27  ILE A O    1 
ATOM   387  C  CB   . ILE A 1 28 ? -2.206  -0.965  7.156   1.00 12.41 ? 27  ILE A CB   1 
ATOM   388  C  CG1  . ILE A 1 28 ? -2.819  -2.348  7.422   1.00 16.08 ? 27  ILE A CG1  1 
ATOM   389  C  CG2  . ILE A 1 28 ? -0.915  -1.131  6.387   1.00 13.36 ? 27  ILE A CG2  1 
ATOM   390  C  CD1  . ILE A 1 28 ? -3.482  -3.015  6.215   1.00 15.14 ? 27  ILE A CD1  1 
ATOM   391  H  H    . ILE A 1 28 ? -3.864  0.217   9.005   1.00 14.13 ? 27  ILE A H    1 
ATOM   392  H  HA   . ILE A 1 28 ? -1.183  -0.544  8.909   1.00 9.39  ? 27  ILE A HA   1 
ATOM   393  H  HB   . ILE A 1 28 ? -2.887  -0.442  6.621   1.00 12.50 ? 27  ILE A HB   1 
ATOM   394  H  HG12 . ILE A 1 28 ? -2.074  -2.925  7.700   1.00 16.27 ? 27  ILE A HG12 1 
ATOM   395  H  HG13 . ILE A 1 28 ? -3.515  -2.291  8.126   1.00 15.99 ? 27  ILE A HG13 1 
ATOM   396  H  HG21 . ILE A 1 28 ? -0.260  -0.440  6.645   1.00 13.19 ? 27  ILE A HG21 1 
ATOM   397  H  HG22 . ILE A 1 28 ? -0.523  -2.036  6.559   1.00 13.07 ? 27  ILE A HG22 1 
ATOM   398  H  HG23 . ILE A 1 28 ? -1.110  -1.028  5.410   1.00 13.51 ? 27  ILE A HG23 1 
ATOM   399  H  HD11 . ILE A 1 28 ? -3.969  -2.281  5.714   1.00 15.18 ? 27  ILE A HD11 1 
ATOM   400  H  HD12 . ILE A 1 28 ? -2.764  -3.405  5.665   1.00 15.15 ? 27  ILE A HD12 1 
ATOM   401  H  HD13 . ILE A 1 28 ? -4.155  -3.690  6.493   1.00 15.60 ? 27  ILE A HD13 1 
ATOM   402  N  N    . GLU A 1 29 ? -0.433  1.610   8.504   1.00 9.35  ? 28  GLU A N    1 
ATOM   403  C  CA   . GLU A 1 29 ? 0.108   2.953   8.308   1.00 9.68  ? 28  GLU A CA   1 
ATOM   404  C  C    . GLU A 1 29 ? 1.151   2.971   7.219   1.00 8.60  ? 28  GLU A C    1 
ATOM   405  O  O    . GLU A 1 29 ? 2.214   2.352   7.307   1.00 10.82 ? 28  GLU A O    1 
ATOM   406  C  CB   . GLU A 1 29 ? 0.742   3.472   9.606   1.00 15.40 ? 28  GLU A CB   1 
ATOM   407  C  CG   . GLU A 1 29 ? -0.085  4.237   10.607  1.00 21.99 ? 28  GLU A CG   1 
ATOM   408  C  CD   . GLU A 1 29 ? 0.773   5.048   11.563  1.00 27.79 ? 28  GLU A CD   1 
ATOM   409  O  OE1  . GLU A 1 29 ? 0.890   6.247   11.540  1.00 29.63 ? 28  GLU A OE1  1 
ATOM   410  O  OE2  . GLU A 1 29 ? 1.373   4.250   12.385  1.00 32.67 ? 28  GLU A OE2  1 
ATOM   411  H  H    . GLU A 1 29 ? 0.155   1.061   8.853   1.00 9.41  ? 28  GLU A H    1 
ATOM   412  H  HA   . GLU A 1 29 ? -0.625  3.539   8.055   1.00 10.01 ? 28  GLU A HA   1 
ATOM   413  H  HB2  . GLU A 1 29 ? 0.930   2.578   10.146  1.00 15.01 ? 28  GLU A HB2  1 
ATOM   414  H  HB3  . GLU A 1 29 ? 1.567   3.890   9.495   1.00 15.23 ? 28  GLU A HB3  1 
ATOM   415  H  HG2  . GLU A 1 29 ? -0.727  4.842   10.249  1.00 22.36 ? 28  GLU A HG2  1 
ATOM   416  H  HG3  . GLU A 1 29 ? -0.576  3.588   11.178  1.00 21.78 ? 28  GLU A HG3  1 
ATOM   417  N  N    . PHE A 1 30 ? 0.885   3.713   6.158   1.00 6.15  ? 29  PHE A N    1 
ATOM   418  C  CA   . PHE A 1 30 ? 1.803   3.886   5.024   1.00 4.75  ? 29  PHE A CA   1 
ATOM   419  C  C    . PHE A 1 30 ? 2.492   5.235   5.282   1.00 7.78  ? 29  PHE A C    1 
ATOM   420  O  O    . PHE A 1 30 ? 1.738   6.228   5.350   1.00 10.38 ? 29  PHE A O    1 
ATOM   421  C  CB   . PHE A 1 30 ? 1.086   3.824   3.685   1.00 5.43  ? 29  PHE A CB   1 
ATOM   422  C  CG   . PHE A 1 30 ? 0.452   2.517   3.360   1.00 6.14  ? 29  PHE A CG   1 
ATOM   423  C  CD1  . PHE A 1 30 ? -0.869  2.277   3.759   1.00 11.08 ? 29  PHE A CD1  1 
ATOM   424  C  CD2  . PHE A 1 30 ? 1.138   1.560   2.650   1.00 10.10 ? 29  PHE A CD2  1 
ATOM   425  C  CE1  . PHE A 1 30 ? -1.509  1.071   3.477   1.00 7.60  ? 29  PHE A CE1  1 
ATOM   426  C  CE2  . PHE A 1 30 ? 0.505   0.316   2.346   1.00 12.16 ? 29  PHE A CE2  1 
ATOM   427  C  CZ   . PHE A 1 30 ? -0.790  0.116   2.768   1.00 11.05 ? 29  PHE A CZ   1 
ATOM   428  H  H    . PHE A 1 30 ? 0.128   4.177   6.093   1.00 6.59  ? 29  PHE A H    1 
ATOM   429  H  HA   . PHE A 1 30 ? 2.395   3.173   5.037   1.00 4.94  ? 29  PHE A HA   1 
ATOM   430  H  HB2  . PHE A 1 30 ? 0.510   4.554   3.572   1.00 4.74  ? 29  PHE A HB2  1 
ATOM   431  H  HB3  . PHE A 1 30 ? 1.802   3.919   2.939   1.00 5.02  ? 29  PHE A HB3  1 
ATOM   432  H  HD1  . PHE A 1 30 ? -1.325  2.951   4.244   1.00 10.73 ? 29  PHE A HD1  1 
ATOM   433  H  HD2  . PHE A 1 30 ? 2.041   1.727   2.374   1.00 10.01 ? 29  PHE A HD2  1 
ATOM   434  H  HE1  . PHE A 1 30 ? -2.393  0.913   3.751   1.00 7.00  ? 29  PHE A HE1  1 
ATOM   435  H  HE2  . PHE A 1 30 ? 0.941   -0.349  1.876   1.00 11.54 ? 29  PHE A HE2  1 
ATOM   436  H  HZ   . PHE A 1 30 ? -1.247  -0.744  2.560   1.00 11.93 ? 29  PHE A HZ   1 
ATOM   437  N  N    . ILE A 1 31 ? 3.776   5.287   5.450   1.00 6.59  ? 30  ILE A N    1 
ATOM   438  C  CA   . ILE A 1 31 ? 4.560   6.494   5.751   1.00 2.81  ? 30  ILE A CA   1 
ATOM   439  C  C    . ILE A 1 31 ? 5.520   6.803   4.608   1.00 4.90  ? 30  ILE A C    1 
ATOM   440  O  O    . ILE A 1 31 ? 6.343   5.954   4.232   1.00 5.52  ? 30  ILE A O    1 
ATOM   441  C  CB   . ILE A 1 31 ? 5.414   6.308   7.008   1.00 7.50  ? 30  ILE A CB   1 
ATOM   442  C  CG1  . ILE A 1 31 ? 4.543   5.760   8.108   1.00 10.49 ? 30  ILE A CG1  1 
ATOM   443  C  CG2  . ILE A 1 31 ? 6.098   7.612   7.409   1.00 3.98  ? 30  ILE A CG2  1 
ATOM   444  C  CD1  . ILE A 1 31 ? 5.347   5.342   9.353   1.00 13.58 ? 30  ILE A CD1  1 
ATOM   445  H  H    . ILE A 1 31 ? 4.268   4.538   5.409   1.00 7.36  ? 30  ILE A H    1 
ATOM   446  H  HA   . ILE A 1 31 ? 4.011   7.243   5.913   1.00 2.39  ? 30  ILE A HA   1 
ATOM   447  H  HB   . ILE A 1 31 ? 6.077   5.623   6.771   1.00 7.32  ? 30  ILE A HB   1 
ATOM   448  H  HG12 . ILE A 1 31 ? 3.882   6.441   8.340   1.00 10.30 ? 30  ILE A HG12 1 
ATOM   449  H  HG13 . ILE A 1 31 ? 4.111   4.937   7.794   1.00 10.46 ? 30  ILE A HG13 1 
ATOM   450  H  HG21 . ILE A 1 31 ? 6.201   8.290   6.740   1.00 2.91  ? 30  ILE A HG21 1 
ATOM   451  H  HG22 . ILE A 1 31 ? 5.541   7.993   8.178   1.00 3.99  ? 30  ILE A HG22 1 
ATOM   452  H  HG23 . ILE A 1 31 ? 7.003   7.362   7.762   1.00 3.30  ? 30  ILE A HG23 1 
ATOM   453  H  HD11 . ILE A 1 31 ? 6.023   6.069   9.517   1.00 13.37 ? 30  ILE A HD11 1 
ATOM   454  H  HD12 . ILE A 1 31 ? 4.773   5.095   10.033  1.00 12.99 ? 30  ILE A HD12 1 
ATOM   455  H  HD13 . ILE A 1 31 ? 5.990   4.600   8.961   1.00 13.43 ? 30  ILE A HD13 1 
ATOM   456  N  N    . ASN A 1 32 ? 5.272   7.998   4.077   1.00 7.82  ? 31  ASN A N    1 
ATOM   457  C  CA   . ASN A 1 32 ? 6.055   8.534   2.908   1.00 4.94  ? 31  ASN A CA   1 
ATOM   458  C  C    . ASN A 1 32 ? 7.480   8.725   3.382   1.00 5.11  ? 31  ASN A C    1 
ATOM   459  O  O    . ASN A 1 32 ? 7.762   9.460   4.361   1.00 8.68  ? 31  ASN A O    1 
ATOM   460  C  CB   . ASN A 1 32 ? 5.296   9.747   2.370   1.00 5.55  ? 31  ASN A CB   1 
ATOM   461  C  CG   . ASN A 1 32 ? 5.570   9.999   0.895   1.00 7.02  ? 31  ASN A CG   1 
ATOM   462  O  OD1  . ASN A 1 32 ? 5.866   9.069   0.138   1.00 10.46 ? 31  ASN A OD1  1 
ATOM   463  N  ND2  . ASN A 1 32 ? 5.481   11.250  0.448   1.00 8.51  ? 31  ASN A ND2  1 
ATOM   464  H  H    . ASN A 1 32 ? 4.666   8.553   4.354   1.00 6.79  ? 31  ASN A H    1 
ATOM   465  H  HA   . ASN A 1 32 ? 5.998   7.909   2.194   1.00 4.37  ? 31  ASN A HA   1 
ATOM   466  H  HB2  . ASN A 1 32 ? 4.299   9.497   2.467   1.00 5.88  ? 31  ASN A HB2  1 
ATOM   467  H  HB3  . ASN A 1 32 ? 5.341   10.535  2.912   1.00 4.81  ? 31  ASN A HB3  1 
ATOM   468  H  HD21 . ASN A 1 32 ? 5.636   11.447  -0.435  1.00 8.18  ? 31  ASN A HD21 1 
ATOM   469  H  HD22 . ASN A 1 32 ? 5.256   11.924  1.019   1.00 8.43  ? 31  ASN A HD22 1 
ATOM   470  N  N    . ASN A 1 33 ? 8.404   8.030   2.715   1.00 8.21  ? 32  ASN A N    1 
ATOM   471  C  CA   . ASN A 1 33 ? 9.810   8.056   3.135   1.00 9.21  ? 32  ASN A CA   1 
ATOM   472  C  C    . ASN A 1 33 ? 10.788  8.694   2.184   1.00 9.40  ? 32  ASN A C    1 
ATOM   473  O  O    . ASN A 1 33 ? 11.533  9.610   2.602   1.00 13.46 ? 32  ASN A O    1 
ATOM   474  C  CB   . ASN A 1 33 ? 10.188  6.627   3.572   1.00 9.49  ? 32  ASN A CB   1 
ATOM   475  C  CG   . ASN A 1 33 ? 11.539  6.462   4.260   1.00 15.54 ? 32  ASN A CG   1 
ATOM   476  O  OD1  . ASN A 1 33 ? 11.909  7.220   5.160   1.00 17.89 ? 32  ASN A OD1  1 
ATOM   477  N  ND2  . ASN A 1 33 ? 12.336  5.442   3.894   1.00 12.31 ? 32  ASN A ND2  1 
ATOM   478  H  H    . ASN A 1 33 ? 8.194   7.492   2.052   1.00 8.36  ? 32  ASN A H    1 
ATOM   479  H  HA   . ASN A 1 33 ? 9.806   8.507   3.999   1.00 9.92  ? 32  ASN A HA   1 
ATOM   480  H  HB2  . ASN A 1 33 ? 9.467   6.194   3.954   1.00 8.60  ? 32  ASN A HB2  1 
ATOM   481  H  HB3  . ASN A 1 33 ? 10.332  6.152   2.629   1.00 10.34 ? 32  ASN A HB3  1 
ATOM   482  H  HD21 . ASN A 1 33 ? 12.025  4.886   3.213   1.00 12.89 ? 32  ASN A HD21 1 
ATOM   483  H  HD22 . ASN A 1 33 ? 13.099  5.267   4.214   1.00 12.20 ? 32  ASN A HD22 1 
ATOM   484  N  N    . ALA A 1 34 ? 10.857  8.204   0.982   1.00 9.65  ? 33  ALA A N    1 
ATOM   485  C  CA   . ALA A 1 34 ? 11.799  8.704   -0.026  1.00 11.99 ? 33  ALA A CA   1 
ATOM   486  C  C    . ALA A 1 34 ? 11.403  8.319   -1.442  1.00 14.14 ? 33  ALA A C    1 
ATOM   487  O  O    . ALA A 1 34 ? 10.740  7.275   -1.601  1.00 17.29 ? 33  ALA A O    1 
ATOM   488  C  CB   . ALA A 1 34 ? 13.113  7.959   0.359   1.00 10.27 ? 33  ALA A CB   1 
ATOM   489  H  H    . ALA A 1 34 ? 10.331  7.527   0.720   1.00 10.08 ? 33  ALA A H    1 
ATOM   490  H  HA   . ALA A 1 34 ? 11.927  9.619   0.096   1.00 11.48 ? 33  ALA A HA   1 
ATOM   491  H  HB1  . ALA A 1 34 ? 13.092  7.897   1.368   1.00 9.51  ? 33  ALA A HB1  1 
ATOM   492  H  HB2  . ALA A 1 34 ? 12.962  6.979   0.102   1.00 9.46  ? 33  ALA A HB2  1 
ATOM   493  H  HB3  . ALA A 1 34 ? 13.889  8.252   -0.004  1.00 10.13 ? 33  ALA A HB3  1 
ATOM   494  N  N    . GLY A 1 35 ? 11.804  9.073   -2.437  1.00 9.71  ? 34  GLY A N    1 
ATOM   495  C  CA   . GLY A 1 35 ? 11.562  8.808   -3.859  1.00 13.22 ? 34  GLY A CA   1 
ATOM   496  C  C    . GLY A 1 35 ? 10.213  9.236   -4.376  1.00 13.02 ? 34  GLY A C    1 
ATOM   497  O  O    . GLY A 1 35 ? 9.632   8.557   -5.200  1.00 12.64 ? 34  GLY A O    1 
ATOM   498  H  H    . GLY A 1 35 ? 12.320  9.826   -2.241  1.00 10.70 ? 34  GLY A H    1 
ATOM   499  H  HA2  . GLY A 1 35 ? 12.282  9.246   -4.419  1.00 13.15 ? 34  GLY A HA2  1 
ATOM   500  H  HA3  . GLY A 1 35 ? 11.728  7.839   -4.072  1.00 12.82 ? 34  GLY A HA3  1 
ATOM   501  N  N    . PHE A 1 36 ? 9.752   10.389  -3.898  1.00 17.76 ? 35  PHE A N    1 
ATOM   502  C  CA   . PHE A 1 36 ? 8.473   11.015  -4.232  1.00 12.63 ? 35  PHE A CA   1 
ATOM   503  C  C    . PHE A 1 36 ? 8.323   11.229  -5.735  1.00 12.34 ? 35  PHE A C    1 
ATOM   504  O  O    . PHE A 1 36 ? 9.271   11.431  -6.477  1.00 9.51  ? 35  PHE A O    1 
ATOM   505  C  CB   . PHE A 1 36 ? 8.230   12.259  -3.330  1.00 11.80 ? 35  PHE A CB   1 
ATOM   506  C  CG   . PHE A 1 36 ? 8.720   12.088  -1.910  1.00 14.61 ? 35  PHE A CG   1 
ATOM   507  C  CD1  . PHE A 1 36 ? 9.561   13.055  -1.350  1.00 17.41 ? 35  PHE A CD1  1 
ATOM   508  C  CD2  . PHE A 1 36 ? 8.416   10.948  -1.172  1.00 14.35 ? 35  PHE A CD2  1 
ATOM   509  C  CE1  . PHE A 1 36 ? 10.071  12.890  -0.070  1.00 19.28 ? 35  PHE A CE1  1 
ATOM   510  C  CE2  . PHE A 1 36 ? 8.898   10.753  0.102   1.00 12.31 ? 35  PHE A CE2  1 
ATOM   511  C  CZ   . PHE A 1 36 ? 9.731   11.748  0.674   1.00 16.89 ? 35  PHE A CZ   1 
ATOM   512  H  H    . PHE A 1 36 ? 10.235  10.861  -3.268  1.00 17.53 ? 35  PHE A H    1 
ATOM   513  H  HA   . PHE A 1 36 ? 7.742   10.444  -3.924  1.00 12.96 ? 35  PHE A HA   1 
ATOM   514  H  HB2  . PHE A 1 36 ? 8.711   12.981  -3.740  1.00 12.22 ? 35  PHE A HB2  1 
ATOM   515  H  HB3  . PHE A 1 36 ? 7.283   12.443  -3.342  1.00 12.88 ? 35  PHE A HB3  1 
ATOM   516  H  HD1  . PHE A 1 36 ? 9.778   13.805  -1.867  1.00 16.87 ? 35  PHE A HD1  1 
ATOM   517  H  HD2  . PHE A 1 36 ? 7.827   10.273  -1.593  1.00 14.59 ? 35  PHE A HD2  1 
ATOM   518  H  HE1  . PHE A 1 36 ? 10.629  13.551  0.311   1.00 18.93 ? 35  PHE A HE1  1 
ATOM   519  H  HE2  . PHE A 1 36 ? 8.689   10.016  0.607   1.00 12.48 ? 35  PHE A HE2  1 
ATOM   520  H  HZ   . PHE A 1 36 ? 10.074  11.639  1.552   1.00 16.44 ? 35  PHE A HZ   1 
ATOM   521  N  N    . PRO A 1 37 ? 7.086   11.153  -6.212  1.00 13.48 ? 36  PRO A N    1 
ATOM   522  C  CA   . PRO A 1 37 ? 5.843   10.906  -5.481  1.00 8.15  ? 36  PRO A CA   1 
ATOM   523  C  C    . PRO A 1 37 ? 5.422   9.437   -5.445  1.00 8.17  ? 36  PRO A C    1 
ATOM   524  O  O    . PRO A 1 37 ? 5.813   8.653   -6.349  1.00 6.20  ? 36  PRO A O    1 
ATOM   525  C  CB   . PRO A 1 37 ? 4.849   11.690  -6.414  1.00 10.69 ? 36  PRO A CB   1 
ATOM   526  C  CG   . PRO A 1 37 ? 5.289   11.262  -7.813  1.00 10.54 ? 36  PRO A CG   1 
ATOM   527  C  CD   . PRO A 1 37 ? 6.804   11.348  -7.673  1.00 8.40  ? 36  PRO A CD   1 
ATOM   528  H  HA   . PRO A 1 37 ? 5.803   11.325  -4.616  1.00 7.17  ? 36  PRO A HA   1 
ATOM   529  H  HB2  . PRO A 1 37 ? 3.962   11.432  -6.283  1.00 11.35 ? 36  PRO A HB2  1 
ATOM   530  H  HB3  . PRO A 1 37 ? 4.855   12.572  -6.346  1.00 10.55 ? 36  PRO A HB3  1 
ATOM   531  H  HG2  . PRO A 1 37 ? 5.027   10.381  -8.047  1.00 10.21 ? 36  PRO A HG2  1 
ATOM   532  H  HG3  . PRO A 1 37 ? 5.009   11.817  -8.371  1.00 10.35 ? 36  PRO A HG3  1 
ATOM   533  H  HD2  . PRO A 1 37 ? 7.375   10.853  -8.185  1.00 9.08  ? 36  PRO A HD2  1 
ATOM   534  H  HD3  . PRO A 1 37 ? 7.027   12.336  -7.902  1.00 7.97  ? 36  PRO A HD3  1 
ATOM   535  N  N    . HIS A 1 38 ? 4.605   9.088   -4.436  1.00 4.99  ? 37  HIS A N    1 
ATOM   536  C  CA   . HIS A 1 38 ? 4.039   7.763   -4.343  1.00 3.16  ? 37  HIS A CA   1 
ATOM   537  C  C    . HIS A 1 38 ? 2.513   7.828   -4.095  1.00 4.23  ? 37  HIS A C    1 
ATOM   538  O  O    . HIS A 1 38 ? 1.960   8.828   -3.623  1.00 5.90  ? 37  HIS A O    1 
ATOM   539  C  CB   . HIS A 1 38 ? 4.598   6.951   -3.202  1.00 2.37  ? 37  HIS A CB   1 
ATOM   540  C  CG   . HIS A 1 38 ? 6.078   6.834   -3.204  1.00 2.13  ? 37  HIS A CG   1 
ATOM   541  N  ND1  . HIS A 1 38 ? 6.647   6.152   -4.275  1.00 3.30  ? 37  HIS A ND1  1 
ATOM   542  C  CD2  . HIS A 1 38 ? 7.023   7.279   -2.350  1.00 3.05  ? 37  HIS A CD2  1 
ATOM   543  C  CE1  . HIS A 1 38 ? 7.945   6.169   -4.028  1.00 8.32  ? 37  HIS A CE1  1 
ATOM   544  N  NE2  . HIS A 1 38 ? 8.229   6.820   -2.866  1.00 7.98  ? 37  HIS A NE2  1 
ATOM   545  H  H    . HIS A 1 38 ? 4.332   9.714   -3.844  1.00 4.33  ? 37  HIS A H    1 
ATOM   546  H  HA   . HIS A 1 38 ? 4.176   7.237   -5.154  1.00 2.87  ? 37  HIS A HA   1 
ATOM   547  H  HB2  . HIS A 1 38 ? 4.446   7.562   -2.359  1.00 3.67  ? 37  HIS A HB2  1 
ATOM   548  H  HB3  . HIS A 1 38 ? 4.180   6.107   -3.119  1.00 2.00  ? 37  HIS A HB3  1 
ATOM   549  H  HD2  . HIS A 1 38 ? 6.972   7.761   -1.532  1.00 3.43  ? 37  HIS A HD2  1 
ATOM   550  H  HE1  . HIS A 1 38 ? 8.595   5.762   -4.610  1.00 7.94  ? 37  HIS A HE1  1 
ATOM   551  H  HE2  . HIS A 1 38 ? 9.066   6.961   -2.544  1.00 8.01  ? 37  HIS A HE2  1 
ATOM   552  N  N    . ASN A 1 39 ? 1.929   6.665   -4.368  1.00 4.47  ? 38  ASN A N    1 
ATOM   553  C  CA   . ASN A 1 39 ? 0.474   6.493   -4.100  1.00 4.31  ? 38  ASN A CA   1 
ATOM   554  C  C    . ASN A 1 39 ? 0.326   5.008   -3.783  1.00 7.36  ? 38  ASN A C    1 
ATOM   555  O  O    . ASN A 1 39 ? 1.307   4.217   -3.844  1.00 4.49  ? 38  ASN A O    1 
ATOM   556  C  CB   . ASN A 1 39 ? -0.438  7.166   -5.107  1.00 4.19  ? 38  ASN A CB   1 
ATOM   557  C  CG   . ASN A 1 39 ? -0.601  6.343   -6.371  1.00 6.67  ? 38  ASN A CG   1 
ATOM   558  O  OD1  . ASN A 1 39 ? 0.067   5.330   -6.541  1.00 10.01 ? 38  ASN A OD1  1 
ATOM   559  N  ND2  . ASN A 1 39 ? -1.487  6.765   -7.231  1.00 7.79  ? 38  ASN A ND2  1 
ATOM   560  H  H    . ASN A 1 39 ? 2.351   5.958   -4.662  1.00 4.36  ? 38  ASN A H    1 
ATOM   561  H  HA   . ASN A 1 39 ? 0.320   7.042   -3.295  1.00 3.21  ? 38  ASN A HA   1 
ATOM   562  H  HB2  . ASN A 1 39 ? -1.342  7.346   -4.753  1.00 3.65  ? 38  ASN A HB2  1 
ATOM   563  H  HB3  . ASN A 1 39 ? -0.123  8.075   -5.345  1.00 3.62  ? 38  ASN A HB3  1 
ATOM   564  H  HD21 . ASN A 1 39 ? -1.624  6.244   -8.010  1.00 8.42  ? 38  ASN A HD21 1 
ATOM   565  H  HD22 . ASN A 1 39 ? -1.992  7.477   -7.106  1.00 7.99  ? 38  ASN A HD22 1 
ATOM   566  N  N    . ILE A 1 40 ? -0.861  4.611   -3.390  1.00 4.42  ? 39  ILE A N    1 
ATOM   567  C  CA   . ILE A 1 40 ? -1.253  3.280   -2.945  1.00 3.90  ? 39  ILE A CA   1 
ATOM   568  C  C    . ILE A 1 40 ? -2.494  2.837   -3.714  1.00 3.30  ? 39  ILE A C    1 
ATOM   569  O  O    . ILE A 1 40 ? -3.598  3.322   -3.421  1.00 6.76  ? 39  ILE A O    1 
ATOM   570  C  CB   . ILE A 1 40 ? -1.613  3.345   -1.458  1.00 12.97 ? 39  ILE A CB   1 
ATOM   571  C  CG1  . ILE A 1 40 ? -0.514  3.983   -0.637  1.00 17.42 ? 39  ILE A CG1  1 
ATOM   572  C  CG2  . ILE A 1 40 ? -1.974  1.984   -0.866  1.00 17.19 ? 39  ILE A CG2  1 
ATOM   573  C  CD1  . ILE A 1 40 ? 0.815   3.271   -0.591  1.00 25.92 ? 39  ILE A CD1  1 
ATOM   574  H  H    . ILE A 1 40 ? -1.552  5.229   -3.315  1.00 4.82  ? 39  ILE A H    1 
ATOM   575  H  HA   . ILE A 1 40 ? -0.611  2.592   -3.034  1.00 3.76  ? 39  ILE A HA   1 
ATOM   576  H  HB   . ILE A 1 40 ? -2.402  3.951   -1.408  1.00 12.89 ? 39  ILE A HB   1 
ATOM   577  H  HG12 . ILE A 1 40 ? -0.434  4.941   -0.840  1.00 17.69 ? 39  ILE A HG12 1 
ATOM   578  H  HG13 . ILE A 1 40 ? -0.861  4.019   0.358   1.00 17.37 ? 39  ILE A HG13 1 
ATOM   579  H  HG21 . ILE A 1 40 ? -2.493  1.459   -1.494  1.00 16.91 ? 39  ILE A HG21 1 
ATOM   580  H  HG22 . ILE A 1 40 ? -1.133  1.470   -0.595  1.00 17.29 ? 39  ILE A HG22 1 
ATOM   581  H  HG23 . ILE A 1 40 ? -2.441  2.132   0.008   1.00 16.83 ? 39  ILE A HG23 1 
ATOM   582  H  HD11 . ILE A 1 40 ? 0.854   2.626   -1.360  1.00 26.13 ? 39  ILE A HD11 1 
ATOM   583  H  HD12 . ILE A 1 40 ? 1.590   3.925   -0.636  1.00 25.85 ? 39  ILE A HD12 1 
ATOM   584  H  HD13 . ILE A 1 40 ? 0.860   2.723   0.245   1.00 26.30 ? 39  ILE A HD13 1 
ATOM   585  N  N    . VAL A 1 41 ? -2.304  1.982   -4.670  1.00 7.32  ? 40  VAL A N    1 
ATOM   586  C  CA   . VAL A 1 41 ? -3.371  1.466   -5.503  1.00 6.19  ? 40  VAL A CA   1 
ATOM   587  C  C    . VAL A 1 41 ? -3.516  -0.047  -5.243  1.00 8.17  ? 40  VAL A C    1 
ATOM   588  O  O    . VAL A 1 41 ? -2.607  -0.861  -5.389  1.00 9.87  ? 40  VAL A O    1 
ATOM   589  C  CB   . VAL A 1 41 ? -3.213  1.803   -7.000  1.00 6.66  ? 40  VAL A CB   1 
ATOM   590  C  CG1  . VAL A 1 41 ? -4.547  1.558   -7.798  1.00 12.78 ? 40  VAL A CG1  1 
ATOM   591  C  CG2  . VAL A 1 41 ? -2.700  3.175   -7.285  1.00 10.23 ? 40  VAL A CG2  1 
ATOM   592  H  H    . VAL A 1 41 ? -1.478  1.660   -4.857  1.00 7.52  ? 40  VAL A H    1 
ATOM   593  H  HA   . VAL A 1 41 ? -4.196  1.867   -5.206  1.00 5.66  ? 40  VAL A HA   1 
ATOM   594  H  HB   . VAL A 1 41 ? -2.546  1.171   -7.338  1.00 6.48  ? 40  VAL A HB   1 
ATOM   595  H  HG11 . VAL A 1 41 ? -5.055  0.784   -7.603  1.00 11.83 ? 40  VAL A HG11 1 
ATOM   596  H  HG12 . VAL A 1 41 ? -5.077  2.327   -7.913  1.00 11.86 ? 40  VAL A HG12 1 
ATOM   597  H  HG13 . VAL A 1 41 ? -4.261  1.357   -8.768  1.00 12.91 ? 40  VAL A HG13 1 
ATOM   598  H  HG21 . VAL A 1 41 ? -2.122  3.524   -6.596  1.00 10.30 ? 40  VAL A HG21 1 
ATOM   599  H  HG22 . VAL A 1 41 ? -2.096  3.164   -8.114  1.00 9.70  ? 40  VAL A HG22 1 
ATOM   600  H  HG23 . VAL A 1 41 ? -3.395  3.825   -7.533  1.00 9.55  ? 40  VAL A HG23 1 
ATOM   601  N  N    . PHE A 1 42 ? -4.746  -0.327  -4.854  1.00 8.56  ? 41  PHE A N    1 
ATOM   602  C  CA   . PHE A 1 42 ? -5.128  -1.777  -4.623  1.00 8.83  ? 41  PHE A CA   1 
ATOM   603  C  C    . PHE A 1 42 ? -5.547  -2.299  -6.015  1.00 9.76  ? 41  PHE A C    1 
ATOM   604  O  O    . PHE A 1 42 ? -6.398  -1.689  -6.656  1.00 8.90  ? 41  PHE A O    1 
ATOM   605  C  CB   . PHE A 1 42 ? -6.120  -1.952  -3.527  1.00 5.91  ? 41  PHE A CB   1 
ATOM   606  C  CG   . PHE A 1 42 ? -5.592  -1.846  -2.137  1.00 6.56  ? 41  PHE A CG   1 
ATOM   607  C  CD1  . PHE A 1 42 ? -5.186  -2.988  -1.452  1.00 8.48  ? 41  PHE A CD1  1 
ATOM   608  C  CD2  . PHE A 1 42 ? -5.529  -0.599  -1.524  1.00 9.47  ? 41  PHE A CD2  1 
ATOM   609  C  CE1  . PHE A 1 42 ? -4.695  -2.896  -0.164  1.00 12.56 ? 41  PHE A CE1  1 
ATOM   610  C  CE2  . PHE A 1 42 ? -5.053  -0.493  -0.202  1.00 11.80 ? 41  PHE A CE2  1 
ATOM   611  C  CZ   . PHE A 1 42 ? -4.638  -1.644  0.483   1.00 10.74 ? 41  PHE A CZ   1 
ATOM   612  H  H    . PHE A 1 42 ? -5.399  0.237   -4.780  1.00 8.27  ? 41  PHE A H    1 
ATOM   613  H  HA   . PHE A 1 42 ? -4.322  -2.182  -4.292  1.00 9.37  ? 41  PHE A HA   1 
ATOM   614  H  HB2  . PHE A 1 42 ? -6.846  -1.296  -3.633  1.00 6.06  ? 41  PHE A HB2  1 
ATOM   615  H  HB3  . PHE A 1 42 ? -6.583  -2.848  -3.626  1.00 6.29  ? 41  PHE A HB3  1 
ATOM   616  H  HD1  . PHE A 1 42 ? -5.232  -3.817  -1.884  1.00 8.33  ? 41  PHE A HD1  1 
ATOM   617  H  HD2  . PHE A 1 42 ? -5.825  0.180   -1.993  1.00 9.16  ? 41  PHE A HD2  1 
ATOM   618  H  HE1  . PHE A 1 42 ? -4.414  -3.681  0.306   1.00 12.44 ? 41  PHE A HE1  1 
ATOM   619  H  HE2  . PHE A 1 42 ? -4.995  0.323   0.231   1.00 11.83 ? 41  PHE A HE2  1 
ATOM   620  H  HZ   . PHE A 1 42 ? -4.298  -1.576  1.376   1.00 10.56 ? 41  PHE A HZ   1 
ATOM   621  N  N    . ASP A 1 43 ? -4.897  -3.380  -6.432  1.00 11.77 ? 42  ASP A N    1 
ATOM   622  C  CA   . ASP A 1 43 ? -5.106  -4.042  -7.731  1.00 11.12 ? 42  ASP A CA   1 
ATOM   623  C  C    A ASP A 1 43 ? -6.472  -4.710  -7.837  0.50 11.80 ? 42  ASP A C    1 
ATOM   624  C  C    B ASP A 1 43 ? -6.476  -4.723  -7.725  0.50 12.22 ? 42  ASP A C    1 
ATOM   625  O  O    A ASP A 1 43 ? -6.886  -5.607  -7.122  0.50 6.61  ? 42  ASP A O    1 
ATOM   626  O  O    B ASP A 1 43 ? -6.724  -5.647  -6.936  0.50 9.95  ? 42  ASP A O    1 
ATOM   627  C  CB   . ASP A 1 43 ? -3.958  -5.011  -7.982  1.00 11.92 ? 42  ASP A CB   1 
ATOM   628  C  CG   . ASP A 1 43 ? -3.920  -5.654  -9.312  1.00 16.39 ? 42  ASP A CG   1 
ATOM   629  O  OD1  . ASP A 1 43 ? -2.974  -6.304  -9.722  1.00 24.05 ? 42  ASP A OD1  1 
ATOM   630  O  OD2  . ASP A 1 43 ? -4.971  -5.469  -10.045 1.00 23.44 ? 42  ASP A OD2  1 
ATOM   631  H  H    . ASP A 1 43 ? -4.262  -3.776  -5.932  1.00 10.89 ? 42  ASP A H    1 
ATOM   632  H  HA   . ASP A 1 43 ? -5.056  -3.379  -8.443  1.00 10.62 ? 42  ASP A HA   1 
ATOM   633  H  HB2  . ASP A 1 43 ? -3.072  -4.575  -7.789  1.00 12.11 ? 42  ASP A HB2  1 
ATOM   634  H  HB3  . ASP A 1 43 ? -3.990  -5.730  -7.315  1.00 12.24 ? 42  ASP A HB3  1 
ATOM   635  N  N    A GLU A 1 44 ? -7.185  -4.197  -8.807  0.50 14.80 ? 43  GLU A N    1 
ATOM   636  N  N    B GLU A 1 44 ? -7.375  -4.258  -8.584  0.50 14.98 ? 43  GLU A N    1 
ATOM   637  C  CA   A GLU A 1 44 ? -8.554  -4.593  -9.188  0.50 18.23 ? 43  GLU A CA   1 
ATOM   638  C  CA   B GLU A 1 44 ? -8.739  -4.812  -8.648  0.50 15.97 ? 43  GLU A CA   1 
ATOM   639  C  C    A GLU A 1 44 ? -8.695  -6.092  -9.359  0.50 16.42 ? 43  GLU A C    1 
ATOM   640  C  C    B GLU A 1 44 ? -8.712  -6.303  -8.986  0.50 13.72 ? 43  GLU A C    1 
ATOM   641  O  O    A GLU A 1 44 ? -9.728  -6.690  -9.039  0.50 14.11 ? 43  GLU A O    1 
ATOM   642  O  O    B GLU A 1 44 ? -9.605  -7.033  -8.528  0.50 10.26 ? 43  GLU A O    1 
ATOM   643  C  CB   A GLU A 1 44 ? -8.830  -3.847  -10.460 0.50 22.93 ? 43  GLU A CB   1 
ATOM   644  C  CB   B GLU A 1 44 ? -9.660  -4.087  -9.613  0.50 21.40 ? 43  GLU A CB   1 
ATOM   645  C  CG   A GLU A 1 44 ? -9.625  -4.102  -11.682 0.50 23.58 ? 43  GLU A CG   1 
ATOM   646  C  CG   B GLU A 1 44 ? -9.789  -2.603  -9.669  0.50 24.80 ? 43  GLU A CG   1 
ATOM   647  C  CD   A GLU A 1 44 ? -8.974  -3.457  -12.908 0.50 28.60 ? 43  GLU A CD   1 
ATOM   648  C  CD   B GLU A 1 44 ? -10.943 -1.750  -9.342  0.50 29.20 ? 43  GLU A CD   1 
ATOM   649  O  OE1  A GLU A 1 44 ? -9.282  -2.372  -13.340 0.50 27.99 ? 43  GLU A OE1  1 
ATOM   650  O  OE1  B GLU A 1 44 ? -10.941 -0.505  -9.503  0.50 30.59 ? 43  GLU A OE1  1 
ATOM   651  O  OE2  A GLU A 1 44 ? -8.023  -4.238  -13.382 0.50 32.17 ? 43  GLU A OE2  1 
ATOM   652  O  OE2  B GLU A 1 44 ? -12.038 -2.311  -8.877  0.50 31.15 ? 43  GLU A OE2  1 
ATOM   653  H  H    A GLU A 1 44 ? -6.865  -3.494  -9.352  0.50 14.39 ? 43  GLU A H    1 
ATOM   654  H  H    B GLU A 1 44 ? -7.164  -3.565  -9.142  0.50 14.75 ? 43  GLU A H    1 
ATOM   655  H  HA   A GLU A 1 44 ? -9.153  -4.315  -8.452  0.50 18.19 ? 43  GLU A HA   1 
ATOM   656  H  HA   B GLU A 1 44 ? -9.115  -4.732  -7.723  0.50 15.96 ? 43  GLU A HA   1 
ATOM   657  H  HB2  A GLU A 1 44 ? -8.898  -2.844  -10.227 0.50 22.92 ? 43  GLU A HB2  1 
ATOM   658  H  HB2  B GLU A 1 44 ? -9.344  -4.380  -10.574 0.50 21.68 ? 43  GLU A HB2  1 
ATOM   659  H  HB3  A GLU A 1 44 ? -7.812  -3.769  -10.884 0.50 22.99 ? 43  GLU A HB3  1 
ATOM   660  H  HB3  B GLU A 1 44 ? -10.538 -4.549  -9.556  0.50 21.38 ? 43  GLU A HB3  1 
ATOM   661  H  HG2  A GLU A 1 44 ? -9.784  -5.026  -11.923 0.50 23.73 ? 43  GLU A HG2  1 
ATOM   662  H  HG2  B GLU A 1 44 ? -8.975  -2.153  -9.203  0.50 24.72 ? 43  GLU A HG2  1 
ATOM   663  H  HG3  A GLU A 1 44 ? -10.519 -3.665  -11.651 0.50 23.29 ? 43  GLU A HG3  1 
ATOM   664  H  HG3  B GLU A 1 44 ? -9.530  -2.330  -10.644 0.50 24.77 ? 43  GLU A HG3  1 
ATOM   665  N  N    A ASP A 1 45 ? -7.639  -6.703  -9.850  0.50 16.45 ? 44  ASP A N    1 
ATOM   666  N  N    B ASP A 1 45 ? -7.715  -6.728  -9.732  0.50 14.71 ? 44  ASP A N    1 
ATOM   667  C  CA   . ASP A 1 45 ? -7.579  -8.139  -10.126 1.00 19.17 ? 44  ASP A CA   1 
ATOM   668  C  C    . ASP A 1 45 ? -6.931  -8.959  -9.021  1.00 20.69 ? 44  ASP A C    1 
ATOM   669  O  O    . ASP A 1 45 ? -6.743  -10.202 -9.220  1.00 18.85 ? 44  ASP A O    1 
ATOM   670  C  CB   . ASP A 1 45 ? -6.816  -8.337  -11.435 1.00 24.75 ? 44  ASP A CB   1 
ATOM   671  C  CG   . ASP A 1 45 ? -7.396  -7.871  -12.706 1.00 33.26 ? 44  ASP A CG   1 
ATOM   672  O  OD1  . ASP A 1 45 ? -6.658  -7.650  -13.701 1.00 43.76 ? 44  ASP A OD1  1 
ATOM   673  O  OD2  . ASP A 1 45 ? -8.677  -7.702  -12.841 1.00 26.03 ? 44  ASP A OD2  1 
ATOM   674  H  H    A ASP A 1 45 ? -6.892  -6.248  -10.087 0.50 16.32 ? 44  ASP A H    1 
ATOM   675  H  H    B ASP A 1 45 ? -7.082  -6.152  -10.041 0.50 14.53 ? 44  ASP A H    1 
ATOM   676  H  HA   . ASP A 1 45 ? -8.473  -8.476  -10.282 1.00 19.46 ? 44  ASP A HA   1 
ATOM   677  H  HB2  . ASP A 1 45 ? -5.890  -7.847  -11.349 1.00 24.88 ? 44  ASP A HB2  1 
ATOM   678  H  HB3  . ASP A 1 45 ? -6.485  -9.262  -11.519 1.00 25.05 ? 44  ASP A HB3  1 
ATOM   679  N  N    . ALA A 1 46 ? -6.550  -8.311  -7.915  1.00 16.96 ? 45  ALA A N    1 
ATOM   680  C  CA   . ALA A 1 46 ? -5.905  -9.061  -6.826  1.00 13.15 ? 45  ALA A CA   1 
ATOM   681  C  C    . ALA A 1 46 ? -6.269  -8.601  -5.441  1.00 11.99 ? 45  ALA A C    1 
ATOM   682  O  O    . ALA A 1 46 ? -5.451  -8.305  -4.564  1.00 20.40 ? 45  ALA A O    1 
ATOM   683  C  CB   . ALA A 1 46 ? -4.395  -9.186  -7.064  1.00 16.72 ? 45  ALA A CB   1 
ATOM   684  H  H    . ALA A 1 46 ? -6.697  -7.462  -7.847  1.00 17.27 ? 45  ALA A H    1 
ATOM   685  H  HA   . ALA A 1 46 ? -6.241  -10.012 -6.924  1.00 13.22 ? 45  ALA A HA   1 
ATOM   686  H  HB1  . ALA A 1 46 ? -4.175  -9.050  -8.025  1.00 16.29 ? 45  ALA A HB1  1 
ATOM   687  H  HB2  . ALA A 1 46 ? -3.906  -8.526  -6.550  1.00 17.06 ? 45  ALA A HB2  1 
ATOM   688  H  HB3  . ALA A 1 46 ? -4.081  -10.098 -6.829  1.00 15.77 ? 45  ALA A HB3  1 
ATOM   689  N  N    . VAL A 1 47 ? -7.547  -8.588  -5.178  1.00 12.66 ? 46  VAL A N    1 
ATOM   690  C  CA   . VAL A 1 47 ? -8.175  -8.265  -3.898  1.00 12.80 ? 46  VAL A CA   1 
ATOM   691  C  C    . VAL A 1 47 ? -9.326  -9.294  -3.786  1.00 13.34 ? 46  VAL A C    1 
ATOM   692  O  O    . VAL A 1 47 ? -9.790  -9.843  -4.809  1.00 11.24 ? 46  VAL A O    1 
ATOM   693  C  CB   . VAL A 1 47 ? -8.564  -6.798  -3.743  1.00 12.51 ? 46  VAL A CB   1 
ATOM   694  C  CG1  . VAL A 1 47 ? -7.421  -5.808  -4.068  1.00 13.44 ? 46  VAL A CG1  1 
ATOM   695  C  CG2  . VAL A 1 47 ? -9.787  -6.376  -4.525  1.00 10.32 ? 46  VAL A CG2  1 
ATOM   696  H  H    . VAL A 1 47 ? -8.176  -8.844  -5.829  1.00 13.57 ? 46  VAL A H    1 
ATOM   697  H  HA   . VAL A 1 47 ? -7.499  -8.435  -3.208  1.00 12.69 ? 46  VAL A HA   1 
ATOM   698  H  HB   . VAL A 1 47 ? -8.818  -6.704  -2.795  1.00 12.72 ? 46  VAL A HB   1 
ATOM   699  H  HG11 . VAL A 1 47 ? -6.525  -6.125  -3.894  1.00 13.01 ? 46  VAL A HG11 1 
ATOM   700  H  HG12 . VAL A 1 47 ? -7.444  -5.612  -5.029  1.00 13.67 ? 46  VAL A HG12 1 
ATOM   701  H  HG13 . VAL A 1 47 ? -7.599  -4.940  -3.667  1.00 12.57 ? 46  VAL A HG13 1 
ATOM   702  H  HG21 . VAL A 1 47 ? -9.731  -6.612  -5.452  1.00 9.81  ? 46  VAL A HG21 1 
ATOM   703  H  HG22 . VAL A 1 47 ? -10.580 -6.746  -4.104  1.00 10.40 ? 46  VAL A HG22 1 
ATOM   704  H  HG23 . VAL A 1 47 ? -9.873  -5.387  -4.466  1.00 9.95  ? 46  VAL A HG23 1 
ATOM   705  N  N    . PRO A 1 48 ? -9.754  -9.532  -2.589  1.00 18.50 ? 47  PRO A N    1 
ATOM   706  C  CA   . PRO A 1 48 ? -10.860 -10.470 -2.300  1.00 14.72 ? 47  PRO A CA   1 
ATOM   707  C  C    . PRO A 1 48 ? -12.166 -10.023 -2.941  1.00 13.28 ? 47  PRO A C    1 
ATOM   708  O  O    . PRO A 1 48 ? -12.470 -8.862  -3.146  1.00 10.70 ? 47  PRO A O    1 
ATOM   709  C  CB   . PRO A 1 48 ? -10.921 -10.548 -0.783  1.00 15.08 ? 47  PRO A CB   1 
ATOM   710  C  CG   . PRO A 1 48 ? -9.518  -10.131 -0.299  1.00 16.67 ? 47  PRO A CG   1 
ATOM   711  C  CD   . PRO A 1 48 ? -9.250  -8.952  -1.287  1.00 16.40 ? 47  PRO A CD   1 
ATOM   712  H  HA   . PRO A 1 48 ? -10.680 -11.327 -2.694  1.00 15.17 ? 47  PRO A HA   1 
ATOM   713  H  HB2  . PRO A 1 48 ? -11.613 -9.920  -0.493  1.00 14.81 ? 47  PRO A HB2  1 
ATOM   714  H  HB3  . PRO A 1 48 ? -11.166 -11.321 -0.436  1.00 15.55 ? 47  PRO A HB3  1 
ATOM   715  H  HG2  . PRO A 1 48 ? -9.511  -9.773  0.595   1.00 16.49 ? 47  PRO A HG2  1 
ATOM   716  H  HG3  . PRO A 1 48 ? -8.975  -10.740 -0.413  1.00 16.20 ? 47  PRO A HG3  1 
ATOM   717  H  HD2  . PRO A 1 48 ? -9.620  -8.116  -1.076  1.00 16.12 ? 47  PRO A HD2  1 
ATOM   718  H  HD3  . PRO A 1 48 ? -8.263  -8.907  -1.305  1.00 16.86 ? 47  PRO A HD3  1 
ATOM   719  N  N    . ALA A 1 49 ? -12.980 -11.041 -3.218  1.00 17.20 ? 48  ALA A N    1 
ATOM   720  C  CA   . ALA A 1 49 ? -14.314 -10.878 -3.808  1.00 12.51 ? 48  ALA A CA   1 
ATOM   721  C  C    . ALA A 1 49 ? -15.078 -9.979  -2.831  1.00 10.40 ? 48  ALA A C    1 
ATOM   722  O  O    . ALA A 1 49 ? -14.928 -10.159 -1.612  1.00 12.62 ? 48  ALA A O    1 
ATOM   723  C  CB   . ALA A 1 49 ? -14.998 -12.220 -4.024  1.00 19.08 ? 48  ALA A CB   1 
ATOM   724  H  H    . ALA A 1 49 ? -12.771 -11.921 -3.041  1.00 17.33 ? 48  ALA A H    1 
ATOM   725  H  HA   . ALA A 1 49 ? -14.244 -10.407 -4.639  1.00 12.56 ? 48  ALA A HA   1 
ATOM   726  H  HB1  . ALA A 1 49 ? -14.525 -12.840 -4.561  1.00 18.72 ? 48  ALA A HB1  1 
ATOM   727  H  HB2  . ALA A 1 49 ? -15.168 -12.671 -3.116  1.00 18.90 ? 48  ALA A HB2  1 
ATOM   728  H  HB3  . ALA A 1 49 ? -15.934 -12.109 -4.402  1.00 18.97 ? 48  ALA A HB3  1 
ATOM   729  N  N    . GLY A 1 50 ? -15.809 -9.060  -3.407  1.00 11.73 ? 49  GLY A N    1 
ATOM   730  C  CA   . GLY A 1 50 ? -16.600 -8.127  -2.603  1.00 16.73 ? 49  GLY A CA   1 
ATOM   731  C  C    . GLY A 1 50 ? -15.824 -6.894  -2.162  1.00 17.15 ? 49  GLY A C    1 
ATOM   732  O  O    . GLY A 1 50 ? -16.509 -5.909  -1.780  1.00 18.28 ? 49  GLY A O    1 
ATOM   733  H  H    . GLY A 1 50 ? -15.877 -8.966  -4.303  1.00 11.43 ? 49  GLY A H    1 
ATOM   734  H  HA2  . GLY A 1 50 ? -17.394 -7.874  -3.107  1.00 16.35 ? 49  GLY A HA2  1 
ATOM   735  H  HA3  . GLY A 1 50 ? -16.936 -8.625  -1.785  1.00 16.69 ? 49  GLY A HA3  1 
ATOM   736  N  N    . VAL A 1 51 ? -14.468 -6.959  -2.222  1.00 15.86 ? 50  VAL A N    1 
ATOM   737  C  CA   . VAL A 1 51 ? -13.772 -5.719  -1.814  1.00 17.58 ? 50  VAL A CA   1 
ATOM   738  C  C    . VAL A 1 51 ? -13.742 -4.760  -3.018  1.00 6.68  ? 50  VAL A C    1 
ATOM   739  O  O    . VAL A 1 51 ? -13.500 -5.146  -4.148  1.00 9.52  ? 50  VAL A O    1 
ATOM   740  C  CB   . VAL A 1 51 ? -12.417 -5.834  -1.097  1.00 18.06 ? 50  VAL A CB   1 
ATOM   741  C  CG1  . VAL A 1 51 ? -12.122 -7.184  -0.539  1.00 14.62 ? 50  VAL A CG1  1 
ATOM   742  C  CG2  . VAL A 1 51 ? -11.330 -5.141  -1.895  1.00 15.48 ? 50  VAL A CG2  1 
ATOM   743  H  H    . VAL A 1 51 ? -14.064 -7.647  -2.500  1.00 15.48 ? 50  VAL A H    1 
ATOM   744  H  HA   . VAL A 1 51 ? -14.371 -5.221  -1.168  1.00 17.55 ? 50  VAL A HA   1 
ATOM   745  H  HB   . VAL A 1 51 ? -12.519 -5.223  -0.246  1.00 18.92 ? 50  VAL A HB   1 
ATOM   746  H  HG11 . VAL A 1 51 ? -12.561 -7.918  -1.059  1.00 15.20 ? 50  VAL A HG11 1 
ATOM   747  H  HG12 . VAL A 1 51 ? -11.269 -7.375  -0.293  1.00 14.48 ? 50  VAL A HG12 1 
ATOM   748  H  HG13 . VAL A 1 51 ? -12.729 -7.270  0.312   1.00 13.91 ? 50  VAL A HG13 1 
ATOM   749  H  HG21 . VAL A 1 51 ? -11.526 -4.165  -2.063  1.00 13.96 ? 50  VAL A HG21 1 
ATOM   750  H  HG22 . VAL A 1 51 ? -10.506 -5.073  -1.370  1.00 15.64 ? 50  VAL A HG22 1 
ATOM   751  H  HG23 . VAL A 1 51 ? -11.230 -5.559  -2.723  1.00 16.11 ? 50  VAL A HG23 1 
ATOM   752  N  N    . ASP A 1 52 ? -14.021 -3.531  -2.630  1.00 8.75  ? 51  ASP A N    1 
ATOM   753  C  CA   . ASP A 1 52 ? -14.065 -2.390  -3.613  1.00 12.90 ? 51  ASP A CA   1 
ATOM   754  C  C    . ASP A 1 52 ? -12.674 -1.724  -3.592  1.00 10.74 ? 51  ASP A C    1 
ATOM   755  O  O    . ASP A 1 52 ? -12.382 -0.919  -2.710  1.00 11.41 ? 51  ASP A O    1 
ATOM   756  C  CB   . ASP A 1 52 ? -15.180 -1.469  -3.212  1.00 15.56 ? 51  ASP A CB   1 
ATOM   757  C  CG   . ASP A 1 52 ? -15.198 -0.169  -3.967  1.00 17.11 ? 51  ASP A CG   1 
ATOM   758  O  OD1  . ASP A 1 52 ? -16.071 0.651   -3.741  1.00 28.66 ? 51  ASP A OD1  1 
ATOM   759  O  OD2  . ASP A 1 52 ? -14.263 0.006   -4.841  1.00 27.21 ? 51  ASP A OD2  1 
ATOM   760  H  H    . ASP A 1 52 ? -14.197 -3.289  -1.781  1.00 8.02  ? 51  ASP A H    1 
ATOM   761  H  HA   . ASP A 1 52 ? -14.218 -2.700  -4.513  1.00 12.18 ? 51  ASP A HA   1 
ATOM   762  H  HB2  . ASP A 1 52 ? -16.086 -1.928  -3.270  1.00 15.19 ? 51  ASP A HB2  1 
ATOM   763  H  HB3  . ASP A 1 52 ? -15.157 -1.275  -2.246  1.00 15.52 ? 51  ASP A HB3  1 
ATOM   764  N  N    . ALA A 1 53 ? -11.888 -2.143  -4.568  1.00 12.44 ? 52  ALA A N    1 
ATOM   765  C  CA   . ALA A 1 53 ? -10.496 -1.684  -4.685  1.00 14.04 ? 52  ALA A CA   1 
ATOM   766  C  C    . ALA A 1 53 ? -10.347 -0.180  -4.702  1.00 12.71 ? 52  ALA A C    1 
ATOM   767  O  O    . ALA A 1 53 ? -9.386  0.399   -4.151  1.00 10.14 ? 52  ALA A O    1 
ATOM   768  C  CB   . ALA A 1 53 ? -9.849  -2.344  -5.923  1.00 11.34 ? 52  ALA A CB   1 
ATOM   769  H  H    . ALA A 1 53 ? -12.125 -2.735  -5.149  1.00 12.05 ? 52  ALA A H    1 
ATOM   770  H  HA   . ALA A 1 53 ? -9.984  -2.066  -3.929  1.00 13.81 ? 52  ALA A HA   1 
ATOM   771  H  HB1  . ALA A 1 53 ? -10.052 -3.299  -5.905  1.00 11.46 ? 52  ALA A HB1  1 
ATOM   772  H  HB2  . ALA A 1 53 ? -10.266 -1.930  -6.737  1.00 10.96 ? 52  ALA A HB2  1 
ATOM   773  H  HB3  . ALA A 1 53 ? -8.908  -2.191  -5.975  1.00 10.95 ? 52  ALA A HB3  1 
ATOM   774  N  N    . ASP A 1 54 ? -11.289 0.462   -5.347  1.00 13.84 ? 53  ASP A N    1 
ATOM   775  C  CA   . ASP A 1 54 ? -11.259 1.929   -5.478  1.00 13.84 ? 53  ASP A CA   1 
ATOM   776  C  C    . ASP A 1 54 ? -11.449 2.646   -4.174  1.00 16.13 ? 53  ASP A C    1 
ATOM   777  O  O    . ASP A 1 54 ? -10.894 3.751   -4.004  1.00 19.21 ? 53  ASP A O    1 
ATOM   778  C  CB   . ASP A 1 54 ? -12.238 2.397   -6.542  1.00 20.72 ? 53  ASP A CB   1 
ATOM   779  C  CG   . ASP A 1 54 ? -11.635 2.111   -7.891  1.00 26.73 ? 53  ASP A CG   1 
ATOM   780  O  OD1  . ASP A 1 54 ? -10.467 1.810   -8.047  1.00 36.66 ? 53  ASP A OD1  1 
ATOM   781  O  OD2  . ASP A 1 54 ? -12.476 2.212   -8.871  1.00 37.75 ? 53  ASP A OD2  1 
ATOM   782  H  H    . ASP A 1 54 ? -11.976 0.037   -5.754  1.00 14.03 ? 53  ASP A H    1 
ATOM   783  H  HA   . ASP A 1 54 ? -10.392 2.131   -5.863  1.00 14.29 ? 53  ASP A HA   1 
ATOM   784  H  HB2  . ASP A 1 54 ? -13.088 1.948   -6.459  1.00 20.83 ? 53  ASP A HB2  1 
ATOM   785  H  HB3  . ASP A 1 54 ? -12.387 3.349   -6.436  1.00 20.59 ? 53  ASP A HB3  1 
ATOM   786  N  N    . ALA A 1 55 ? -12.173 2.057   -3.267  1.00 16.68 ? 54  ALA A N    1 
ATOM   787  C  CA   . ALA A 1 55 ? -12.459 2.657   -1.960  1.00 14.15 ? 54  ALA A CA   1 
ATOM   788  C  C    . ALA A 1 55 ? -11.298 2.564   -1.013  1.00 10.49 ? 54  ALA A C    1 
ATOM   789  O  O    . ALA A 1 55 ? -11.037 3.481   -0.199  1.00 14.07 ? 54  ALA A O    1 
ATOM   790  C  CB   . ALA A 1 55 ? -13.782 2.047   -1.474  1.00 15.15 ? 54  ALA A CB   1 
ATOM   791  H  H    . ALA A 1 55 ? -12.568 1.238   -3.442  1.00 16.97 ? 54  ALA A H    1 
ATOM   792  H  HA   . ALA A 1 55 ? -12.644 3.608   -2.150  1.00 14.82 ? 54  ALA A HA   1 
ATOM   793  H  HB1  . ALA A 1 55 ? -13.988 1.264   -2.079  1.00 14.99 ? 54  ALA A HB1  1 
ATOM   794  H  HB2  . ALA A 1 55 ? -13.684 1.671   -0.575  1.00 15.22 ? 54  ALA A HB2  1 
ATOM   795  H  HB3  . ALA A 1 55 ? -14.522 2.651   -1.584  1.00 14.25 ? 54  ALA A HB3  1 
ATOM   796  N  N    . ILE A 1 56 ? -10.552 1.504   -1.110  1.00 11.90 ? 55  ILE A N    1 
ATOM   797  C  CA   . ILE A 1 56 ? -9.379  1.312   -0.215  1.00 13.18 ? 55  ILE A CA   1 
ATOM   798  C  C    . ILE A 1 56 ? -8.124  1.918   -0.809  1.00 6.46  ? 55  ILE A C    1 
ATOM   799  O  O    . ILE A 1 56 ? -7.155  2.158   -0.088  1.00 9.10  ? 55  ILE A O    1 
ATOM   800  C  CB   . ILE A 1 56 ? -9.256  -0.132  0.236   1.00 17.16 ? 55  ILE A CB   1 
ATOM   801  C  CG1  . ILE A 1 56 ? -9.134  -1.098  -0.931  1.00 6.52  ? 55  ILE A CG1  1 
ATOM   802  C  CG2  . ILE A 1 56 ? -10.472 -0.519  1.073   1.00 17.21 ? 55  ILE A CG2  1 
ATOM   803  C  CD1  . ILE A 1 56 ? -8.542  -2.462  -0.621  1.00 10.57 ? 55  ILE A CD1  1 
ATOM   804  H  H    . ILE A 1 56 ? -10.729 0.830   -1.704  1.00 12.02 ? 55  ILE A H    1 
ATOM   805  H  HA   . ILE A 1 56 ? -9.623  1.874   0.586   1.00 13.04 ? 55  ILE A HA   1 
ATOM   806  H  HB   . ILE A 1 56 ? -8.487  -0.205  0.863   1.00 17.22 ? 55  ILE A HB   1 
ATOM   807  H  HG12 . ILE A 1 56 ? -10.142 -1.301  -1.124  1.00 7.02  ? 55  ILE A HG12 1 
ATOM   808  H  HG13 . ILE A 1 56 ? -8.760  -0.719  -1.699  1.00 6.51  ? 55  ILE A HG13 1 
ATOM   809  H  HG21 . ILE A 1 56 ? -10.873 0.297   1.445   1.00 17.50 ? 55  ILE A HG21 1 
ATOM   810  H  HG22 . ILE A 1 56 ? -11.155 -0.934  0.446   1.00 17.42 ? 55  ILE A HG22 1 
ATOM   811  H  HG23 . ILE A 1 56 ? -10.188 -1.170  1.741   1.00 17.12 ? 55  ILE A HG23 1 
ATOM   812  H  HD11 . ILE A 1 56 ? -8.943  -2.763  0.264   1.00 10.76 ? 55  ILE A HD11 1 
ATOM   813  H  HD12 . ILE A 1 56 ? -8.640  -3.097  -1.327  1.00 10.25 ? 55  ILE A HD12 1 
ATOM   814  H  HD13 . ILE A 1 56 ? -7.562  -2.296  -0.381  1.00 10.87 ? 55  ILE A HD13 1 
ATOM   815  N  N    . SER A 1 57 ? -8.123  2.232   -2.082  1.00 5.65  ? 56  SER A N    1 
ATOM   816  C  CA   . SER A 1 57 ? -6.915  2.878   -2.656  1.00 7.24  ? 56  SER A CA   1 
ATOM   817  C  C    . SER A 1 57 ? -6.819  4.317   -2.114  1.00 4.98  ? 56  SER A C    1 
ATOM   818  O  O    . SER A 1 57 ? -7.769  4.854   -1.516  1.00 6.89  ? 56  SER A O    1 
ATOM   819  C  CB   . SER A 1 57 ? -7.034  2.896   -4.152  1.00 6.28  ? 56  SER A CB   1 
ATOM   820  O  OG   . SER A 1 57 ? -6.914  1.626   -4.735  1.00 6.24  ? 56  SER A OG   1 
ATOM   821  H  H    . SER A 1 57 ? -8.824  2.093   -2.621  1.00 5.54  ? 56  SER A H    1 
ATOM   822  H  HA   . SER A 1 57 ? -6.139  2.383   -2.396  1.00 6.62  ? 56  SER A HA   1 
ATOM   823  H  HB2  . SER A 1 57 ? -8.054  3.151   -4.266  1.00 6.56  ? 56  SER A HB2  1 
ATOM   824  H  HB3  . SER A 1 57 ? -6.590  3.638   -4.581  1.00 6.42  ? 56  SER A HB3  1 
ATOM   825  H  HG   . SER A 1 57 ? -7.140  1.047   -4.157  1.00 6.53  ? 56  SER A HG   1 
ATOM   826  N  N    . ALA A 1 58 ? -5.683  4.917   -2.370  1.00 2.11  ? 57  ALA A N    1 
ATOM   827  C  CA   . ALA A 1 58 ? -5.393  6.328   -2.012  1.00 4.46  ? 57  ALA A CA   1 
ATOM   828  C  C    . ALA A 1 58 ? -4.536  6.761   -3.212  1.00 5.43  ? 57  ALA A C    1 
ATOM   829  O  O    . ALA A 1 58 ? -3.301  6.686   -3.183  1.00 3.74  ? 57  ALA A O    1 
ATOM   830  C  CB   . ALA A 1 58 ? -4.709  6.396   -0.688  1.00 10.02 ? 57  ALA A CB   1 
ATOM   831  H  H    . ALA A 1 58 ? -5.029  4.546   -2.818  1.00 2.00  ? 57  ALA A H    1 
ATOM   832  H  HA   . ALA A 1 58 ? -6.209  6.819   -2.004  1.00 3.82  ? 57  ALA A HA   1 
ATOM   833  H  HB1  . ALA A 1 58 ? -4.514  5.447   -0.346  1.00 10.19 ? 57  ALA A HB1  1 
ATOM   834  H  HB2  . ALA A 1 58 ? -3.828  6.843   -0.683  1.00 9.59  ? 57  ALA A HB2  1 
ATOM   835  H  HB3  . ALA A 1 58 ? -5.296  6.790   -0.009  1.00 10.54 ? 57  ALA A HB3  1 
ATOM   836  N  N    A GLU A 1 59 ? -5.234  7.255   -4.214  0.50 4.88  ? 59  GLU A N    1 
ATOM   837  N  N    B GLU A 1 59 ? -5.221  7.168   -4.267  0.50 5.69  ? 59  GLU A N    1 
ATOM   838  C  CA   A GLU A 1 59 ? -4.639  7.671   -5.463  0.50 10.46 ? 59  GLU A CA   1 
ATOM   839  C  CA   B GLU A 1 59 ? -4.590  7.536   -5.525  0.50 10.77 ? 59  GLU A CA   1 
ATOM   840  C  C    A GLU A 1 59 ? -3.935  8.983   -5.587  0.50 6.97  ? 59  GLU A C    1 
ATOM   841  C  C    B GLU A 1 59 ? -3.892  8.848   -5.675  0.50 7.98  ? 59  GLU A C    1 
ATOM   842  O  O    A GLU A 1 59 ? -3.043  9.068   -6.484  0.50 6.57  ? 59  GLU A O    1 
ATOM   843  O  O    B GLU A 1 59 ? -3.020  8.979   -6.581  0.50 7.41  ? 59  GLU A O    1 
ATOM   844  C  CB   A GLU A 1 59 ? -5.765  7.608   -6.544  0.50 15.88 ? 59  GLU A CB   1 
ATOM   845  C  CB   B GLU A 1 59 ? -5.677  7.366   -6.647  0.50 15.77 ? 59  GLU A CB   1 
ATOM   846  C  CG   A GLU A 1 59 ? -6.803  6.509   -6.217  0.50 20.61 ? 59  GLU A CG   1 
ATOM   847  C  CG   B GLU A 1 59 ? -6.295  5.968   -6.599  0.50 18.40 ? 59  GLU A CG   1 
ATOM   848  C  CD   A GLU A 1 59 ? -8.104  7.116   -5.746  0.50 19.27 ? 59  GLU A CD   1 
ATOM   849  C  CD   B GLU A 1 59 ? -7.098  5.457   -7.741  0.50 19.71 ? 59  GLU A CD   1 
ATOM   850  O  OE1  A GLU A 1 59 ? -8.999  7.238   -6.559  0.50 24.43 ? 59  GLU A OE1  1 
ATOM   851  O  OE1  B GLU A 1 59 ? -8.166  4.872   -7.594  0.50 22.87 ? 59  GLU A OE1  1 
ATOM   852  O  OE2  A GLU A 1 59 ? -8.104  7.471   -4.502  0.50 15.99 ? 59  GLU A OE2  1 
ATOM   853  O  OE2  B GLU A 1 59 ? -6.563  5.672   -8.905  0.50 14.37 ? 59  GLU A OE2  1 
ATOM   854  H  H    A GLU A 1 59 ? -6.151  7.283   -4.207  0.50 4.99  ? 59  GLU A H    1 
ATOM   855  H  H    B GLU A 1 59 ? -6.135  7.178   -4.274  0.50 5.73  ? 59  GLU A H    1 
ATOM   856  H  HA   A GLU A 1 59 ? -3.987  6.927   -5.733  0.50 10.05 ? 59  GLU A HA   1 
ATOM   857  H  HA   B GLU A 1 59 ? -3.920  6.791   -5.731  0.50 10.28 ? 59  GLU A HA   1 
ATOM   858  H  HB2  A GLU A 1 59 ? -6.238  8.452   -6.555  0.50 15.68 ? 59  GLU A HB2  1 
ATOM   859  H  HB2  B GLU A 1 59 ? -6.394  8.012   -6.438  0.50 15.42 ? 59  GLU A HB2  1 
ATOM   860  H  HB3  A GLU A 1 59 ? -5.338  7.417   -7.387  0.50 15.84 ? 59  GLU A HB3  1 
ATOM   861  H  HB3  B GLU A 1 59 ? -5.262  7.546   -7.483  0.50 15.64 ? 59  GLU A HB3  1 
ATOM   862  H  HG2  A GLU A 1 59 ? -7.061  6.024   -7.058  0.50 20.79 ? 59  GLU A HG2  1 
ATOM   863  H  HG2  B GLU A 1 59 ? -5.697  5.290   -6.278  0.50 18.26 ? 59  GLU A HG2  1 
ATOM   864  H  HG3  A GLU A 1 59 ? -6.500  5.881   -5.597  0.50 20.48 ? 59  GLU A HG3  1 
ATOM   865  H  HG3  B GLU A 1 59 ? -6.982  6.034   -5.816  0.50 18.54 ? 59  GLU A HG3  1 
ATOM   866  N  N    A ASP A 1 60 ? -4.257  9.979   -4.808  0.50 3.73  ? 61  ASP A N    1 
ATOM   867  N  N    B ASP A 1 60 ? -4.195  9.806   -4.868  0.50 4.49  ? 61  ASP A N    1 
ATOM   868  C  CA   A ASP A 1 60 ? -3.575  11.298  -4.911  0.50 2.77  ? 61  ASP A CA   1 
ATOM   869  C  CA   B ASP A 1 60 ? -3.604  11.176  -4.868  0.50 5.45  ? 61  ASP A CA   1 
ATOM   870  C  C    A ASP A 1 60 ? -2.126  11.040  -4.457  0.50 5.43  ? 61  ASP A C    1 
ATOM   871  C  C    B ASP A 1 60 ? -2.157  11.062  -4.436  0.50 6.78  ? 61  ASP A C    1 
ATOM   872  O  O    A ASP A 1 60 ? -1.874  10.218  -3.566  0.50 3.85  ? 61  ASP A O    1 
ATOM   873  O  O    B ASP A 1 60 ? -1.856  10.321  -3.470  0.50 5.53  ? 61  ASP A O    1 
ATOM   874  C  CB   A ASP A 1 60 ? -4.252  12.354  -4.079  0.50 5.89  ? 61  ASP A CB   1 
ATOM   875  C  CB   B ASP A 1 60 ? -4.565  11.977  -3.978  0.50 10.64 ? 61  ASP A CB   1 
ATOM   876  C  CG   A ASP A 1 60 ? -4.610  13.653  -4.747  0.50 12.90 ? 61  ASP A CG   1 
ATOM   877  C  CG   B ASP A 1 60 ? -5.974  11.419  -3.963  0.50 20.14 ? 61  ASP A CG   1 
ATOM   878  O  OD1  A ASP A 1 60 ? -4.158  14.753  -4.460  0.50 3.45  ? 61  ASP A OD1  1 
ATOM   879  O  OD1  B ASP A 1 60 ? -6.901  11.898  -4.603  0.50 24.59 ? 61  ASP A OD1  1 
ATOM   880  O  OD2  A ASP A 1 60 ? -5.536  13.512  -5.666  0.50 14.02 ? 61  ASP A OD2  1 
ATOM   881  O  OD2  B ASP A 1 60 ? -6.197  10.366  -3.188  0.50 16.12 ? 61  ASP A OD2  1 
ATOM   882  H  H    A ASP A 1 60 ? -4.892  9.880   -4.184  0.50 4.14  ? 61  ASP A H    1 
ATOM   883  H  H    B ASP A 1 60 ? -4.834  9.692   -4.213  0.50 4.75  ? 61  ASP A H    1 
ATOM   884  H  HA   A ASP A 1 60 ? -3.581  11.584  -5.813  0.50 2.22  ? 61  ASP A HA   1 
ATOM   885  H  HA   B ASP A 1 60 ? -3.677  11.550  -5.736  0.50 4.82  ? 61  ASP A HA   1 
ATOM   886  H  HB2  A ASP A 1 60 ? -5.040  12.041  -3.576  0.50 5.79  ? 61  ASP A HB2  1 
ATOM   887  H  HB2  B ASP A 1 60 ? -4.262  12.110  -3.085  0.50 10.61 ? 61  ASP A HB2  1 
ATOM   888  H  HB3  A ASP A 1 60 ? -3.617  12.584  -3.330  0.50 6.46  ? 61  ASP A HB3  1 
ATOM   889  H  HB3  B ASP A 1 60 ? -4.657  12.869  -4.392  0.50 11.04 ? 61  ASP A HB3  1 
ATOM   890  N  N    . TYR A 1 61 ? -1.218  11.719  -5.099  1.00 4.79  ? 62  TYR A N    1 
ATOM   891  C  CA   . TYR A 1 61 ? 0.209   11.682  -4.854  1.00 6.74  ? 62  TYR A CA   1 
ATOM   892  C  C    . TYR A 1 61 ? 0.625   12.190  -3.475  1.00 9.56  ? 62  TYR A C    1 
ATOM   893  O  O    . TYR A 1 61 ? 0.173   13.212  -2.973  1.00 6.38  ? 62  TYR A O    1 
ATOM   894  C  CB   . TYR A 1 61 ? 0.962   12.477  -5.924  1.00 9.13  ? 62  TYR A CB   1 
ATOM   895  C  CG   . TYR A 1 61 ? 1.109   11.837  -7.276  1.00 6.27  ? 62  TYR A CG   1 
ATOM   896  C  CD1  . TYR A 1 61 ? 0.463   10.643  -7.614  1.00 10.48 ? 62  TYR A CD1  1 
ATOM   897  C  CD2  . TYR A 1 61 ? 1.831   12.488  -8.267  1.00 10.15 ? 62  TYR A CD2  1 
ATOM   898  C  CE1  . TYR A 1 61 ? 0.603   10.074  -8.876  1.00 10.75 ? 62  TYR A CE1  1 
ATOM   899  C  CE2  . TYR A 1 61 ? 2.021   11.945  -9.524  1.00 7.44  ? 62  TYR A CE2  1 
ATOM   900  C  CZ   . TYR A 1 61 ? 1.387   10.736  -9.832  1.00 8.27  ? 62  TYR A CZ   1 
ATOM   901  O  OH   . TYR A 1 61 ? 1.557   10.247  -11.080 1.00 11.71 ? 62  TYR A OH   1 
ATOM   902  H  H    . TYR A 1 61 ? -1.460  12.330  -5.759  1.00 5.51  ? 62  TYR A H    1 
ATOM   903  H  HA   . TYR A 1 61 ? 0.559   10.778  -4.968  1.00 7.28  ? 62  TYR A HA   1 
ATOM   904  H  HB2  . TYR A 1 61 ? 0.556   13.368  -5.996  1.00 9.37  ? 62  TYR A HB2  1 
ATOM   905  H  HB3  . TYR A 1 61 ? 1.902   12.636  -5.555  1.00 9.30  ? 62  TYR A HB3  1 
ATOM   906  H  HD1  . TYR A 1 61 ? -0.081  10.173  -6.937  1.00 10.38 ? 62  TYR A HD1  1 
ATOM   907  H  HD2  . TYR A 1 61 ? 2.301   13.344  -8.042  1.00 10.86 ? 62  TYR A HD2  1 
ATOM   908  H  HE1  . TYR A 1 61 ? 0.159   9.230   -9.075  1.00 9.97  ? 62  TYR A HE1  1 
ATOM   909  H  HE2  . TYR A 1 61 ? 2.554   12.404  -10.192 1.00 7.87  ? 62  TYR A HE2  1 
ATOM   910  H  HH   . TYR A 1 61 ? 1.478   10.882  -11.694 1.00 11.18 ? 62  TYR A HH   1 
ATOM   911  N  N    . LEU A 1 62 ? 1.524   11.401  -2.883  1.00 6.11  ? 63  LEU A N    1 
ATOM   912  C  CA   . LEU A 1 62 ? 2.117   11.752  -1.561  1.00 7.73  ? 63  LEU A CA   1 
ATOM   913  C  C    . LEU A 1 62 ? 3.483   12.342  -1.989  1.00 5.12  ? 63  LEU A C    1 
ATOM   914  O  O    . LEU A 1 62 ? 4.305   11.604  -2.579  1.00 3.17  ? 63  LEU A O    1 
ATOM   915  C  CB   . LEU A 1 62 ? 2.228   10.556  -0.647  1.00 6.42  ? 63  LEU A CB   1 
ATOM   916  C  CG   . LEU A 1 62 ? 0.929   9.862   -0.250  1.00 10.49 ? 63  LEU A CG   1 
ATOM   917  C  CD1  . LEU A 1 62 ? 1.134   8.502   0.326   1.00 11.63 ? 63  LEU A CD1  1 
ATOM   918  C  CD2  . LEU A 1 62 ? 0.143   10.734  0.703   1.00 7.00  ? 63  LEU A CD2  1 
ATOM   919  H  H    . LEU A 1 62 ? 1.854   10.688  -3.271  1.00 5.35  ? 63  LEU A H    1 
ATOM   920  H  HA   . LEU A 1 62 ? 1.538   12.478  -1.237  1.00 6.81  ? 63  LEU A HA   1 
ATOM   921  H  HB2  . LEU A 1 62 ? 2.886   9.935   -0.913  1.00 5.75  ? 63  LEU A HB2  1 
ATOM   922  H  HB3  . LEU A 1 62 ? 2.550   10.963  0.285   1.00 6.04  ? 63  LEU A HB3  1 
ATOM   923  H  HG   . LEU A 1 62 ? 0.340   9.777   -1.067  1.00 10.88 ? 63  LEU A HG   1 
ATOM   924  H  HD11 . LEU A 1 62 ? 1.722   8.502   1.109   1.00 12.25 ? 63  LEU A HD11 1 
ATOM   925  H  HD12 . LEU A 1 62 ? 0.218   8.141   0.668   1.00 11.52 ? 63  LEU A HD12 1 
ATOM   926  H  HD13 . LEU A 1 62 ? 1.433   7.846   -0.354  1.00 11.46 ? 63  LEU A HD13 1 
ATOM   927  H  HD21 . LEU A 1 62 ? 0.761   11.362  1.140   1.00 7.34  ? 63  LEU A HD21 1 
ATOM   928  H  HD22 . LEU A 1 62 ? -0.471  11.301  0.116   1.00 7.05  ? 63  LEU A HD22 1 
ATOM   929  H  HD23 . LEU A 1 62 ? -0.378  10.184  1.294   1.00 6.73  ? 63  LEU A HD23 1 
ATOM   930  N  N    . ASN A 1 63 ? 3.622   13.643  -1.732  1.00 7.51  ? 64  ASN A N    1 
ATOM   931  C  CA   . ASN A 1 63 ? 4.847   14.339  -2.168  1.00 7.73  ? 64  ASN A CA   1 
ATOM   932  C  C    . ASN A 1 63 ? 5.736   14.816  -1.059  1.00 10.78 ? 64  ASN A C    1 
ATOM   933  O  O    . ASN A 1 63 ? 6.686   15.574  -1.429  1.00 13.89 ? 64  ASN A O    1 
ATOM   934  C  CB   . ASN A 1 63 ? 4.543   15.486  -3.148  1.00 12.12 ? 64  ASN A CB   1 
ATOM   935  C  CG   . ASN A 1 63 ? 3.580   15.355  -4.270  1.00 17.34 ? 64  ASN A CG   1 
ATOM   936  O  OD1  . ASN A 1 63 ? 3.614   14.439  -5.110  1.00 22.55 ? 64  ASN A OD1  1 
ATOM   937  N  ND2  . ASN A 1 63 ? 2.608   16.301  -4.365  1.00 20.76 ? 64  ASN A ND2  1 
ATOM   938  H  H    . ASN A 1 63 ? 2.957   14.116  -1.331  1.00 6.57  ? 64  ASN A H    1 
ATOM   939  H  HA   . ASN A 1 63 ? 5.379   13.744  -2.752  1.00 8.40  ? 64  ASN A HA   1 
ATOM   940  H  HB2  . ASN A 1 63 ? 4.328   16.277  -2.602  1.00 12.76 ? 64  ASN A HB2  1 
ATOM   941  H  HB3  . ASN A 1 63 ? 5.441   15.762  -3.610  1.00 11.98 ? 64  ASN A HB3  1 
ATOM   942  H  HD21 . ASN A 1 63 ? 2.586   16.988  -3.745  1.00 20.64 ? 64  ASN A HD21 1 
ATOM   943  H  HD22 . ASN A 1 63 ? 1.982   16.283  -5.038  1.00 20.30 ? 64  ASN A HD22 1 
ATOM   944  N  N    . SER A 1 64 ? 5.500   14.431  0.170   1.00 13.26 ? 65  SER A N    1 
ATOM   945  C  CA   . SER A 1 64 ? 6.372   14.922  1.273   1.00 14.75 ? 65  SER A CA   1 
ATOM   946  C  C    . SER A 1 64 ? 6.714   13.872  2.291   1.00 8.78  ? 65  SER A C    1 
ATOM   947  O  O    . SER A 1 64 ? 5.918   13.006  2.520   1.00 4.45  ? 65  SER A O    1 
ATOM   948  C  CB   . SER A 1 64 ? 5.691   16.167  1.857   1.00 19.35 ? 65  SER A CB   1 
ATOM   949  O  OG   . SER A 1 64 ? 5.468   17.046  0.737   1.00 27.88 ? 65  SER A OG   1 
ATOM   950  H  H    . SER A 1 64 ? 4.833   13.922  0.364   1.00 13.62 ? 65  SER A H    1 
ATOM   951  H  HA   . SER A 1 64 ? 7.183   15.287  0.866   1.00 15.35 ? 65  SER A HA   1 
ATOM   952  H  HB2  . SER A 1 64 ? 4.820   15.958  2.230   1.00 19.14 ? 65  SER A HB2  1 
ATOM   953  H  HB3  . SER A 1 64 ? 6.311   16.564  2.500   1.00 19.44 ? 65  SER A HB3  1 
ATOM   954  H  HG   . SER A 1 64 ? 6.288   17.227  0.420   1.00 27.67 ? 65  SER A HG   1 
ATOM   955  N  N    . LYS A 1 65 ? 7.919   13.968  2.869   1.00 9.39  ? 66  LYS A N    1 
ATOM   956  C  CA   . LYS A 1 65 ? 8.368   13.023  3.898   1.00 10.76 ? 66  LYS A CA   1 
ATOM   957  C  C    . LYS A 1 65 ? 7.510   13.113  5.170   1.00 13.44 ? 66  LYS A C    1 
ATOM   958  O  O    . LYS A 1 65 ? 7.204   14.192  5.694   1.00 10.18 ? 66  LYS A O    1 
ATOM   959  C  CB   . LYS A 1 65 ? 9.813   13.287  4.363   1.00 13.32 ? 66  LYS A CB   1 
ATOM   960  C  CG   . LYS A 1 65 ? 10.456  12.166  5.128   1.00 14.93 ? 66  LYS A CG   1 
ATOM   961  C  CD   . LYS A 1 65 ? 11.991  12.235  5.075   1.00 23.15 ? 66  LYS A CD   1 
ATOM   962  C  CE   . LYS A 1 65 ? 12.582  11.110  5.923   1.00 27.33 ? 66  LYS A CE   1 
ATOM   963  N  NZ   . LYS A 1 65 ? 13.694  10.455  5.191   1.00 26.69 ? 66  LYS A NZ   1 
ATOM   964  H  H    . LYS A 1 65 ? 8.477   14.651  2.661   1.00 8.93  ? 66  LYS A H    1 
ATOM   965  H  HA   . LYS A 1 65 ? 8.330   12.125  3.565   1.00 10.46 ? 66  LYS A HA   1 
ATOM   966  H  HB2  . LYS A 1 65 ? 10.403  13.562  3.660   1.00 13.72 ? 66  LYS A HB2  1 
ATOM   967  H  HB3  . LYS A 1 65 ? 9.703   14.079  5.036   1.00 12.67 ? 66  LYS A HB3  1 
ATOM   968  H  HG2  . LYS A 1 65 ? 10.158  12.196  6.091   1.00 15.01 ? 66  LYS A HG2  1 
ATOM   969  H  HG3  . LYS A 1 65 ? 10.191  11.288  4.770   1.00 14.97 ? 66  LYS A HG3  1 
ATOM   970  H  HD2  . LYS A 1 65 ? 12.274  12.124  4.152   1.00 23.02 ? 66  LYS A HD2  1 
ATOM   971  H  HD3  . LYS A 1 65 ? 12.333  13.097  5.403   1.00 22.72 ? 66  LYS A HD3  1 
ATOM   972  H  HE2  . LYS A 1 65 ? 12.915  11.398  6.791   1.00 27.23 ? 66  LYS A HE2  1 
ATOM   973  H  HE3  . LYS A 1 65 ? 11.893  10.397  6.063   1.00 27.14 ? 66  LYS A HE3  1 
ATOM   974  H  HZ1  . LYS A 1 65 ? 14.270  11.050  4.859   1.00 26.61 ? 66  LYS A HZ1  1 
ATOM   975  H  HZ2  . LYS A 1 65 ? 14.064  9.828   5.775   1.00 26.48 ? 66  LYS A HZ2  1 
ATOM   976  H  HZ3  . LYS A 1 65 ? 13.350  9.973   4.453   1.00 26.37 ? 66  LYS A HZ3  1 
ATOM   977  N  N    . GLY A 1 66 ? 7.116   11.952  5.676   1.00 7.06  ? 67  GLY A N    1 
ATOM   978  C  CA   . GLY A 1 66 ? 6.349   11.836  6.859   1.00 8.13  ? 67  GLY A CA   1 
ATOM   979  C  C    . GLY A 1 66 ? 4.852   11.760  6.702   1.00 8.98  ? 67  GLY A C    1 
ATOM   980  O  O    . GLY A 1 66 ? 4.233   11.418  7.719   1.00 9.85  ? 67  GLY A O    1 
ATOM   981  H  H    . GLY A 1 66 ? 7.368   11.179  5.277   1.00 7.43  ? 67  GLY A H    1 
ATOM   982  H  HA2  . GLY A 1 66 ? 6.640   11.006  7.343   1.00 8.05  ? 67  GLY A HA2  1 
ATOM   983  H  HA3  . GLY A 1 66 ? 6.635   12.590  7.496   1.00 8.03  ? 67  GLY A HA3  1 
ATOM   984  N  N    . GLN A 1 67 ? 4.352   12.056  5.526   1.00 5.41  ? 68  GLN A N    1 
ATOM   985  C  CA   . GLN A 1 67 ? 2.903   11.981  5.241   1.00 5.11  ? 68  GLN A CA   1 
ATOM   986  C  C    . GLN A 1 67 ? 2.443   10.533  5.475   1.00 8.25  ? 68  GLN A C    1 
ATOM   987  O  O    . GLN A 1 67 ? 3.177   9.568   5.124   1.00 6.36  ? 68  GLN A O    1 
ATOM   988  C  CB   . GLN A 1 67 ? 2.652   12.398  3.805   1.00 7.30  ? 68  GLN A CB   1 
ATOM   989  C  CG   . GLN A 1 67 ? 2.808   13.887  3.502   1.00 12.34 ? 68  GLN A CG   1 
ATOM   990  C  CD   . GLN A 1 67 ? 2.512   14.064  2.000   1.00 7.37  ? 68  GLN A CD   1 
ATOM   991  O  OE1  . GLN A 1 67 ? 3.046   13.302  1.195   1.00 7.88  ? 68  GLN A OE1  1 
ATOM   992  N  NE2  . GLN A 1 67 ? 1.672   15.028  1.752   1.00 12.53 ? 68  GLN A NE2  1 
ATOM   993  H  H    . GLN A 1 67 ? 4.891   12.285  4.830   1.00 4.90  ? 68  GLN A H    1 
ATOM   994  H  HA   . GLN A 1 67 ? 2.436   12.546  5.845   1.00 4.29  ? 68  GLN A HA   1 
ATOM   995  H  HB2  . GLN A 1 67 ? 3.187   11.855  3.194   1.00 7.29  ? 68  GLN A HB2  1 
ATOM   996  H  HB3  . GLN A 1 67 ? 1.678   12.173  3.555   1.00 8.04  ? 68  GLN A HB3  1 
ATOM   997  H  HG2  . GLN A 1 67 ? 2.145   14.463  3.985   1.00 11.56 ? 68  GLN A HG2  1 
ATOM   998  H  HG3  . GLN A 1 67 ? 3.672   14.245  3.656   1.00 11.97 ? 68  GLN A HG3  1 
ATOM   999  H  HE21 . GLN A 1 67 ? 1.307   15.557  2.366   1.00 12.70 ? 68  GLN A HE21 1 
ATOM   1000 H  HE22 . GLN A 1 67 ? 1.439   15.210  0.879   1.00 12.81 ? 68  GLN A HE22 1 
ATOM   1001 N  N    . THR A 1 68 ? 1.267   10.394  6.061   1.00 4.63  ? 69  THR A N    1 
ATOM   1002 C  CA   . THR A 1 68 ? 0.701   9.091   6.391   1.00 8.37  ? 69  THR A CA   1 
ATOM   1003 C  C    . THR A 1 68 ? -0.706  8.888   5.868   1.00 10.01 ? 69  THR A C    1 
ATOM   1004 O  O    . THR A 1 68 ? -1.529  9.811   5.825   1.00 14.95 ? 69  THR A O    1 
ATOM   1005 C  CB   . THR A 1 68 ? 0.762   8.821   7.912   1.00 10.62 ? 69  THR A CB   1 
ATOM   1006 O  OG1  . THR A 1 68 ? -0.357  9.466   8.476   1.00 24.42 ? 69  THR A OG1  1 
ATOM   1007 C  CG2  . THR A 1 68 ? 2.054   9.303   8.516   1.00 8.05  ? 69  THR A CG2  1 
ATOM   1008 H  H    . THR A 1 68 ? 0.789   11.119  6.300   1.00 5.17  ? 69  THR A H    1 
ATOM   1009 H  HA   . THR A 1 68 ? 1.298   8.411   6.013   1.00 8.56  ? 69  THR A HA   1 
ATOM   1010 H  HB   . THR A 1 68 ? 0.665   7.799   8.033   1.00 10.60 ? 69  THR A HB   1 
ATOM   1011 H  HG1  . THR A 1 68 ? -0.317  10.339  8.494   1.00 24.67 ? 69  THR A HG1  1 
ATOM   1012 H  HG21 . THR A 1 68 ? 2.844   8.835   8.057   1.00 7.21  ? 69  THR A HG21 1 
ATOM   1013 H  HG22 . THR A 1 68 ? 2.185   10.259  8.432   1.00 8.11  ? 69  THR A HG22 1 
ATOM   1014 H  HG23 . THR A 1 68 ? 2.036   9.017   9.460   1.00 8.28  ? 69  THR A HG23 1 
ATOM   1015 N  N    . VAL A 1 69 ? -0.935  7.681   5.444   1.00 7.91  ? 70  VAL A N    1 
ATOM   1016 C  CA   . VAL A 1 69 ? -2.232  7.182   4.919   1.00 7.02  ? 70  VAL A CA   1 
ATOM   1017 C  C    . VAL A 1 69 ? -2.510  5.977   5.874   1.00 6.99  ? 70  VAL A C    1 
ATOM   1018 O  O    . VAL A 1 69 ? -1.594  5.136   6.079   1.00 8.51  ? 70  VAL A O    1 
ATOM   1019 C  CB   . VAL A 1 69 ? -2.207  6.803   3.458   1.00 9.40  ? 70  VAL A CB   1 
ATOM   1020 C  CG1  . VAL A 1 69 ? -3.437  5.988   2.985   1.00 9.04  ? 70  VAL A CG1  1 
ATOM   1021 C  CG2  . VAL A 1 69 ? -2.069  7.972   2.486   1.00 8.53  ? 70  VAL A CG2  1 
ATOM   1022 H  H    . VAL A 1 69 ? -0.308  7.014   5.504   1.00 7.71  ? 70  VAL A H    1 
ATOM   1023 H  HA   . VAL A 1 69 ? -2.942  7.823   5.038   1.00 6.08  ? 70  VAL A HA   1 
ATOM   1024 H  HB   . VAL A 1 69 ? -1.414  6.250   3.276   1.00 9.08  ? 70  VAL A HB   1 
ATOM   1025 H  HG11 . VAL A 1 69 ? -4.237  6.230   3.379   1.00 8.44  ? 70  VAL A HG11 1 
ATOM   1026 H  HG12 . VAL A 1 69 ? -3.504  6.089   1.986   1.00 8.51  ? 70  VAL A HG12 1 
ATOM   1027 H  HG13 . VAL A 1 69 ? -3.279  5.022   3.077   1.00 9.09  ? 70  VAL A HG13 1 
ATOM   1028 H  HG21 . VAL A 1 69 ? -2.704  8.576   2.419   1.00 8.00  ? 70  VAL A HG21 1 
ATOM   1029 H  HG22 . VAL A 1 69 ? -1.133  8.211   2.341   1.00 8.92  ? 70  VAL A HG22 1 
ATOM   1030 H  HG23 . VAL A 1 69 ? -2.104  7.425   1.507   1.00 8.84  ? 70  VAL A HG23 1 
ATOM   1031 N  N    . VAL A 1 70 ? -3.691  5.943   6.425   1.00 2.31  ? 71  VAL A N    1 
ATOM   1032 C  CA   . VAL A 1 70 ? -4.081  4.868   7.323   1.00 3.00  ? 71  VAL A CA   1 
ATOM   1033 C  C    . VAL A 1 70 ? -5.293  4.140   6.764   1.00 7.27  ? 71  VAL A C    1 
ATOM   1034 O  O    . VAL A 1 70 ? -6.255  4.764   6.410   1.00 7.00  ? 71  VAL A O    1 
ATOM   1035 C  CB   . VAL A 1 70 ? -4.337  5.422   8.740   1.00 4.18  ? 71  VAL A CB   1 
ATOM   1036 C  CG1  . VAL A 1 70 ? -4.712  4.302   9.697   1.00 11.94 ? 71  VAL A CG1  1 
ATOM   1037 C  CG2  . VAL A 1 70 ? -3.159  6.236   9.214   1.00 11.01 ? 71  VAL A CG2  1 
ATOM   1038 H  H    . VAL A 1 70 ? -4.318  6.575   6.249   1.00 2.97  ? 71  VAL A H    1 
ATOM   1039 H  HA   . VAL A 1 70 ? -3.326  4.304   7.439   1.00 3.02  ? 71  VAL A HA   1 
ATOM   1040 H  HB   . VAL A 1 70 ? -5.132  6.034   8.619   1.00 3.81  ? 71  VAL A HB   1 
ATOM   1041 H  HG11 . VAL A 1 70 ? -5.370  3.654   9.283   1.00 11.58 ? 71  VAL A HG11 1 
ATOM   1042 H  HG12 . VAL A 1 70 ? -4.047  3.813   10.134  1.00 11.31 ? 71  VAL A HG12 1 
ATOM   1043 H  HG13 . VAL A 1 70 ? -5.309  4.698   10.418  1.00 12.53 ? 71  VAL A HG13 1 
ATOM   1044 H  HG21 . VAL A 1 70 ? -2.287  5.920   8.910   1.00 10.42 ? 71  VAL A HG21 1 
ATOM   1045 H  HG22 . VAL A 1 70 ? -3.255  7.174   8.859   1.00 10.93 ? 71  VAL A HG22 1 
ATOM   1046 H  HG23 . VAL A 1 70 ? -3.132  6.316   10.175  1.00 11.16 ? 71  VAL A HG23 1 
ATOM   1047 N  N    . ARG A 1 71 ? -5.188  2.822   6.677   1.00 11.17 ? 72  ARG A N    1 
ATOM   1048 C  CA   . ARG A 1 71 ? -6.181  1.888   6.221   1.00 13.54 ? 72  ARG A CA   1 
ATOM   1049 C  C    . ARG A 1 71 ? -6.408  0.716   7.207   1.00 11.41 ? 72  ARG A C    1 
ATOM   1050 O  O    . ARG A 1 71 ? -5.518  0.321   7.934   1.00 8.78  ? 72  ARG A O    1 
ATOM   1051 C  CB   . ARG A 1 71 ? -5.724  1.202   4.889   1.00 10.16 ? 72  ARG A CB   1 
ATOM   1052 C  CG   . ARG A 1 71 ? -5.644  2.166   3.713   1.00 6.65  ? 72  ARG A CG   1 
ATOM   1053 C  CD   . ARG A 1 71 ? -6.978  2.684   3.390   1.00 8.11  ? 72  ARG A CD   1 
ATOM   1054 N  NE   . ARG A 1 71 ? -7.085  3.555   2.254   1.00 5.45  ? 72  ARG A NE   1 
ATOM   1055 C  CZ   . ARG A 1 71 ? -7.263  4.885   2.399   1.00 5.36  ? 72  ARG A CZ   1 
ATOM   1056 N  NH1  . ARG A 1 71 ? -7.179  5.481   3.559   1.00 5.16  ? 72  ARG A NH1  1 
ATOM   1057 N  NH2  . ARG A 1 71 ? -7.583  5.556   1.279   1.00 8.13  ? 72  ARG A NH2  1 
ATOM   1058 H  H    . ARG A 1 71 ? -4.421  2.388   6.966   1.00 11.34 ? 72  ARG A H    1 
ATOM   1059 H  HA   . ARG A 1 71 ? -7.017  2.330   6.021   1.00 13.22 ? 72  ARG A HA   1 
ATOM   1060 H  HB2  . ARG A 1 71 ? -4.905  0.717   5.108   1.00 9.52  ? 72  ARG A HB2  1 
ATOM   1061 H  HB3  . ARG A 1 71 ? -6.387  0.512   4.702   1.00 9.92  ? 72  ARG A HB3  1 
ATOM   1062 H  HG2  . ARG A 1 71 ? -5.049  2.911   3.907   1.00 6.53  ? 72  ARG A HG2  1 
ATOM   1063 H  HG3  . ARG A 1 71 ? -5.270  1.745   2.954   1.00 6.96  ? 72  ARG A HG3  1 
ATOM   1064 H  HD2  . ARG A 1 71 ? -7.509  1.861   3.217   1.00 8.45  ? 72  ARG A HD2  1 
ATOM   1065 H  HD3  . ARG A 1 71 ? -7.449  3.066   4.155   1.00 7.94  ? 72  ARG A HD3  1 
ATOM   1066 H  HE   . ARG A 1 71 ? -7.636  3.192   1.539   1.00 5.09  ? 72  ARG A HE   1 
ATOM   1067 H  HH11 . ARG A 1 71 ? -6.976  5.083   4.328   1.00 4.85  ? 72  ARG A HH11 1 
ATOM   1068 H  HH12 . ARG A 1 71 ? -7.319  6.410   3.566   1.00 5.57  ? 72  ARG A HH12 1 
ATOM   1069 H  HH21 . ARG A 1 71 ? -7.704  6.473   1.400   1.00 8.42  ? 72  ARG A HH21 1 
ATOM   1070 H  HH22 . ARG A 1 71 ? -7.659  5.196   0.483   1.00 7.04  ? 72  ARG A HH22 1 
ATOM   1071 N  N    . LYS A 1 72 ? -7.620  0.181   7.159   1.00 11.56 ? 73  LYS A N    1 
ATOM   1072 C  CA   . LYS A 1 72 ? -8.033  -0.988  7.936   1.00 11.68 ? 73  LYS A CA   1 
ATOM   1073 C  C    . LYS A 1 72 ? -8.736  -1.913  6.914   1.00 15.30 ? 73  LYS A C    1 
ATOM   1074 O  O    . LYS A 1 72 ? -9.622  -1.413  6.212   1.00 13.48 ? 73  LYS A O    1 
ATOM   1075 C  CB   . LYS A 1 72 ? -8.920  -0.739  9.103   1.00 16.07 ? 73  LYS A CB   1 
ATOM   1076 C  CG   . LYS A 1 72 ? -8.292  0.010   10.293  1.00 21.79 ? 73  LYS A CG   1 
ATOM   1077 C  CD   . LYS A 1 72 ? -9.365  0.257   11.354  1.00 26.92 ? 73  LYS A CD   1 
ATOM   1078 C  CE   . LYS A 1 72 ? -8.850  0.696   12.695  1.00 29.63 ? 73  LYS A CE   1 
ATOM   1079 N  NZ   . LYS A 1 72 ? -8.305  -0.454  13.491  1.00 34.72 ? 73  LYS A NZ   1 
ATOM   1080 H  H    . LYS A 1 72 ? -8.258  0.463   6.595   1.00 11.94 ? 73  LYS A H    1 
ATOM   1081 H  HA   . LYS A 1 72 ? -7.241  -1.503  8.226   1.00 11.89 ? 73  LYS A HA   1 
ATOM   1082 H  HB2  . LYS A 1 72 ? -9.792  -0.387  8.878   1.00 15.81 ? 73  LYS A HB2  1 
ATOM   1083 H  HB3  . LYS A 1 72 ? -9.064  -1.715  9.479   1.00 16.12 ? 73  LYS A HB3  1 
ATOM   1084 H  HG2  . LYS A 1 72 ? -7.509  -0.509  10.660  1.00 21.74 ? 73  LYS A HG2  1 
ATOM   1085 H  HG3  . LYS A 1 72 ? -7.889  0.865   10.004  1.00 21.70 ? 73  LYS A HG3  1 
ATOM   1086 H  HD2  . LYS A 1 72 ? -9.977  0.987   11.022  1.00 27.01 ? 73  LYS A HD2  1 
ATOM   1087 H  HD3  . LYS A 1 72 ? -9.945  -0.559  11.430  1.00 26.78 ? 73  LYS A HD3  1 
ATOM   1088 H  HE2  . LYS A 1 72 ? -8.204  1.405   12.637  1.00 29.53 ? 73  LYS A HE2  1 
ATOM   1089 H  HE3  . LYS A 1 72 ? -9.640  1.047   13.263  1.00 29.46 ? 73  LYS A HE3  1 
ATOM   1090 H  HZ1  . LYS A 1 72 ? -8.964  -1.019  13.731  1.00 34.51 ? 73  LYS A HZ1  1 
ATOM   1091 H  HZ2  . LYS A 1 72 ? -7.526  -0.770  13.169  1.00 34.61 ? 73  LYS A HZ2  1 
ATOM   1092 H  HZ3  . LYS A 1 72 ? -8.028  -0.126  14.383  1.00 34.81 ? 73  LYS A HZ3  1 
ATOM   1093 N  N    . LEU A 1 73 ? -8.291  -3.137  6.874   1.00 10.43 ? 74  LEU A N    1 
ATOM   1094 C  CA   . LEU A 1 73 ? -8.845  -4.168  5.981   1.00 15.45 ? 74  LEU A CA   1 
ATOM   1095 C  C    . LEU A 1 73 ? -9.578  -5.214  6.820   1.00 14.31 ? 74  LEU A C    1 
ATOM   1096 O  O    . LEU A 1 73 ? -9.037  -5.595  7.868   1.00 16.88 ? 74  LEU A O    1 
ATOM   1097 C  CB   . LEU A 1 73 ? -7.696  -4.729  5.154   1.00 18.80 ? 74  LEU A CB   1 
ATOM   1098 C  CG   . LEU A 1 73 ? -6.911  -3.723  4.286   1.00 19.18 ? 74  LEU A CG   1 
ATOM   1099 C  CD1  . LEU A 1 73 ? -5.845  -4.484  3.553   1.00 20.81 ? 74  LEU A CD1  1 
ATOM   1100 C  CD2  . LEU A 1 73 ? -7.800  -2.918  3.370   1.00 19.97 ? 74  LEU A CD2  1 
ATOM   1101 H  H    . LEU A 1 73 ? -7.646  -3.415  7.421   1.00 10.84 ? 74  LEU A H    1 
ATOM   1102 H  HA   . LEU A 1 73 ? -9.470  -3.686  5.395   1.00 15.68 ? 74  LEU A HA   1 
ATOM   1103 H  HB2  . LEU A 1 73 ? -7.008  -5.123  5.781   1.00 18.47 ? 74  LEU A HB2  1 
ATOM   1104 H  HB3  . LEU A 1 73 ? -8.031  -5.470  4.564   1.00 18.46 ? 74  LEU A HB3  1 
ATOM   1105 H  HG   . LEU A 1 73 ? -6.495  -3.058  4.903   1.00 19.51 ? 74  LEU A HG   1 
ATOM   1106 H  HD11 . LEU A 1 73 ? -6.114  -5.272  3.083   1.00 20.53 ? 74  LEU A HD11 1 
ATOM   1107 H  HD12 . LEU A 1 73 ? -5.369  -3.843  2.924   1.00 21.23 ? 74  LEU A HD12 1 
ATOM   1108 H  HD13 . LEU A 1 73 ? -5.119  -4.725  4.243   1.00 20.69 ? 74  LEU A HD13 1 
ATOM   1109 H  HD21 . LEU A 1 73 ? -8.470  -3.536  2.868   1.00 20.26 ? 74  LEU A HD21 1 
ATOM   1110 H  HD22 . LEU A 1 73 ? -8.392  -2.290  3.843   1.00 19.77 ? 74  LEU A HD22 1 
ATOM   1111 H  HD23 . LEU A 1 73 ? -7.301  -2.428  2.667   1.00 19.79 ? 74  LEU A HD23 1 
ATOM   1112 N  N    . THR A 1 74 ? -10.758 -5.638  6.407   1.00 20.39 ? 75  THR A N    1 
ATOM   1113 C  CA   . THR A 1 74 ? -11.565 -6.608  7.188   1.00 24.57 ? 75  THR A CA   1 
ATOM   1114 C  C    . THR A 1 74 ? -11.835 -7.930  6.504   1.00 23.11 ? 75  THR A C    1 
ATOM   1115 O  O    . THR A 1 74 ? -12.111 -8.928  7.229   1.00 29.01 ? 75  THR A O    1 
ATOM   1116 C  CB   . THR A 1 74 ? -12.908 -6.022  7.661   1.00 31.37 ? 75  THR A CB   1 
ATOM   1117 O  OG1  . THR A 1 74 ? -13.550 -5.573  6.467   1.00 29.46 ? 75  THR A OG1  1 
ATOM   1118 C  CG2  . THR A 1 74 ? -12.780 -4.942  8.709   1.00 33.89 ? 75  THR A CG2  1 
ATOM   1119 H  H    . THR A 1 74 ? -11.105 -5.304  5.644   1.00 19.98 ? 75  THR A H    1 
ATOM   1120 H  HA   . THR A 1 74 ? -11.077 -6.798  8.040   1.00 24.21 ? 75  THR A HA   1 
ATOM   1121 H  HB   . THR A 1 74 ? -13.417 -6.830  8.028   1.00 31.32 ? 75  THR A HB   1 
ATOM   1122 H  HG1  . THR A 1 74 ? -14.211 -6.103  6.332   1.00 29.31 ? 75  THR A HG1  1 
ATOM   1123 H  HG21 . THR A 1 74 ? -12.198 -4.171  8.435   1.00 34.09 ? 75  THR A HG21 1 
ATOM   1124 H  HG22 . THR A 1 74 ? -13.699 -4.517  8.857   1.00 34.00 ? 75  THR A HG22 1 
ATOM   1125 H  HG23 . THR A 1 74 ? -12.493 -5.297  9.573   1.00 33.68 ? 75  THR A HG23 1 
ATOM   1126 N  N    . THR A 1 75 ? -11.766 -7.935  5.199   1.00 15.35 ? 76  THR A N    1 
ATOM   1127 C  CA   . THR A 1 75 ? -11.964 -9.182  4.449   1.00 18.06 ? 76  THR A CA   1 
ATOM   1128 C  C    . THR A 1 75 ? -10.631 -9.911  4.352   1.00 16.26 ? 76  THR A C    1 
ATOM   1129 O  O    . THR A 1 75 ? -9.649  -9.429  3.772   1.00 15.05 ? 76  THR A O    1 
ATOM   1130 C  CB   . THR A 1 75 ? -12.587 -8.872  3.066   1.00 16.63 ? 76  THR A CB   1 
ATOM   1131 O  OG1  . THR A 1 75 ? -13.917 -8.499  3.307   1.00 18.07 ? 76  THR A OG1  1 
ATOM   1132 C  CG2  . THR A 1 75 ? -12.527 -10.039 2.102   1.00 20.48 ? 76  THR A CG2  1 
ATOM   1133 H  H    . THR A 1 75 ? -11.557 -7.209  4.734   1.00 15.79 ? 76  THR A H    1 
ATOM   1134 H  HA   . THR A 1 75 ? -12.615 -9.715  4.924   1.00 18.42 ? 76  THR A HA   1 
ATOM   1135 H  HB   . THR A 1 75 ? -12.068 -8.087  2.674   1.00 16.94 ? 76  THR A HB   1 
ATOM   1136 H  HG1  . THR A 1 75 ? -14.466 -8.731  2.673   1.00 17.93 ? 76  THR A HG1  1 
ATOM   1137 H  HG21 . THR A 1 75 ? -12.813 -10.907 2.398   1.00 20.33 ? 76  THR A HG21 1 
ATOM   1138 H  HG22 . THR A 1 75 ? -13.044 -9.755  1.260   1.00 20.70 ? 76  THR A HG22 1 
ATOM   1139 H  HG23 . THR A 1 75 ? -11.566 -10.105 1.742   1.00 20.82 ? 76  THR A HG23 1 
ATOM   1140 N  N    . PRO A 1 76 ? -10.562 -11.112 4.894   1.00 19.53 ? 77  PRO A N    1 
ATOM   1141 C  CA   . PRO A 1 76 ? -9.372  -11.942 4.848   1.00 20.26 ? 77  PRO A CA   1 
ATOM   1142 C  C    . PRO A 1 76 ? -9.019  -12.340 3.421   1.00 17.52 ? 77  PRO A C    1 
ATOM   1143 O  O    . PRO A 1 76 ? -9.891  -12.612 2.562   1.00 23.41 ? 77  PRO A O    1 
ATOM   1144 C  CB   . PRO A 1 76 ? -9.708  -13.147 5.722   1.00 23.56 ? 77  PRO A CB   1 
ATOM   1145 C  CG   . PRO A 1 76 ? -11.131 -13.040 6.210   1.00 24.72 ? 77  PRO A CG   1 
ATOM   1146 C  CD   . PRO A 1 76 ? -11.691 -11.782 5.634   1.00 21.49 ? 77  PRO A CD   1 
ATOM   1147 H  HA   . PRO A 1 76 ? -8.580  -11.433 5.067   1.00 20.29 ? 77  PRO A HA   1 
ATOM   1148 H  HB2  . PRO A 1 76 ? -9.615  -13.977 5.172   1.00 23.28 ? 77  PRO A HB2  1 
ATOM   1149 H  HB3  . PRO A 1 76 ? -9.138  -13.324 6.401   1.00 23.78 ? 77  PRO A HB3  1 
ATOM   1150 H  HG2  . PRO A 1 76 ? -11.692 -13.814 5.807   1.00 25.20 ? 77  PRO A HG2  1 
ATOM   1151 H  HG3  . PRO A 1 76 ? -11.234 -13.111 7.024   1.00 25.02 ? 77  PRO A HG3  1 
ATOM   1152 H  HD2  . PRO A 1 76 ? -12.498 -11.825 5.129   1.00 21.71 ? 77  PRO A HD2  1 
ATOM   1153 H  HD3  . PRO A 1 76 ? -11.910 -11.175 6.436   1.00 21.57 ? 77  PRO A HD3  1 
ATOM   1154 N  N    . GLY A 1 77 ? -7.734  -12.425 3.144   1.00 16.13 ? 78  GLY A N    1 
ATOM   1155 C  CA   . GLY A 1 77 ? -7.256  -12.817 1.789   1.00 14.66 ? 78  GLY A CA   1 
ATOM   1156 C  C    . GLY A 1 77 ? -5.947  -12.054 1.538   1.00 15.83 ? 78  GLY A C    1 
ATOM   1157 O  O    . GLY A 1 77 ? -5.413  -11.436 2.468   1.00 12.79 ? 78  GLY A O    1 
ATOM   1158 H  H    . GLY A 1 77 ? -7.104  -12.236 3.757   1.00 16.59 ? 78  GLY A H    1 
ATOM   1159 H  HA2  . GLY A 1 77 ? -7.265  -13.684 1.565   1.00 14.50 ? 78  GLY A HA2  1 
ATOM   1160 H  HA3  . GLY A 1 77 ? -7.955  -12.353 1.111   1.00 14.41 ? 78  GLY A HA3  1 
ATOM   1161 N  N    . THR A 1 78 ? -5.517  -12.149 0.300   1.00 16.70 ? 79  THR A N    1 
ATOM   1162 C  CA   . THR A 1 78 ? -4.264  -11.430 -0.092  1.00 14.62 ? 79  THR A CA   1 
ATOM   1163 C  C    . THR A 1 78 ? -4.722  -10.259 -0.940  1.00 17.03 ? 79  THR A C    1 
ATOM   1164 O  O    . THR A 1 78 ? -5.779  -10.329 -1.615  1.00 21.61 ? 79  THR A O    1 
ATOM   1165 C  CB   . THR A 1 78 ? -3.350  -12.427 -0.760  1.00 20.60 ? 79  THR A CB   1 
ATOM   1166 O  OG1  . THR A 1 78 ? -4.196  -12.898 -1.805  1.00 25.96 ? 79  THR A OG1  1 
ATOM   1167 C  CG2  . THR A 1 78 ? -2.949  -13.546 0.181   1.00 20.00 ? 79  THR A CG2  1 
ATOM   1168 H  H    . THR A 1 78 ? -5.918  -12.587 -0.344  1.00 16.28 ? 79  THR A H    1 
ATOM   1169 H  HA   . THR A 1 78 ? -3.814  -11.149 0.711   1.00 14.57 ? 79  THR A HA   1 
ATOM   1170 H  HB   . THR A 1 78 ? -2.550  -11.951 -1.143  1.00 20.34 ? 79  THR A HB   1 
ATOM   1171 H  HG1  . THR A 1 78 ? -4.115  -12.474 -2.543  1.00 25.69 ? 79  THR A HG1  1 
ATOM   1172 H  HG21 . THR A 1 78 ? -2.584  -13.125 1.032   1.00 19.66 ? 79  THR A HG21 1 
ATOM   1173 H  HG22 . THR A 1 78 ? -3.702  -14.132 0.417   1.00 19.85 ? 79  THR A HG22 1 
ATOM   1174 H  HG23 . THR A 1 78 ? -2.209  -14.055 -0.225  1.00 20.23 ? 79  THR A HG23 1 
ATOM   1175 N  N    . TYR A 1 79 ? -3.959  -9.185  -0.873  1.00 12.30 ? 80  TYR A N    1 
ATOM   1176 C  CA   . TYR A 1 79 ? -4.201  -7.959  -1.577  1.00 4.63  ? 80  TYR A CA   1 
ATOM   1177 C  C    . TYR A 1 79 ? -2.926  -7.500  -2.255  1.00 9.79  ? 80  TYR A C    1 
ATOM   1178 O  O    . TYR A 1 79 ? -1.891  -7.332  -1.543  1.00 10.37 ? 80  TYR A O    1 
ATOM   1179 C  CB   . TYR A 1 79 ? -4.653  -6.829  -0.613  1.00 11.09 ? 80  TYR A CB   1 
ATOM   1180 C  CG   . TYR A 1 79 ? -5.923  -7.000  0.176   1.00 10.02 ? 80  TYR A CG   1 
ATOM   1181 C  CD1  . TYR A 1 79 ? -6.079  -7.994  1.168   1.00 8.02  ? 80  TYR A CD1  1 
ATOM   1182 C  CD2  . TYR A 1 79 ? -6.999  -6.150  -0.049  1.00 7.35  ? 80  TYR A CD2  1 
ATOM   1183 C  CE1  . TYR A 1 79 ? -7.277  -8.116  1.870   1.00 8.61  ? 80  TYR A CE1  1 
ATOM   1184 C  CE2  . TYR A 1 79 ? -8.183  -6.240  0.648   1.00 10.87 ? 80  TYR A CE2  1 
ATOM   1185 C  CZ   . TYR A 1 79 ? -8.311  -7.260  1.621   1.00 12.07 ? 80  TYR A CZ   1 
ATOM   1186 O  OH   . TYR A 1 79 ? -9.504  -7.305  2.270   1.00 15.60 ? 80  TYR A OH   1 
ATOM   1187 H  H    . TYR A 1 79 ? -3.206  -9.180  -0.370  1.00 12.76 ? 80  TYR A H    1 
ATOM   1188 H  HA   . TYR A 1 79 ? -4.895  -8.000  -2.245  1.00 5.09  ? 80  TYR A HA   1 
ATOM   1189 H  HB2  . TYR A 1 79 ? -3.900  -6.540  -0.085  1.00 11.30 ? 80  TYR A HB2  1 
ATOM   1190 H  HB3  . TYR A 1 79 ? -4.821  -6.009  -1.257  1.00 11.25 ? 80  TYR A HB3  1 
ATOM   1191 H  HD1  . TYR A 1 79 ? -5.336  -8.611  1.342   1.00 8.20  ? 80  TYR A HD1  1 
ATOM   1192 H  HD2  . TYR A 1 79 ? -6.905  -5.435  -0.737  1.00 8.02  ? 80  TYR A HD2  1 
ATOM   1193 H  HE1  . TYR A 1 79 ? -7.368  -8.815  2.553   1.00 9.26  ? 80  TYR A HE1  1 
ATOM   1194 H  HE2  . TYR A 1 79 ? -8.938  -5.624  0.467   1.00 10.31 ? 80  TYR A HE2  1 
ATOM   1195 H  HH   . TYR A 1 79 ? -9.563  -7.718  2.886   1.00 15.93 ? 80  TYR A HH   1 
ATOM   1196 N  N    . GLY A 1 80 ? -3.050  -7.283  -3.532  1.00 7.66  ? 81  GLY A N    1 
ATOM   1197 C  CA   . GLY A 1 80 ? -1.915  -6.792  -4.354  1.00 4.51  ? 81  GLY A CA   1 
ATOM   1198 C  C    . GLY A 1 80 ? -2.083  -5.280  -4.357  1.00 8.26  ? 81  GLY A C    1 
ATOM   1199 O  O    . GLY A 1 80 ? -3.186  -4.811  -4.614  1.00 8.56  ? 81  GLY A O    1 
ATOM   1200 H  H    . GLY A 1 80 ? -3.765  -7.383  -3.993  1.00 7.85  ? 81  GLY A H    1 
ATOM   1201 H  HA2  . GLY A 1 80 ? -1.104  -6.995  -3.888  1.00 4.19  ? 81  GLY A HA2  1 
ATOM   1202 H  HA3  . GLY A 1 80 ? -1.991  -7.149  -5.227  1.00 4.51  ? 81  GLY A HA3  1 
ATOM   1203 N  N    . VAL A 1 81 ? -0.987  -4.626  -4.026  1.00 11.45 ? 82  VAL A N    1 
ATOM   1204 C  CA   . VAL A 1 81 ? -0.857  -3.174  -3.963  1.00 9.34  ? 82  VAL A CA   1 
ATOM   1205 C  C    . VAL A 1 81 ? 0.305   -2.740  -4.871  1.00 8.89  ? 82  VAL A C    1 
ATOM   1206 O  O    . VAL A 1 81 ? 1.306   -3.488  -4.972  1.00 7.73  ? 82  VAL A O    1 
ATOM   1207 C  CB   . VAL A 1 81 ? -0.633  -2.682  -2.503  1.00 16.66 ? 82  VAL A CB   1 
ATOM   1208 C  CG1  . VAL A 1 81 ? -0.536  -1.147  -2.399  1.00 15.83 ? 82  VAL A CG1  1 
ATOM   1209 C  CG2  . VAL A 1 81 ? -1.702  -3.210  -1.567  1.00 18.29 ? 82  VAL A CG2  1 
ATOM   1210 H  H    . VAL A 1 81 ? -0.199  -5.064  -3.846  1.00 11.09 ? 82  VAL A H    1 
ATOM   1211 H  HA   . VAL A 1 81 ? -1.648  -2.695  -4.239  1.00 9.66  ? 82  VAL A HA   1 
ATOM   1212 H  HB   . VAL A 1 81 ? 0.227   -3.074  -2.209  1.00 16.11 ? 82  VAL A HB   1 
ATOM   1213 H  HG11 . VAL A 1 81 ? -1.345  -0.715  -2.758  1.00 15.47 ? 82  VAL A HG11 1 
ATOM   1214 H  HG12 . VAL A 1 81 ? -0.449  -0.855  -1.484  1.00 15.34 ? 82  VAL A HG12 1 
ATOM   1215 H  HG13 . VAL A 1 81 ? 0.196   -0.756  -2.924  1.00 15.96 ? 82  VAL A HG13 1 
ATOM   1216 H  HG21 . VAL A 1 81 ? -2.614  -3.159  -2.029  1.00 18.42 ? 82  VAL A HG21 1 
ATOM   1217 H  HG22 . VAL A 1 81 ? -1.564  -4.129  -1.328  1.00 18.43 ? 82  VAL A HG22 1 
ATOM   1218 H  HG23 . VAL A 1 81 ? -1.836  -2.649  -0.784  1.00 18.70 ? 82  VAL A HG23 1 
ATOM   1219 N  N    . TYR A 1 82 ? 0.128   -1.572  -5.467  1.00 7.87  ? 83  TYR A N    1 
ATOM   1220 C  CA   . TYR A 1 82 ? 1.221   -1.023  -6.319  1.00 7.69  ? 83  TYR A CA   1 
ATOM   1221 C  C    . TYR A 1 82 ? 1.173   0.501   -6.218  1.00 5.49  ? 83  TYR A C    1 
ATOM   1222 O  O    . TYR A 1 82 ? 0.204   1.098   -5.748  1.00 6.33  ? 83  TYR A O    1 
ATOM   1223 C  CB   . TYR A 1 82 ? 1.234   -1.538  -7.750  1.00 7.81  ? 83  TYR A CB   1 
ATOM   1224 C  CG   . TYR A 1 82 ? 0.068   -1.112  -8.594  1.00 6.17  ? 83  TYR A CG   1 
ATOM   1225 C  CD1  . TYR A 1 82 ? 0.118   0.031   -9.381  1.00 7.10  ? 83  TYR A CD1  1 
ATOM   1226 C  CD2  . TYR A 1 82 ? -1.108  -1.876  -8.603  1.00 10.08 ? 83  TYR A CD2  1 
ATOM   1227 C  CE1  . TYR A 1 82 ? -0.963  0.463   -10.152 1.00 7.45  ? 83  TYR A CE1  1 
ATOM   1228 C  CE2  . TYR A 1 82 ? -2.196  -1.475  -9.363  1.00 9.86  ? 83  TYR A CE2  1 
ATOM   1229 C  CZ   . TYR A 1 82 ? -2.130  -0.302  -10.123 1.00 13.80 ? 83  TYR A CZ   1 
ATOM   1230 O  OH   . TYR A 1 82 ? -3.240  0.072   -10.861 1.00 12.69 ? 83  TYR A OH   1 
ATOM   1231 H  H    . TYR A 1 82 ? -0.557  -1.078  -5.357  1.00 7.60  ? 83  TYR A H    1 
ATOM   1232 H  HA   . TYR A 1 82 ? 2.090   -1.278  -5.920  1.00 7.97  ? 83  TYR A HA   1 
ATOM   1233 H  HB2  . TYR A 1 82 ? 2.062   -1.064  -8.155  1.00 8.21  ? 83  TYR A HB2  1 
ATOM   1234 H  HB3  . TYR A 1 82 ? 1.441   -2.483  -7.796  1.00 8.66  ? 83  TYR A HB3  1 
ATOM   1235 H  HD1  . TYR A 1 82 ? 0.941   0.593   -9.388  1.00 7.59  ? 83  TYR A HD1  1 
ATOM   1236 H  HD2  . TYR A 1 82 ? -1.164  -2.697  -8.047  1.00 9.21  ? 83  TYR A HD2  1 
ATOM   1237 H  HE1  . TYR A 1 82 ? -0.916  1.276   -10.687 1.00 7.56  ? 83  TYR A HE1  1 
ATOM   1238 H  HE2  . TYR A 1 82 ? -3.023  -1.999  -9.355  1.00 10.19 ? 83  TYR A HE2  1 
ATOM   1239 H  HH   . TYR A 1 82 ? -3.408  0.980   -10.586 1.00 12.26 ? 83  TYR A HH   1 
ATOM   1240 N  N    . CYS A 1 83 ? 2.274   1.085   -6.638  1.00 6.52  ? 84  CYS A N    1 
ATOM   1241 C  CA   . CYS A 1 83 ? 2.407   2.572   -6.660  1.00 6.61  ? 84  CYS A CA   1 
ATOM   1242 C  C    . CYS A 1 83 ? 2.294   2.895   -8.154  1.00 5.09  ? 84  CYS A C    1 
ATOM   1243 O  O    . CYS A 1 83 ? 3.178   2.388   -8.909  1.00 4.64  ? 84  CYS A O    1 
ATOM   1244 C  CB   . CYS A 1 83 ? 3.705   3.047   -6.018  1.00 9.60  ? 84  CYS A CB   1 
ATOM   1245 S  SG   . CYS A 1 83 ? 4.102   4.750   -6.343  1.00 5.63  ? 84  CYS A SG   1 
ATOM   1246 H  H    . CYS A 1 83 ? 2.964   0.633   -6.985  1.00 6.39  ? 84  CYS A H    1 
ATOM   1247 H  HA   . CYS A 1 83 ? 1.677   2.966   -6.188  1.00 6.23  ? 84  CYS A HA   1 
ATOM   1248 H  HB2  . CYS A 1 83 ? 3.691   2.917   -5.046  1.00 9.71  ? 84  CYS A HB2  1 
ATOM   1249 H  HB3  . CYS A 1 83 ? 4.481   2.503   -6.328  1.00 8.96  ? 84  CYS A HB3  1 
ATOM   1250 N  N    . ASP A 1 84 ? 1.266   3.601   -8.519  1.00 2.45  ? 85  ASP A N    1 
ATOM   1251 C  CA   . ASP A 1 84 ? 1.069   3.914   -9.961  1.00 9.59  ? 85  ASP A CA   1 
ATOM   1252 C  C    . ASP A 1 84 ? 2.285   4.537   -10.628 1.00 8.28  ? 85  ASP A C    1 
ATOM   1253 O  O    . ASP A 1 84 ? 2.772   3.982   -11.611 1.00 9.24  ? 85  ASP A O    1 
ATOM   1254 C  CB   . ASP A 1 84 ? -0.174  4.741   -10.176 1.00 11.05 ? 85  ASP A CB   1 
ATOM   1255 C  CG   A ASP A 1 84 ? -0.782  4.540   -11.540 0.50 11.36 ? 85  ASP A CG   1 
ATOM   1256 C  CG   B ASP A 1 84 ? -0.490  5.134   -11.593 0.50 9.02  ? 85  ASP A CG   1 
ATOM   1257 O  OD1  A ASP A 1 84 ? -0.510  3.605   -12.246 0.50 13.96 ? 85  ASP A OD1  1 
ATOM   1258 O  OD1  B ASP A 1 84 ? -1.312  4.537   -12.247 0.50 18.20 ? 85  ASP A OD1  1 
ATOM   1259 O  OD2  A ASP A 1 84 ? -1.643  5.471   -11.866 0.50 18.07 ? 85  ASP A OD2  1 
ATOM   1260 O  OD2  B ASP A 1 84 ? 0.103   6.147   -12.110 0.50 16.67 ? 85  ASP A OD2  1 
ATOM   1261 H  H    . ASP A 1 84 ? 0.673   3.904   -7.981  1.00 2.20  ? 85  ASP A H    1 
ATOM   1262 H  HA   . ASP A 1 84 ? 0.922   3.048   -10.406 1.00 9.16  ? 85  ASP A HA   1 
ATOM   1263 H  HB2  A ASP A 1 84 ? -0.886  4.406   -9.501  0.50 11.55 ? 85  ASP A HB2  1 
ATOM   1264 H  HB2  B ASP A 1 84 ? -0.988  4.124   -9.930  0.50 11.45 ? 85  ASP A HB2  1 
ATOM   1265 H  HB3  A ASP A 1 84 ? -0.091  5.647   -9.983  0.50 10.88 ? 85  ASP A HB3  1 
ATOM   1266 H  HB3  B ASP A 1 84 ? -0.243  5.457   -9.575  0.50 10.91 ? 85  ASP A HB3  1 
ATOM   1267 N  N    . PRO A 1 85 ? 2.771   5.645   -10.125 1.00 6.74  ? 86  PRO A N    1 
ATOM   1268 C  CA   . PRO A 1 85 ? 3.931   6.349   -10.700 1.00 10.65 ? 86  PRO A CA   1 
ATOM   1269 C  C    . PRO A 1 85 ? 5.148   5.504   -11.013 1.00 9.30  ? 86  PRO A C    1 
ATOM   1270 O  O    . PRO A 1 85 ? 5.859   5.751   -12.003 1.00 10.56 ? 86  PRO A O    1 
ATOM   1271 C  CB   . PRO A 1 85 ? 4.325   7.411   -9.646  1.00 9.45  ? 86  PRO A CB   1 
ATOM   1272 C  CG   . PRO A 1 85 ? 3.155   7.569   -8.720  1.00 8.34  ? 86  PRO A CG   1 
ATOM   1273 C  CD   . PRO A 1 85 ? 2.249   6.375   -8.950  1.00 5.04  ? 86  PRO A CD   1 
ATOM   1274 H  HA   . PRO A 1 85 ? 3.763   6.695   -11.555 1.00 10.50 ? 86  PRO A HA   1 
ATOM   1275 H  HB2  . PRO A 1 85 ? 5.058   6.962   -9.081  1.00 8.89  ? 86  PRO A HB2  1 
ATOM   1276 H  HB3  . PRO A 1 85 ? 4.708   8.108   -9.924  1.00 9.19  ? 86  PRO A HB3  1 
ATOM   1277 H  HG2  . PRO A 1 85 ? 3.272   7.833   -7.879  1.00 8.38  ? 86  PRO A HG2  1 
ATOM   1278 H  HG3  . PRO A 1 85 ? 2.683   8.267   -9.163  1.00 8.46  ? 86  PRO A HG3  1 
ATOM   1279 H  HD2  . PRO A 1 85 ? 2.331   5.779   -8.134  1.00 5.52  ? 86  PRO A HD2  1 
ATOM   1280 H  HD3  . PRO A 1 85 ? 1.346   6.588   -9.106  1.00 5.22  ? 86  PRO A HD3  1 
ATOM   1281 N  N    . HIS A 1 86 ? 5.381   4.551   -10.116 1.00 8.52  ? 87  HIS A N    1 
ATOM   1282 C  CA   . HIS A 1 86 ? 6.527   3.660   -10.176 1.00 8.82  ? 87  HIS A CA   1 
ATOM   1283 C  C    . HIS A 1 86 ? 6.205   2.215   -10.456 1.00 12.44 ? 87  HIS A C    1 
ATOM   1284 O  O    . HIS A 1 86 ? 6.954   1.329   -10.000 1.00 10.43 ? 87  HIS A O    1 
ATOM   1285 C  CB   . HIS A 1 86 ? 7.192   3.749   -8.784  1.00 8.16  ? 87  HIS A CB   1 
ATOM   1286 C  CG   . HIS A 1 86 ? 7.673   5.167   -8.585  1.00 6.42  ? 87  HIS A CG   1 
ATOM   1287 N  ND1  . HIS A 1 86 ? 7.526   5.797   -7.348  1.00 9.28  ? 87  HIS A ND1  1 
ATOM   1288 C  CD2  . HIS A 1 86 ? 8.239   6.014   -9.476  1.00 5.82  ? 87  HIS A CD2  1 
ATOM   1289 C  CE1  . HIS A 1 86 ? 8.007   6.995   -7.531  1.00 5.75  ? 87  HIS A CE1  1 
ATOM   1290 N  NE2  . HIS A 1 86 ? 8.465   7.166   -8.771  1.00 9.41  ? 87  HIS A NE2  1 
ATOM   1291 H  H    . HIS A 1 86 ? 4.855   4.426   -9.391  1.00 8.22  ? 87  HIS A H    1 
ATOM   1292 H  HA   . HIS A 1 86 ? 7.171   4.025   -10.819 1.00 9.09  ? 87  HIS A HA   1 
ATOM   1293 H  HB2  . HIS A 1 86 ? 6.405   3.578   -8.152  1.00 8.16  ? 87  HIS A HB2  1 
ATOM   1294 H  HB3  . HIS A 1 86 ? 7.837   3.098   -8.618  1.00 8.13  ? 87  HIS A HB3  1 
ATOM   1295 H  HD2  . HIS A 1 86 ? 8.486   5.891   -10.404 1.00 5.87  ? 87  HIS A HD2  1 
ATOM   1296 H  HE1  . HIS A 1 86 ? 8.065   7.686   -6.847  1.00 5.88  ? 87  HIS A HE1  1 
ATOM   1297 H  HE2  . HIS A 1 86 ? 8.866   7.959   -9.129  1.00 9.45  ? 87  HIS A HE2  1 
ATOM   1298 N  N    . SER A 1 87 ? 5.108   2.047   -11.165 1.00 12.43 ? 88  SER A N    1 
ATOM   1299 C  CA   . SER A 1 87 ? 4.645   0.667   -11.507 1.00 16.88 ? 88  SER A CA   1 
ATOM   1300 C  C    . SER A 1 87 ? 5.692   -0.002  -12.400 1.00 13.47 ? 88  SER A C    1 
ATOM   1301 O  O    . SER A 1 87 ? 6.007   -1.172  -12.206 1.00 15.13 ? 88  SER A O    1 
ATOM   1302 C  CB   . SER A 1 87 ? 3.263   0.761   -12.145 1.00 13.85 ? 88  SER A CB   1 
ATOM   1303 O  OG   . SER A 1 87 ? 3.322   1.563   -13.323 1.00 14.00 ? 88  SER A OG   1 
ATOM   1304 H  H    . SER A 1 87 ? 4.608   2.729   -11.457 1.00 11.49 ? 88  SER A H    1 
ATOM   1305 H  HA   . SER A 1 87 ? 4.572   0.139   -10.674 1.00 15.98 ? 88  SER A HA   1 
ATOM   1306 H  HB2  . SER A 1 87 ? 2.953   -0.155  -12.324 1.00 14.07 ? 88  SER A HB2  1 
ATOM   1307 H  HB3  . SER A 1 87 ? 2.584   1.173   -11.512 1.00 13.56 ? 88  SER A HB3  1 
ATOM   1308 H  HG   . SER A 1 87 ? 2.482   1.878   -13.426 1.00 13.91 ? 88  SER A HG   1 
ATOM   1309 N  N    . GLY A 1 88 ? 6.182   0.778   -13.354 1.00 11.13 ? 89  GLY A N    1 
ATOM   1310 C  CA   . GLY A 1 88 ? 7.199   0.379   -14.285 1.00 12.21 ? 89  GLY A CA   1 
ATOM   1311 C  C    . GLY A 1 88 ? 8.468   -0.071  -13.577 1.00 17.35 ? 89  GLY A C    1 
ATOM   1312 O  O    . GLY A 1 88 ? 9.187   -0.906  -14.151 1.00 21.68 ? 89  GLY A O    1 
ATOM   1313 H  H    . GLY A 1 88 ? 5.916   1.658   -13.446 1.00 11.25 ? 89  GLY A H    1 
ATOM   1314 H  HA2  . GLY A 1 88 ? 6.878   -0.348  -14.848 1.00 12.44 ? 89  GLY A HA2  1 
ATOM   1315 H  HA3  . GLY A 1 88 ? 7.383   1.151   -14.876 1.00 12.37 ? 89  GLY A HA3  1 
ATOM   1316 N  N    . ALA A 1 89 ? 8.733   0.409   -12.379 1.00 18.23 ? 90  ALA A N    1 
ATOM   1317 C  CA   . ALA A 1 89 ? 9.892   0.107   -11.558 1.00 13.04 ? 90  ALA A CA   1 
ATOM   1318 C  C    . ALA A 1 89 ? 9.747   -1.080  -10.633 1.00 13.78 ? 90  ALA A C    1 
ATOM   1319 O  O    . ALA A 1 89 ? 10.694  -1.396  -9.885  1.00 18.52 ? 90  ALA A O    1 
ATOM   1320 C  CB   . ALA A 1 89 ? 10.207  1.334   -10.665 1.00 14.12 ? 90  ALA A CB   1 
ATOM   1321 H  H    . ALA A 1 89 ? 8.143   1.037   -12.015 1.00 18.45 ? 90  ALA A H    1 
ATOM   1322 H  HA   . ALA A 1 89 ? 10.727  -0.011  -12.038 1.00 13.05 ? 90  ALA A HA   1 
ATOM   1323 H  HB1  . ALA A 1 89 ? 10.348  2.110   -11.119 1.00 13.77 ? 90  ALA A HB1  1 
ATOM   1324 H  HB2  . ALA A 1 89 ? 9.473   1.390   -9.975  1.00 13.57 ? 90  ALA A HB2  1 
ATOM   1325 H  HB3  . ALA A 1 89 ? 11.006  1.032   -10.103 1.00 13.78 ? 90  ALA A HB3  1 
ATOM   1326 N  N    . GLY A 1 90 ? 8.590   -1.677  -10.641 1.00 13.91 ? 91  GLY A N    1 
ATOM   1327 C  CA   . GLY A 1 90 ? 8.309   -2.842  -9.777  1.00 13.77 ? 91  GLY A CA   1 
ATOM   1328 C  C    . GLY A 1 90 ? 7.945   -2.498  -8.371  1.00 11.09 ? 91  GLY A C    1 
ATOM   1329 O  O    . GLY A 1 90 ? 8.072   -3.342  -7.437  1.00 14.54 ? 91  GLY A O    1 
ATOM   1330 H  H    . GLY A 1 90 ? 7.925   -1.409  -11.193 1.00 13.77 ? 91  GLY A H    1 
ATOM   1331 H  HA2  . GLY A 1 90 ? 7.725   -3.439  -10.186 1.00 13.94 ? 91  GLY A HA2  1 
ATOM   1332 H  HA3  . GLY A 1 90 ? 9.254   -3.330  -9.728  1.00 13.30 ? 91  GLY A HA3  1 
ATOM   1333 N  N    . MET A 1 91 ? 7.474   -1.283  -8.165  1.00 9.32  ? 92  MET A N    1 
ATOM   1334 C  CA   . MET A 1 91 ? 7.090   -0.838  -6.794  1.00 9.92  ? 92  MET A CA   1 
ATOM   1335 C  C    . MET A 1 91 ? 5.686   -1.391  -6.481  1.00 8.07  ? 92  MET A C    1 
ATOM   1336 O  O    . MET A 1 91 ? 4.641   -0.778  -6.751  1.00 6.29  ? 92  MET A O    1 
ATOM   1337 C  CB   . MET A 1 91 ? 7.217   0.693   -6.599  1.00 6.32  ? 92  MET A CB   1 
ATOM   1338 C  CG   . MET A 1 91 ? 6.803   1.149   -5.246  1.00 7.55  ? 92  MET A CG   1 
ATOM   1339 S  SD   . MET A 1 91 ? 7.328   2.782   -4.743  1.00 8.72  ? 92  MET A SD   1 
ATOM   1340 C  CE   . MET A 1 91 ? 6.427   2.925   -3.188  1.00 10.56 ? 92  MET A CE   1 
ATOM   1341 H  H    . MET A 1 91 ? 7.391   -0.700  -8.819  1.00 9.77  ? 92  MET A H    1 
ATOM   1342 H  HA   . MET A 1 91 ? 7.735   -1.208  -6.164  1.00 8.82  ? 92  MET A HA   1 
ATOM   1343 H  HB2  . MET A 1 91 ? 8.143   0.983   -6.764  1.00 6.46  ? 92  MET A HB2  1 
ATOM   1344 H  HB3  . MET A 1 91 ? 6.659   1.163   -7.281  1.00 5.93  ? 92  MET A HB3  1 
ATOM   1345 H  HG2  . MET A 1 91 ? 5.762   1.340   -5.206  1.00 7.85  ? 92  MET A HG2  1 
ATOM   1346 H  HG3  . MET A 1 91 ? 7.018   0.549   -4.515  1.00 7.29  ? 92  MET A HG3  1 
ATOM   1347 H  HE1  . MET A 1 91 ? 6.653   2.128   -2.671  1.00 10.56 ? 92  MET A HE1  1 
ATOM   1348 H  HE2  . MET A 1 91 ? 6.556   3.781   -2.790  1.00 10.40 ? 92  MET A HE2  1 
ATOM   1349 H  HE3  . MET A 1 91 ? 5.429   2.886   -3.453  1.00 10.38 ? 92  MET A HE3  1 
ATOM   1350 N  N    . LYS A 1 92 ? 5.690   -2.570  -5.884  1.00 9.06  ? 93  LYS A N    1 
ATOM   1351 C  CA   . LYS A 1 92 ? 4.453   -3.266  -5.485  1.00 8.44  ? 93  LYS A CA   1 
ATOM   1352 C  C    . LYS A 1 92 ? 4.706   -4.081  -4.236  1.00 4.93  ? 93  LYS A C    1 
ATOM   1353 O  O    . LYS A 1 92 ? 5.856   -4.344  -3.824  1.00 10.75 ? 93  LYS A O    1 
ATOM   1354 C  CB   . LYS A 1 92 ? 3.918   -4.027  -6.678  1.00 16.26 ? 93  LYS A CB   1 
ATOM   1355 C  CG   . LYS A 1 92 ? 4.891   -4.755  -7.529  1.00 23.27 ? 93  LYS A CG   1 
ATOM   1356 C  CD   A LYS A 1 92 ? 4.380   -5.307  -8.836  0.50 27.75 ? 93  LYS A CD   1 
ATOM   1357 C  CD   B LYS A 1 92 ? 4.300   -5.401  -8.769  0.50 26.53 ? 93  LYS A CD   1 
ATOM   1358 C  CE   A LYS A 1 92 ? 4.583   -4.430  -10.043 0.50 29.84 ? 93  LYS A CE   1 
ATOM   1359 C  CE   B LYS A 1 92 ? 4.221   -4.513  -9.986  0.50 28.14 ? 93  LYS A CE   1 
ATOM   1360 N  NZ   A LYS A 1 92 ? 3.371   -3.692  -10.450 0.50 30.68 ? 93  LYS A NZ   1 
ATOM   1361 N  NZ   B LYS A 1 92 ? 5.321   -4.773  -10.949 0.50 27.00 ? 93  LYS A NZ   1 
ATOM   1362 H  H    . LYS A 1 92 ? 6.457   -3.013  -5.682  1.00 8.87  ? 93  LYS A H    1 
ATOM   1363 H  HA   . LYS A 1 92 ? 3.783   -2.568  -5.278  1.00 8.13  ? 93  LYS A HA   1 
ATOM   1364 H  HB2  . LYS A 1 92 ? 3.110   -4.505  -6.475  1.00 16.70 ? 93  LYS A HB2  1 
ATOM   1365 H  HB3  . LYS A 1 92 ? 3.585   -3.221  -7.318  1.00 16.48 ? 93  LYS A HB3  1 
ATOM   1366 H  HG2  A LYS A 1 92 ? 5.701   -4.140  -7.732  0.50 23.41 ? 93  LYS A HG2  1 
ATOM   1367 H  HG2  B LYS A 1 92 ? 5.652   -4.129  -7.814  0.50 23.37 ? 93  LYS A HG2  1 
ATOM   1368 H  HG3  A LYS A 1 92 ? 5.318   -5.517  -7.017  0.50 23.25 ? 93  LYS A HG3  1 
ATOM   1369 H  HG3  B LYS A 1 92 ? 5.359   -5.481  -7.008  0.50 23.23 ? 93  LYS A HG3  1 
ATOM   1370 H  HD2  A LYS A 1 92 ? 4.852   -6.192  -9.014  0.50 27.66 ? 93  LYS A HD2  1 
ATOM   1371 H  HD2  B LYS A 1 92 ? 4.853   -6.211  -9.001  0.50 26.49 ? 93  LYS A HD2  1 
ATOM   1372 H  HD3  A LYS A 1 92 ? 3.416   -5.558  -8.744  0.50 27.93 ? 93  LYS A HD3  1 
ATOM   1373 H  HD3  B LYS A 1 92 ? 3.391   -5.766  -8.549  0.50 26.70 ? 93  LYS A HD3  1 
ATOM   1374 H  HE2  A LYS A 1 92 ? 5.286   -3.732  -9.872  0.50 29.87 ? 93  LYS A HE2  1 
ATOM   1375 H  HE2  B LYS A 1 92 ? 3.378   -4.578  -10.475 0.50 28.09 ? 93  LYS A HE2  1 
ATOM   1376 H  HE3  A LYS A 1 92 ? 4.859   -4.962  -10.838 0.50 29.78 ? 93  LYS A HE3  1 
ATOM   1377 H  HE3  B LYS A 1 92 ? 4.359   -3.546  -9.703  0.50 28.29 ? 93  LYS A HE3  1 
ATOM   1378 H  HZ1  A LYS A 1 92 ? 2.629   -4.121  -10.335 0.50 30.55 ? 93  LYS A HZ1  1 
ATOM   1379 H  HZ1  B LYS A 1 92 ? 6.138   -4.604  -10.586 0.50 27.10 ? 93  LYS A HZ1  1 
ATOM   1380 H  HZ2  A LYS A 1 92 ? 3.333   -2.839  -10.052 0.50 30.76 ? 93  LYS A HZ2  1 
ATOM   1381 H  HZ2  B LYS A 1 92 ? 5.255   -5.626  -11.298 0.50 27.08 ? 93  LYS A HZ2  1 
ATOM   1382 H  HZ3  A LYS A 1 92 ? 3.482   -3.463  -11.385 0.50 30.72 ? 93  LYS A HZ3  1 
ATOM   1383 H  HZ3  B LYS A 1 92 ? 5.250   -4.201  -11.695 0.50 27.21 ? 93  LYS A HZ3  1 
ATOM   1384 N  N    . MET A 1 93 ? 3.649   -4.453  -3.572  1.00 5.71  ? 94  MET A N    1 
ATOM   1385 C  CA   . MET A 1 93 ? 3.622   -5.227  -2.331  1.00 6.61  ? 94  MET A CA   1 
ATOM   1386 C  C    . MET A 1 93 ? 2.394   -6.140  -2.220  1.00 4.71  ? 94  MET A C    1 
ATOM   1387 O  O    . MET A 1 93 ? 1.440   -6.098  -3.044  1.00 8.66  ? 94  MET A O    1 
ATOM   1388 C  CB   . MET A 1 93 ? 3.790   -4.251  -1.148  1.00 10.47 ? 94  MET A CB   1 
ATOM   1389 C  CG   . MET A 1 93 ? 2.576   -3.489  -0.759  1.00 9.06  ? 94  MET A CG   1 
ATOM   1390 S  SD   . MET A 1 93 ? 2.734   -2.766  0.892   1.00 10.66 ? 94  MET A SD   1 
ATOM   1391 C  CE   . MET A 1 93 ? 3.093   -4.205  1.858   1.00 16.23 ? 94  MET A CE   1 
ATOM   1392 H  H    . MET A 1 93 ? 2.801   -4.242  -3.866  1.00 5.93  ? 94  MET A H    1 
ATOM   1393 H  HA   . MET A 1 93 ? 4.447   -5.746  -2.283  1.00 7.50  ? 94  MET A HA   1 
ATOM   1394 H  HB2  . MET A 1 93 ? 4.447   -4.432  -0.527  1.00 10.27 ? 94  MET A HB2  1 
ATOM   1395 H  HB3  . MET A 1 93 ? 4.325   -3.412  -1.693  1.00 10.22 ? 94  MET A HB3  1 
ATOM   1396 H  HG2  . MET A 1 93 ? 2.331   -2.710  -1.304  1.00 8.73  ? 94  MET A HG2  1 
ATOM   1397 H  HG3  . MET A 1 93 ? 1.776   -4.098  -0.658  1.00 9.35  ? 94  MET A HG3  1 
ATOM   1398 H  HE1  . MET A 1 93 ? 3.577   -4.854  1.296   1.00 16.43 ? 94  MET A HE1  1 
ATOM   1399 H  HE2  . MET A 1 93 ? 3.661   -3.880  2.619   1.00 16.56 ? 94  MET A HE2  1 
ATOM   1400 H  HE3  . MET A 1 93 ? 2.242   -4.545  2.203   1.00 16.21 ? 94  MET A HE3  1 
ATOM   1401 N  N    . THR A 1 94 ? 2.385   -6.982  -1.227  1.00 7.09  ? 95  THR A N    1 
ATOM   1402 C  CA   . THR A 1 94 ? 1.331   -7.934  -0.884  1.00 7.15  ? 95  THR A CA   1 
ATOM   1403 C  C    . THR A 1 94 ? 1.045   -7.794  0.616   1.00 4.72  ? 95  THR A C    1 
ATOM   1404 O  O    . THR A 1 94 ? 1.938   -7.835  1.473   1.00 12.35 ? 95  THR A O    1 
ATOM   1405 C  CB   . THR A 1 94 ? 1.661   -9.403  -1.164  1.00 8.27  ? 95  THR A CB   1 
ATOM   1406 O  OG1  . THR A 1 94 ? 1.931   -9.435  -2.539  1.00 15.81 ? 95  THR A OG1  1 
ATOM   1407 C  CG2  . THR A 1 94 ? 0.500   -10.350 -0.918  1.00 14.73 ? 95  THR A CG2  1 
ATOM   1408 H  H    . THR A 1 94 ? 3.095   -6.986  -0.613  1.00 7.24  ? 95  THR A H    1 
ATOM   1409 H  HA   . THR A 1 94 ? 0.545   -7.735  -1.361  1.00 7.07  ? 95  THR A HA   1 
ATOM   1410 H  HB   . THR A 1 94 ? 2.423   -9.678  -0.576  1.00 7.19  ? 95  THR A HB   1 
ATOM   1411 H  HG1  . THR A 1 94 ? 1.108   -9.382  -3.002  1.00 15.60 ? 95  THR A HG1  1 
ATOM   1412 H  HG21 . THR A 1 94 ? -0.328  -10.048 -1.434  1.00 14.42 ? 95  THR A HG21 1 
ATOM   1413 H  HG22 . THR A 1 94 ? 0.714   -11.227 -1.302  1.00 14.53 ? 95  THR A HG22 1 
ATOM   1414 H  HG23 . THR A 1 94 ? 0.310   -10.428 0.038   1.00 14.96 ? 95  THR A HG23 1 
ATOM   1415 N  N    . ILE A 1 95 ? -0.212  -7.667  0.894   1.00 7.11  ? 96  ILE A N    1 
ATOM   1416 C  CA   . ILE A 1 95 ? -0.782  -7.546  2.208   1.00 6.29  ? 96  ILE A CA   1 
ATOM   1417 C  C    . ILE A 1 95 ? -1.660  -8.802  2.389   1.00 9.50  ? 96  ILE A C    1 
ATOM   1418 O  O    . ILE A 1 95 ? -2.576  -9.002  1.567   1.00 5.10  ? 96  ILE A O    1 
ATOM   1419 C  CB   . ILE A 1 95 ? -1.670  -6.327  2.398   1.00 11.29 ? 96  ILE A CB   1 
ATOM   1420 C  CG1  . ILE A 1 95 ? -0.887  -5.059  2.184   1.00 8.47  ? 96  ILE A CG1  1 
ATOM   1421 C  CG2  . ILE A 1 95 ? -2.343  -6.357  3.786   1.00 14.19 ? 96  ILE A CG2  1 
ATOM   1422 C  CD1  . ILE A 1 95 ? -1.533  -3.698  2.421   1.00 9.62  ? 96  ILE A CD1  1 
ATOM   1423 H  H    . ILE A 1 95 ? -0.869  -7.657  0.248   1.00 7.75  ? 96  ILE A H    1 
ATOM   1424 H  HA   . ILE A 1 95 ? -0.093  -7.518  2.896   1.00 6.28  ? 96  ILE A HA   1 
ATOM   1425 H  HB   . ILE A 1 95 ? -2.395  -6.452  1.728   1.00 11.14 ? 96  ILE A HB   1 
ATOM   1426 H  HG12 . ILE A 1 95 ? -0.123  -5.146  2.874   1.00 8.67  ? 96  ILE A HG12 1 
ATOM   1427 H  HG13 . ILE A 1 95 ? -0.460  -5.054  1.289   1.00 8.07  ? 96  ILE A HG13 1 
ATOM   1428 H  HG21 . ILE A 1 95 ? -1.812  -6.939  4.409   1.00 14.14 ? 96  ILE A HG21 1 
ATOM   1429 H  HG22 . ILE A 1 95 ? -2.523  -5.495  4.160   1.00 13.53 ? 96  ILE A HG22 1 
ATOM   1430 H  HG23 . ILE A 1 95 ? -3.231  -6.844  3.658   1.00 14.03 ? 96  ILE A HG23 1 
ATOM   1431 H  HD11 . ILE A 1 95 ? -2.462  -3.666  1.989   1.00 9.73  ? 96  ILE A HD11 1 
ATOM   1432 H  HD12 . ILE A 1 95 ? -1.641  -3.469  3.367   1.00 8.97  ? 96  ILE A HD12 1 
ATOM   1433 H  HD13 . ILE A 1 95 ? -1.016  -2.955  1.948   1.00 9.17  ? 96  ILE A HD13 1 
ATOM   1434 N  N    . THR A 1 96 ? -1.352  -9.545  3.418   1.00 7.73  ? 97  THR A N    1 
ATOM   1435 C  CA   . THR A 1 96 ? -2.174  -10.748 3.741   1.00 15.80 ? 97  THR A CA   1 
ATOM   1436 C  C    . THR A 1 96 ? -3.013  -10.381 4.957   1.00 16.66 ? 97  THR A C    1 
ATOM   1437 O  O    . THR A 1 96 ? -2.446  -9.892  5.972   1.00 19.65 ? 97  THR A O    1 
ATOM   1438 C  CB   . THR A 1 96 ? -1.288  -11.982 3.880   1.00 20.84 ? 97  THR A CB   1 
ATOM   1439 O  OG1  . THR A 1 96 ? -0.791  -12.263 2.564   1.00 21.40 ? 97  THR A OG1  1 
ATOM   1440 C  CG2  . THR A 1 96 ? -2.029  -13.185 4.437   1.00 21.97 ? 97  THR A CG2  1 
ATOM   1441 H  H    . THR A 1 96 ? -0.728  -9.348  3.983   1.00 7.74  ? 97  THR A H    1 
ATOM   1442 H  HA   . THR A 1 96 ? -2.800  -10.933 3.015   1.00 15.88 ? 97  THR A HA   1 
ATOM   1443 H  HB   . THR A 1 96 ? -0.502  -11.777 4.475   1.00 21.11 ? 97  THR A HB   1 
ATOM   1444 H  HG1  . THR A 1 96 ? 0.042   -12.339 2.508   1.00 21.38 ? 97  THR A HG1  1 
ATOM   1445 H  HG21 . THR A 1 96 ? -2.967  -13.224 4.109   1.00 21.93 ? 97  THR A HG21 1 
ATOM   1446 H  HG22 . THR A 1 96 ? -1.564  -14.010 4.150   1.00 22.35 ? 97  THR A HG22 1 
ATOM   1447 H  HG23 . THR A 1 96 ? -2.043  -13.166 5.437   1.00 22.14 ? 97  THR A HG23 1 
ATOM   1448 N  N    . VAL A 1 97 ? -4.328  -10.567 4.843   1.00 17.37 ? 98  VAL A N    1 
ATOM   1449 C  CA   . VAL A 1 97 ? -5.281  -10.288 5.938   1.00 16.77 ? 98  VAL A CA   1 
ATOM   1450 C  C    . VAL A 1 97 ? -5.813  -11.632 6.473   1.00 20.42 ? 98  VAL A C    1 
ATOM   1451 O  O    . VAL A 1 97 ? -6.181  -12.514 5.712   1.00 20.07 ? 98  VAL A O    1 
ATOM   1452 C  CB   . VAL A 1 97 ? -6.384  -9.301  5.573   1.00 15.85 ? 98  VAL A CB   1 
ATOM   1453 C  CG1  . VAL A 1 97 ? -7.242  -8.990  6.787   1.00 15.74 ? 98  VAL A CG1  1 
ATOM   1454 C  CG2  . VAL A 1 97 ? -5.790  -8.043  4.952   1.00 11.72 ? 98  VAL A CG2  1 
ATOM   1455 H  H    . VAL A 1 97 ? -4.669  -10.906 4.131   1.00 17.42 ? 98  VAL A H    1 
ATOM   1456 H  HA   . VAL A 1 97 ? -4.838  -9.863  6.694   1.00 16.88 ? 98  VAL A HA   1 
ATOM   1457 H  HB   . VAL A 1 97 ? -6.951  -9.756  4.886   1.00 15.90 ? 98  VAL A HB   1 
ATOM   1458 H  HG11 . VAL A 1 97 ? -6.745  -8.900  7.585   1.00 15.29 ? 98  VAL A HG11 1 
ATOM   1459 H  HG12 . VAL A 1 97 ? -7.832  -8.263  6.661   1.00 16.06 ? 98  VAL A HG12 1 
ATOM   1460 H  HG13 . VAL A 1 97 ? -7.862  -9.806  6.932   1.00 15.66 ? 98  VAL A HG13 1 
ATOM   1461 H  HG21 . VAL A 1 97 ? -5.174  -8.378  4.159   1.00 11.11 ? 98  VAL A HG21 1 
ATOM   1462 H  HG22 . VAL A 1 97 ? -6.446  -7.524  4.497   1.00 12.28 ? 98  VAL A HG22 1 
ATOM   1463 H  HG23 . VAL A 1 97 ? -5.224  -7.567  5.501   1.00 11.51 ? 98  VAL A HG23 1 
ATOM   1464 N  N    A GLN A 1 98 ? -5.906  -11.696 7.786   0.50 24.99 ? 99  GLN A N    1 
ATOM   1465 N  N    B GLN A 1 98 ? -5.720  -11.731 7.777   0.50 24.64 ? 99  GLN A N    1 
ATOM   1466 C  CA   A GLN A 1 98 ? -6.381  -12.866 8.528   0.50 30.86 ? 99  GLN A CA   1 
ATOM   1467 C  CA   B GLN A 1 98 ? -6.090  -12.902 8.568   0.50 30.22 ? 99  GLN A CA   1 
ATOM   1468 C  C    A GLN A 1 98 ? -7.698  -12.700 9.272   0.50 31.92 ? 99  GLN A C    1 
ATOM   1469 C  C    B GLN A 1 98 ? -7.256  -12.672 9.512   0.50 30.51 ? 99  GLN A C    1 
ATOM   1470 O  O    A GLN A 1 98 ? -7.737  -11.827 10.181  0.50 30.89 ? 99  GLN A O    1 
ATOM   1471 O  O    B GLN A 1 98 ? -7.092  -11.793 10.402  0.50 29.06 ? 99  GLN A O    1 
ATOM   1472 C  CB   A GLN A 1 98 ? -5.310  -13.302 9.557   0.50 31.62 ? 99  GLN A CB   1 
ATOM   1473 C  CB   B GLN A 1 98 ? -4.844  -13.352 9.394   0.50 31.24 ? 99  GLN A CB   1 
ATOM   1474 C  CG   A GLN A 1 98 ? -4.478  -14.453 9.027   0.50 31.17 ? 99  GLN A CG   1 
ATOM   1475 C  CG   B GLN A 1 98 ? -4.149  -12.184 10.054  0.50 32.31 ? 99  GLN A CG   1 
ATOM   1476 C  CD   A GLN A 1 98 ? -3.087  -14.459 9.601   0.50 31.50 ? 99  GLN A CD   1 
ATOM   1477 C  CD   B GLN A 1 98 ? -3.389  -12.458 11.314  0.50 33.71 ? 99  GLN A CD   1 
ATOM   1478 O  OE1  A GLN A 1 98 ? -2.778  -13.676 10.481  0.50 32.80 ? 99  GLN A OE1  1 
ATOM   1479 O  OE1  B GLN A 1 98 ? -2.198  -12.148 11.443  0.50 33.60 ? 99  GLN A OE1  1 
ATOM   1480 N  NE2  A GLN A 1 98 ? -2.259  -15.353 9.069   0.50 32.41 ? 99  GLN A NE2  1 
ATOM   1481 N  NE2  B GLN A 1 98 ? -4.069  -13.039 12.303  0.50 33.64 ? 99  GLN A NE2  1 
ATOM   1482 O  OXT  A GLN A 1 98 ? -8.649  -13.453 8.964   0.50 32.53 ? 99  GLN A OXT  1 
ATOM   1483 O  OXT  B GLN A 1 98 ? -8.296  -13.350 9.368   0.50 31.49 ? 99  GLN A OXT  1 
ATOM   1484 H  H    A GLN A 1 98 ? -5.624  -10.991 8.317   0.50 24.87 ? 99  GLN A H    1 
ATOM   1485 H  H    B GLN A 1 98 ? -5.398  -11.029 8.301   0.50 24.51 ? 99  GLN A H    1 
ATOM   1486 H  HA   A GLN A 1 98 ? -6.476  -13.614 7.862   0.50 30.84 ? 99  GLN A HA   1 
ATOM   1487 H  HA   B GLN A 1 98 ? -6.299  -13.642 7.934   0.50 30.17 ? 99  GLN A HA   1 
ATOM   1488 H  HB2  A GLN A 1 98 ? -4.703  -12.500 9.676   0.50 31.72 ? 99  GLN A HB2  1 
ATOM   1489 H  HB2  B GLN A 1 98 ? -5.110  -14.034 10.009  0.50 31.26 ? 99  GLN A HB2  1 
ATOM   1490 H  HB3  A GLN A 1 98 ? -5.730  -13.492 10.409  0.50 31.48 ? 99  GLN A HB3  1 
ATOM   1491 H  HB3  B GLN A 1 98 ? -4.204  -13.744 8.706   0.50 31.00 ? 99  GLN A HB3  1 
ATOM   1492 H  HG2  A GLN A 1 98 ? -4.888  -15.329 9.206   0.50 31.18 ? 99  GLN A HG2  1 
ATOM   1493 H  HG2  B GLN A 1 98 ? -3.474  -11.788 9.385   0.50 32.16 ? 99  GLN A HG2  1 
ATOM   1494 H  HG3  A GLN A 1 98 ? -4.377  -14.343 8.048   0.50 31.18 ? 99  GLN A HG3  1 
ATOM   1495 H  HG3  B GLN A 1 98 ? -4.760  -11.453 10.255  0.50 32.26 ? 99  GLN A HG3  1 
ATOM   1496 H  HE21 A GLN A 1 98 ? -2.520  -15.918 8.411   0.50 32.32 ? 99  GLN A HE21 1 
ATOM   1497 H  HE21 B GLN A 1 98 ? -4.953  -13.256 12.190  0.50 33.52 ? 99  GLN A HE21 1 
ATOM   1498 H  HE22 A GLN A 1 98 ? -1.402  -15.410 9.357   0.50 32.44 ? 99  GLN A HE22 1 
ATOM   1499 H  HE22 B GLN A 1 98 ? -3.688  -13.236 13.091  0.50 33.44 ? 99  GLN A HE22 1 
HETATM 1500 CU CU   . CU  B 2 .  ? 6.106   5.201   -5.821  1.00 11.07 ? 100 CU  A CU   1 
HETATM 1501 O  O    . HOH C 3 .  ? 0.938   -14.116 -1.984  1.00 48.71 ? 101 HOH A O    1 
HETATM 1502 O  O    . HOH C 3 .  ? -11.313 -5.344  3.424   1.00 16.11 ? 102 HOH A O    1 
HETATM 1503 O  O    . HOH C 3 .  ? 10.551  9.777   -7.952  1.00 17.27 ? 103 HOH A O    1 
HETATM 1504 O  O    . HOH C 3 .  ? 15.166  0.992   3.362   1.00 18.70 ? 104 HOH A O    1 
HETATM 1505 O  O    . HOH C 3 .  ? -12.200 -13.826 1.110   1.00 23.53 ? 105 HOH A O    1 
HETATM 1506 O  O    . HOH C 3 .  ? -12.995 -3.332  -6.612  1.00 30.89 ? 106 HOH A O    1 
HETATM 1507 O  O    . HOH C 3 .  ? -7.643  0.102   -8.442  1.00 33.56 ? 107 HOH A O    1 
HETATM 1508 O  O    . HOH C 3 .  ? -10.275 6.274   -2.070  1.00 23.12 ? 108 HOH A O    1 
HETATM 1509 O  O    . HOH C 3 .  ? 1.274   -6.656  -5.666  1.00 24.06 ? 109 HOH A O    1 
HETATM 1510 O  O    . HOH C 3 .  ? -9.596  1.894   5.914   1.00 25.71 ? 110 HOH A O    1 
HETATM 1511 O  O    . HOH C 3 .  ? -6.106  -4.284  8.374   1.00 13.55 ? 111 HOH A O    1 
HETATM 1512 O  O    . HOH C 3 .  ? 11.125  -4.000  0.269   1.00 21.54 ? 112 HOH A O    1 
HETATM 1513 O  O    . HOH C 3 .  ? 14.332  1.027   -7.028  1.00 37.64 ? 113 HOH A O    1 
HETATM 1514 O  O    . HOH C 3 .  ? -14.114 -12.647 -0.678  1.00 37.94 ? 114 HOH A O    1 
HETATM 1515 O  O    . HOH C 3 .  ? 11.600  13.002  -5.565  1.00 19.42 ? 115 HOH A O    1 
HETATM 1516 O  O    . HOH C 3 .  ? -13.207 -7.444  -5.779  1.00 26.72 ? 116 HOH A O    1 
HETATM 1517 O  O    . HOH C 3 .  ? 4.710   15.452  5.930   1.00 25.83 ? 117 HOH A O    1 
HETATM 1518 O  O    . HOH C 3 .  ? -3.286  6.096   -9.478  1.00 35.28 ? 118 HOH A O    1 
HETATM 1519 O  O    . HOH C 3 .  ? 9.992   -4.103  -4.363  1.00 33.61 ? 119 HOH A O    1 
HETATM 1520 O  O    . HOH C 3 .  ? -1.226  15.430  -3.976  1.00 15.52 ? 120 HOH A O    1 
HETATM 1521 O  O    . HOH C 3 .  ? 9.726   17.090  -1.126  1.00 39.37 ? 121 HOH A O    1 
HETATM 1522 O  O    . HOH C 3 .  ? 9.593   16.544  1.833   1.00 29.00 ? 122 HOH A O    1 
HETATM 1523 O  O    . HOH C 3 .  ? -12.427 6.574   -3.337  1.00 38.62 ? 123 HOH A O    1 
HETATM 1524 O  O    . HOH C 3 .  ? -11.997 -6.210  -8.083  1.00 35.44 ? 124 HOH A O    1 
HETATM 1525 O  O    . HOH C 3 .  ? -14.029 -2.502  0.322   1.00 48.94 ? 125 HOH A O    1 
HETATM 1526 O  O    . HOH C 3 .  ? 14.275  -2.270  -1.495  1.00 50.06 ? 126 HOH A O    1 
HETATM 1527 O  O    . HOH C 3 .  ? 14.549  7.608   -5.039  1.00 24.78 ? 127 HOH A O    1 
HETATM 1528 O  O    . HOH C 3 .  ? -15.699 -9.075  0.740   1.00 15.67 ? 128 HOH A O    1 
HETATM 1529 O  O    . HOH C 3 .  ? -10.014 -14.201 -0.773  1.00 24.65 ? 129 HOH A O    1 
HETATM 1530 O  O    . HOH C 3 .  ? -15.379 3.583   -4.905  1.00 42.89 ? 130 HOH A O    1 
HETATM 1531 O  O    . HOH C 3 .  ? -3.586  -11.232 -4.179  1.00 34.09 ? 131 HOH A O    1 
HETATM 1532 O  O    . HOH C 3 .  ? -0.657  -9.729  -6.574  1.00 49.82 ? 132 HOH A O    1 
HETATM 1533 O  O    . HOH C 3 .  ? -1.082  -7.576  -8.299  1.00 41.66 ? 133 HOH A O    1 
HETATM 1534 O  O    . HOH C 3 .  ? -2.272  8.617   -1.520  1.00 10.81 ? 134 HOH A O    1 
HETATM 1535 O  O    . HOH C 3 .  ? 8.138   -2.875  -3.474  1.00 6.76  ? 135 HOH A O    1 
HETATM 1536 O  O    . HOH C 3 .  ? -3.488  -5.458  -15.694 1.00 49.90 ? 136 HOH A O    1 
HETATM 1537 O  O    . HOH C 3 .  ? -12.942 -10.383 9.264   1.00 33.73 ? 137 HOH A O    1 
HETATM 1538 O  O    . HOH C 3 .  ? 5.463   -9.193  -1.986  1.00 28.27 ? 138 HOH A O    1 
HETATM 1539 O  O    . HOH C 3 .  ? -6.412  -1.426  -10.682 1.00 51.83 ? 139 HOH A O    1 
HETATM 1540 O  O    . HOH C 3 .  ? 5.341   -3.299  11.598  1.00 39.39 ? 140 HOH A O    1 
HETATM 1541 O  O    . HOH C 3 .  ? 6.108   -3.484  9.136   1.00 24.22 ? 141 HOH A O    1 
HETATM 1542 O  O    . HOH C 3 .  ? -0.656  4.833   15.477  1.00 36.98 ? 142 HOH A O    1 
HETATM 1543 O  O    . HOH C 3 .  ? 14.123  10.939  1.942   1.00 35.22 ? 143 HOH A O    1 
HETATM 1544 O  O    . HOH C 3 .  ? 16.346  12.540  3.262   1.00 47.65 ? 144 HOH A O    1 
HETATM 1545 O  O    . HOH C 3 .  ? -14.382 -8.323  11.085  1.00 44.36 ? 145 HOH A O    1 
HETATM 1546 O  O    . HOH C 3 .  ? -10.989 -2.117  13.174  1.00 32.38 ? 146 HOH A O    1 
HETATM 1547 O  O    . HOH C 3 .  ? 0.233   1.666   -13.329 1.00 38.57 ? 147 HOH A O    1 
HETATM 1548 O  O    . HOH C 3 .  ? 6.551   -3.460  -14.036 1.00 41.44 ? 148 HOH A O    1 
HETATM 1549 O  O    . HOH C 3 .  ? 1.463   -10.720 2.287   1.00 24.31 ? 149 HOH A O    1 
HETATM 1550 O  O    . HOH C 3 .  ? 8.601   -5.998  -7.585  1.00 29.09 ? 150 HOH A O    1 
HETATM 1551 O  O    . HOH C 3 .  ? -1.048  -8.475  13.494  1.00 28.48 ? 151 HOH A O    1 
HETATM 1552 O  O    . HOH C 3 .  ? 1.466   -5.887  13.215  1.00 41.53 ? 152 HOH A O    1 
HETATM 1553 O  O    . HOH C 3 .  ? 11.514  -2.027  -6.735  1.00 41.00 ? 153 HOH A O    1 
HETATM 1554 O  O    . HOH C 3 .  ? -18.339 -6.057  4.424   1.00 24.65 ? 154 HOH A O    1 
HETATM 1555 O  O    . HOH C 3 .  ? 1.981   3.167   14.846  1.00 43.89 ? 155 HOH A O    1 
HETATM 1556 O  O    . HOH C 3 .  ? -13.258 -7.455  -10.133 1.00 28.25 ? 156 HOH A O    1 
HETATM 1557 O  O    . HOH C 3 .  ? 18.643  4.147   -4.762  1.00 39.05 ? 157 HOH A O    1 
HETATM 1558 O  O    . HOH C 3 .  ? -7.512  -13.733 -1.309  1.00 29.69 ? 158 HOH A O    1 
HETATM 1559 O  O    . HOH C 3 .  ? -14.373 6.153   -1.560  1.00 52.45 ? 159 HOH A O    1 
HETATM 1560 O  O    . HOH C 3 .  ? -3.033  -16.493 6.206   1.00 47.92 ? 160 HOH A O    1 
HETATM 1561 O  O    . HOH C 3 .  ? 1.587   1.348   -16.271 1.00 30.47 ? 161 HOH A O    1 
HETATM 1562 O  O    . HOH C 3 .  ? 4.939   -6.282  -13.916 1.00 51.95 ? 162 HOH A O    1 
HETATM 1563 O  O    . HOH C 3 .  ? 7.691   -6.392  -4.788  1.00 28.71 ? 163 HOH A O    1 
HETATM 1564 O  O    . HOH C 3 .  ? -11.896 0.955   7.824   1.00 44.29 ? 164 HOH A O    1 
HETATM 1565 O  O    . HOH C 3 .  ? 13.682  0.452   -10.174 1.00 44.96 ? 165 HOH A O    1 
HETATM 1566 O  O    . HOH C 3 .  ? 3.705   16.334  -7.171  1.00 14.94 ? 166 HOH A O    1 
HETATM 1567 O  O    . HOH C 3 .  ? -15.250 -6.911  5.032   1.00 29.17 ? 167 HOH A O    1 
HETATM 1568 O  O    . HOH C 3 .  ? -12.965 -4.222  2.124   1.00 42.55 ? 168 HOH A O    1 
HETATM 1569 O  O    . HOH C 3 .  ? 21.590  -0.108  5.777   1.00 50.23 ? 169 HOH A O    1 
HETATM 1570 O  O    . HOH C 3 .  ? 4.929   -12.559 12.926  1.00 30.18 ? 170 HOH A O    1 
HETATM 1571 O  O    . HOH C 3 .  ? 3.647   -6.208  11.834  1.00 49.04 ? 171 HOH A O    1 
HETATM 1572 O  O    . HOH C 3 .  ? 17.709  0.865   5.213   1.00 35.27 ? 172 HOH A O    1 
HETATM 1573 O  O    . HOH C 3 .  ? 8.037   17.122  4.745   1.00 42.52 ? 173 HOH A O    1 
HETATM 1574 O  O    . HOH C 3 .  ? -5.371  -5.288  -13.025 1.00 34.94 ? 174 HOH A O    1 
HETATM 1575 O  O    . HOH C 3 .  ? 19.985  1.625   4.576   1.00 38.21 ? 175 HOH A O    1 
HETATM 1576 O  O    . HOH C 3 .  ? -17.881 2.514   -5.226  1.00 44.59 ? 176 HOH A O    1 
HETATM 1577 O  O    . HOH C 3 .  ? 10.912  -6.143  1.975   1.00 32.50 ? 177 HOH A O    1 
HETATM 1578 O  O    . HOH C 3 .  ? 8.571   15.935  -3.790  1.00 39.32 ? 178 HOH A O    1 
HETATM 1579 O  O    . HOH C 3 .  ? -11.651 -9.544  -6.961  1.00 45.79 ? 179 HOH A O    1 
HETATM 1580 O  O    . HOH C 3 .  ? -12.725 -0.558  11.502  1.00 43.85 ? 180 HOH A O    1 
HETATM 1581 O  O    . HOH C 3 .  ? -4.549  5.565   13.785  1.00 45.32 ? 181 HOH A O    1 
HETATM 1582 O  O    . HOH C 3 .  ? -1.715  7.055   13.792  1.00 49.93 ? 182 HOH A O    1 
HETATM 1583 O  O    . HOH C 3 .  ? -7.455  -11.668 -3.027  1.00 39.27 ? 183 HOH A O    1 
HETATM 1584 O  O    . HOH C 3 .  ? 0.788   7.192   14.205  1.00 36.26 ? 184 HOH A O    1 
HETATM 1585 O  O    . HOH C 3 .  ? 15.519  -1.781  4.907   1.00 50.62 ? 185 HOH A O    1 
HETATM 1586 O  O    . HOH C 3 .  ? 17.322  8.404   4.621   1.00 29.40 ? 186 HOH A O    1 
HETATM 1587 O  O    . HOH C 3 .  ? -11.658 -1.645  4.488   1.00 44.70 ? 187 HOH A O    1 
HETATM 1588 O  O    . HOH C 3 .  ? -0.253  -14.946 1.934   1.00 42.10 ? 188 HOH A O    1 
HETATM 1589 O  O    . HOH C 3 .  ? 1.702   -9.998  11.472  1.00 40.24 ? 189 HOH A O    1 
HETATM 1590 O  O    . HOH C 3 .  ? 3.939   -9.202  8.909   1.00 40.07 ? 190 HOH A O    1 
HETATM 1591 O  O    . HOH C 3 .  ? 4.824   -11.176 7.396   1.00 43.83 ? 191 HOH A O    1 
HETATM 1592 O  O    . HOH C 3 .  ? 4.543   -11.521 10.186  1.00 49.41 ? 192 HOH A O    1 
HETATM 1593 O  O    . HOH C 3 .  ? 2.830   -13.945 2.834   1.00 39.79 ? 193 HOH A O    1 
HETATM 1594 O  O    . HOH C 3 .  ? 2.893   -13.159 -0.562  1.00 41.35 ? 194 HOH A O    1 
HETATM 1595 O  O    . HOH C 3 .  ? 11.994  -8.080  4.321   1.00 53.60 ? 195 HOH A O    1 
HETATM 1596 O  O    . HOH C 3 .  ? 0.068   -13.847 12.042  1.00 45.26 ? 196 HOH A O    1 
HETATM 1597 O  O    A HOH C 3 .  ? 14.642  8.126   4.224   0.50 24.05 ? 197 HOH A O    1 
HETATM 1598 O  O    B HOH C 3 .  ? 16.354  9.046   1.748   0.50 25.22 ? 197 HOH A O    1 
HETATM 1599 O  O    A HOH C 3 .  ? 1.042   -5.021  -9.535  0.50 12.57 ? 198 HOH A O    1 
HETATM 1600 O  O    B HOH C 3 .  ? 0.048   -4.971  -7.434  0.50 16.71 ? 198 HOH A O    1 
HETATM 1601 O  O    A HOH C 3 .  ? -10.422 8.077   -8.295  0.50 18.26 ? 199 HOH A O    1 
HETATM 1602 O  O    B HOH C 3 .  ? -9.117  5.487   -5.440  0.50 11.07 ? 199 HOH A O    1 
HETATM 1603 O  O    . HOH C 3 .  ? 7.383   -10.289 5.823   0.50 22.16 ? 200 HOH A O    1 
HETATM 1604 O  O    A HOH C 3 .  ? 2.600   -7.271  -11.138 0.50 22.45 ? 201 HOH A O    1 
HETATM 1605 O  O    B HOH C 3 .  ? -14.314 -3.960  -9.650  0.50 24.21 ? 201 HOH A O    1 
HETATM 1606 O  O    . HOH C 3 .  ? 11.755  -5.095  -2.078  0.50 25.97 ? 202 HOH A O    1 
HETATM 1607 O  O    A HOH C 3 .  ? 9.852   -0.660  7.243   0.50 26.71 ? 203 HOH A O    1 
HETATM 1608 O  O    B HOH C 3 .  ? 8.380   -0.806  7.738   0.50 21.09 ? 203 HOH A O    1 
HETATM 1609 O  O    A HOH C 3 .  ? 10.970  -2.889  8.751   0.50 19.37 ? 204 HOH A O    1 
HETATM 1610 O  O    B HOH C 3 .  ? 12.364  -1.043  7.502   0.50 28.98 ? 204 HOH A O    1 
HETATM 1611 O  O    . HOH C 3 .  ? 0.578   7.182   -12.076 0.50 24.55 ? 205 HOH A O    1 
# 
